data_1EFK
#
_entry.id   1EFK
#
_cell.length_a   229.6
_cell.length_b   118.6
_cell.length_c   113.1
_cell.angle_alpha   90.0
_cell.angle_beta   109.6
_cell.angle_gamma   90.0
#
_symmetry.space_group_name_H-M   'C 1 2 1'
#
loop_
_entity.id
_entity.type
_entity.pdbx_description
1 polymer 'MALIC ENZYME'
2 non-polymer 'MAGNESIUM ION'
3 non-polymer NICOTINAMIDE-ADENINE-DINUCLEOTIDE
4 non-polymer 'ALPHA-KETOMALONIC ACID'
5 water water
#
_entity_poly.entity_id   1
_entity_poly.type   'polypeptide(L)'
_entity_poly.pdbx_seq_one_letter_code
;(MSE)LSRLRVVSTTCTLACRHLHIKEKGKPL(MSE)LNPRTNKG(MSE)AFTLQERQ(MSE)LGLQGLLPPKIETQDIQ
ALRFHRNLKK(MSE)TSPLEKYIYI(MSE)GIQERNEKLFYRILQDDIESL(MSE)PIVYTPTVGLACSQYGHIFRRPKG
LFISISDRGHVRSIVDNWPENHVKAVVVTDGERILGLGDLGVYG(MSE)GIPVGKLCLYTACAGIRPDRCLPVCIDVGTD
NIALLKDPFY(MSE)GLYQKRDRTQQYDDLIDEF(MSE)KAITDRYGRNTLIQFEDFGNHNAFRFLRKYREKYCTFNDDI
QGTAAVALAGLLAAQKVISKPISEHKILFLGAGEAALGIANLIV(MSE)S(MSE)VENGLSEQEAQKKIW(MSE)FDKYG
LLVKGRKAKIDSYQEPFTHSAPESIPDTFEDAVNILKPSTIIGVAGAGRLFTPDVIRA(MSE)ASINERPVIFALSNPTA
QAECTAEEAYTLTEGRCLFASGSPFGPVKLTDGRVFTPGQGNNVYIFPGVALAVILCNTRHISDSVFLEAAKALTSQLTD
EELAQGRLYPPLANIQEVSINIAIKVTEYLYANK(MSE)AFRYPEPEDKAKYVKERTWRSEYDSLLPDVYEWPESASSPP
VITE
;
_entity_poly.pdbx_strand_id   A,B,C,D
#
# COMPACT_ATOMS: atom_id res chain seq x y z
N ILE A 21 -13.03 1.66 0.26
CA ILE A 21 -12.14 0.91 1.21
C ILE A 21 -11.22 -0.08 0.47
N LYS A 22 -10.03 0.36 0.11
CA LYS A 22 -9.07 -0.47 -0.60
C LYS A 22 -8.05 -1.10 0.34
N GLU A 23 -8.05 -0.68 1.59
CA GLU A 23 -7.10 -1.22 2.57
C GLU A 23 -7.64 -2.32 3.48
N LYS A 24 -6.74 -3.17 3.95
CA LYS A 24 -7.10 -4.26 4.84
C LYS A 24 -6.01 -4.48 5.89
N GLY A 25 -6.38 -5.14 6.98
CA GLY A 25 -5.42 -5.40 8.04
C GLY A 25 -5.24 -4.27 9.03
N LYS A 26 -4.10 -4.25 9.72
CA LYS A 26 -3.79 -3.21 10.71
C LYS A 26 -4.07 -1.80 10.24
N PRO A 27 -3.60 -1.46 9.02
CA PRO A 27 -3.84 -0.11 8.51
C PRO A 27 -5.27 0.36 8.82
N LEU A 28 -6.23 -0.54 8.73
CA LEU A 28 -7.62 -0.17 9.01
C LEU A 28 -7.81 0.33 10.43
N LEU A 30 -5.16 1.66 12.21
CA LEU A 30 -4.28 2.81 12.35
C LEU A 30 -4.91 4.10 11.86
N ASN A 31 -5.79 4.00 10.86
CA ASN A 31 -6.46 5.17 10.30
C ASN A 31 -7.75 5.46 11.04
N PRO A 32 -7.80 6.57 11.80
CA PRO A 32 -8.96 7.00 12.59
C PRO A 32 -10.19 7.25 11.73
N ARG A 33 -9.98 7.40 10.44
CA ARG A 33 -11.07 7.62 9.54
C ARG A 33 -11.84 6.30 9.42
N THR A 34 -11.14 5.19 9.62
CA THR A 34 -11.73 3.85 9.55
C THR A 34 -11.71 3.04 10.86
N ASN A 35 -10.81 3.37 11.77
CA ASN A 35 -10.77 2.64 13.01
C ASN A 35 -12.16 2.61 13.70
N LYS A 36 -12.68 1.41 13.93
CA LYS A 36 -13.99 1.24 14.57
C LYS A 36 -13.80 0.79 16.00
N GLY A 37 -12.66 0.20 16.27
CA GLY A 37 -12.41 -0.31 17.60
C GLY A 37 -13.12 -1.66 17.73
N ALA A 39 -16.01 -2.25 17.71
CA ALA A 39 -17.31 -2.19 17.04
C ALA A 39 -17.21 -2.85 15.69
N PHE A 40 -16.01 -3.31 15.35
CA PHE A 40 -15.78 -4.02 14.09
C PHE A 40 -16.51 -5.36 14.24
N THR A 41 -17.49 -5.64 13.40
CA THR A 41 -18.19 -6.92 13.53
C THR A 41 -17.23 -8.07 13.23
N LEU A 42 -17.62 -9.27 13.64
CA LEU A 42 -16.81 -10.47 13.43
C LEU A 42 -16.71 -10.69 11.94
N GLN A 43 -17.80 -10.39 11.26
CA GLN A 43 -17.86 -10.56 9.83
C GLN A 43 -16.74 -9.75 9.20
N GLU A 44 -16.61 -8.50 9.62
CA GLU A 44 -15.59 -7.60 9.11
C GLU A 44 -14.19 -8.01 9.59
N ARG A 45 -14.09 -8.35 10.87
CA ARG A 45 -12.82 -8.76 11.44
C ARG A 45 -12.25 -9.87 10.59
N GLN A 46 -13.01 -10.95 10.45
CA GLN A 46 -12.57 -12.10 9.66
C GLN A 46 -12.34 -11.78 8.18
N LEU A 48 -11.74 -8.76 6.73
CA LEU A 48 -10.77 -7.71 6.41
C LEU A 48 -9.40 -7.94 7.03
N GLY A 49 -9.24 -9.05 7.72
CA GLY A 49 -7.96 -9.38 8.32
C GLY A 49 -7.68 -8.77 9.67
N LEU A 50 -8.69 -8.64 10.51
CA LEU A 50 -8.48 -8.07 11.83
C LEU A 50 -8.62 -9.09 12.96
N GLN A 51 -9.04 -10.31 12.64
CA GLN A 51 -9.21 -11.32 13.68
C GLN A 51 -7.93 -11.55 14.46
N GLY A 52 -8.03 -11.54 15.78
CA GLY A 52 -6.85 -11.73 16.62
C GLY A 52 -6.13 -10.43 16.93
N LEU A 53 -6.54 -9.34 16.26
CA LEU A 53 -5.94 -8.05 16.48
C LEU A 53 -6.83 -7.20 17.40
N LEU A 54 -8.00 -7.72 17.74
CA LEU A 54 -8.93 -7.02 18.62
C LEU A 54 -9.43 -7.99 19.70
N PRO A 55 -9.82 -7.47 20.86
CA PRO A 55 -10.29 -8.40 21.89
C PRO A 55 -11.53 -9.11 21.40
N PRO A 56 -11.72 -10.38 21.81
CA PRO A 56 -12.86 -11.21 21.42
C PRO A 56 -14.23 -10.62 21.75
N LYS A 57 -14.28 -9.37 22.19
CA LYS A 57 -15.56 -8.74 22.49
C LYS A 57 -15.97 -7.79 21.37
N ILE A 58 -17.26 -7.80 21.03
CA ILE A 58 -17.83 -6.94 20.00
C ILE A 58 -18.68 -5.88 20.69
N GLU A 59 -18.28 -4.63 20.58
CA GLU A 59 -19.01 -3.56 21.25
C GLU A 59 -19.84 -2.71 20.31
N THR A 60 -20.76 -1.95 20.92
CA THR A 60 -21.65 -1.04 20.21
C THR A 60 -21.11 0.37 20.43
N GLN A 61 -21.43 1.29 19.53
CA GLN A 61 -20.97 2.65 19.71
C GLN A 61 -21.59 3.17 21.01
N ASP A 62 -22.73 2.61 21.37
CA ASP A 62 -23.43 3.02 22.58
C ASP A 62 -22.57 2.77 23.81
N ILE A 63 -21.87 1.64 23.80
CA ILE A 63 -21.01 1.31 24.94
C ILE A 63 -19.79 2.20 24.89
N GLN A 64 -19.23 2.34 23.70
CA GLN A 64 -18.07 3.16 23.49
C GLN A 64 -18.29 4.57 24.03
N ALA A 65 -19.52 5.06 23.89
CA ALA A 65 -19.85 6.41 24.34
C ALA A 65 -19.91 6.44 25.84
N LEU A 66 -20.48 5.38 26.39
CA LEU A 66 -20.63 5.27 27.83
C LEU A 66 -19.27 5.27 28.49
N ARG A 67 -18.29 4.69 27.82
CA ARG A 67 -16.95 4.63 28.35
C ARG A 67 -16.41 6.03 28.46
N PHE A 68 -16.62 6.83 27.42
CA PHE A 68 -16.13 8.20 27.40
C PHE A 68 -16.68 9.07 28.53
N HIS A 69 -18.00 9.16 28.60
CA HIS A 69 -18.59 10.01 29.63
C HIS A 69 -18.17 9.60 31.01
N ARG A 70 -18.04 8.30 31.23
CA ARG A 70 -17.62 7.80 32.54
C ARG A 70 -16.25 8.32 32.89
N ASN A 71 -15.37 8.33 31.90
CA ASN A 71 -13.99 8.79 32.09
C ASN A 71 -13.89 10.31 32.11
N LEU A 72 -14.56 10.97 31.19
CA LEU A 72 -14.50 12.41 31.15
C LEU A 72 -14.98 12.96 32.51
N LYS A 73 -16.03 12.35 33.04
CA LYS A 73 -16.56 12.82 34.31
C LYS A 73 -15.53 12.87 35.45
N LYS A 74 -14.55 11.98 35.40
CA LYS A 74 -13.53 11.95 36.45
C LYS A 74 -12.43 13.01 36.27
N THR A 76 -10.49 16.61 35.79
CA THR A 76 -10.74 17.85 36.51
C THR A 76 -10.66 19.16 35.74
N SER A 77 -9.57 19.37 35.01
CA SER A 77 -9.42 20.60 34.25
C SER A 77 -9.90 20.51 32.81
N PRO A 78 -10.31 21.64 32.24
CA PRO A 78 -10.79 21.70 30.86
C PRO A 78 -9.72 21.48 29.81
N LEU A 79 -8.48 21.82 30.12
CA LEU A 79 -7.42 21.60 29.15
C LEU A 79 -7.12 20.11 29.10
N GLU A 80 -7.34 19.45 30.24
CA GLU A 80 -7.12 18.00 30.31
C GLU A 80 -8.24 17.30 29.56
N LYS A 81 -9.46 17.84 29.65
CA LYS A 81 -10.61 17.26 28.96
C LYS A 81 -10.47 17.53 27.48
N TYR A 82 -10.06 18.74 27.13
CA TYR A 82 -9.86 19.11 25.73
C TYR A 82 -8.84 18.14 25.06
N ILE A 83 -7.71 17.92 25.73
CA ILE A 83 -6.65 17.04 25.20
C ILE A 83 -7.22 15.66 24.93
N TYR A 84 -8.03 15.18 25.86
CA TYR A 84 -8.63 13.88 25.76
C TYR A 84 -9.49 13.73 24.53
N ILE A 85 -10.59 14.46 24.52
CA ILE A 85 -11.51 14.35 23.41
C ILE A 85 -10.86 14.65 22.06
N GLY A 87 -8.01 14.01 21.12
CA GLY A 87 -7.19 12.88 20.76
C GLY A 87 -8.04 11.79 20.14
N ILE A 88 -9.30 11.78 20.50
CA ILE A 88 -10.19 10.78 19.97
C ILE A 88 -10.32 10.98 18.46
N GLN A 89 -10.24 12.23 18.03
CA GLN A 89 -10.33 12.55 16.62
C GLN A 89 -9.13 11.93 15.92
N GLU A 90 -8.14 11.54 16.71
CA GLU A 90 -6.89 10.95 16.21
C GLU A 90 -6.91 9.44 16.31
N ARG A 91 -7.92 8.92 17.00
CA ARG A 91 -8.07 7.48 17.21
C ARG A 91 -9.29 6.95 16.47
N ASN A 92 -10.45 7.56 16.70
CA ASN A 92 -11.69 7.12 16.09
C ASN A 92 -12.60 8.28 15.69
N GLU A 93 -12.48 8.73 14.45
CA GLU A 93 -13.29 9.84 13.97
C GLU A 93 -14.78 9.70 14.29
N LYS A 94 -15.38 8.57 13.92
CA LYS A 94 -16.81 8.35 14.14
C LYS A 94 -17.20 8.52 15.58
N LEU A 95 -16.47 7.90 16.50
CA LEU A 95 -16.85 8.05 17.89
C LEU A 95 -16.63 9.49 18.32
N PHE A 96 -15.59 10.11 17.77
CA PHE A 96 -15.27 11.49 18.11
C PHE A 96 -16.50 12.37 17.91
N TYR A 97 -17.08 12.33 16.71
CA TYR A 97 -18.25 13.16 16.45
C TYR A 97 -19.47 12.63 17.15
N ARG A 98 -19.44 11.36 17.51
CA ARG A 98 -20.58 10.76 18.20
C ARG A 98 -20.62 11.34 19.59
N ILE A 99 -19.45 11.50 20.17
CA ILE A 99 -19.31 12.04 21.52
C ILE A 99 -19.68 13.54 21.61
N LEU A 100 -19.38 14.29 20.55
CA LEU A 100 -19.74 15.70 20.51
C LEU A 100 -21.26 15.73 20.48
N GLN A 101 -21.79 15.05 19.46
CA GLN A 101 -23.22 14.93 19.22
C GLN A 101 -23.99 14.64 20.50
N ASP A 102 -23.42 13.77 21.33
CA ASP A 102 -24.03 13.39 22.59
C ASP A 102 -24.39 14.65 23.40
N ASP A 103 -23.63 15.73 23.23
CA ASP A 103 -23.88 16.98 23.93
C ASP A 103 -22.93 18.12 23.58
N ILE A 104 -23.11 18.69 22.39
CA ILE A 104 -22.27 19.78 21.90
C ILE A 104 -22.26 21.01 22.81
N GLU A 105 -23.32 21.18 23.58
CA GLU A 105 -23.49 22.32 24.48
C GLU A 105 -22.53 22.33 25.66
N SER A 106 -22.32 21.17 26.26
CA SER A 106 -21.43 21.09 27.40
C SER A 106 -19.97 20.93 26.99
N LEU A 107 -19.75 20.49 25.74
CA LEU A 107 -18.40 20.28 25.22
C LEU A 107 -17.89 21.45 24.40
N PRO A 109 -17.50 24.66 25.26
CA PRO A 109 -16.55 25.48 26.01
C PRO A 109 -15.16 24.85 26.07
N ILE A 110 -15.12 23.52 25.96
CA ILE A 110 -13.87 22.81 26.00
C ILE A 110 -13.19 22.78 24.65
N VAL A 111 -13.96 22.41 23.64
CA VAL A 111 -13.45 22.31 22.28
C VAL A 111 -13.42 23.65 21.52
N TYR A 112 -14.24 24.60 21.96
CA TYR A 112 -14.32 25.91 21.33
C TYR A 112 -13.89 26.99 22.35
N THR A 113 -14.50 28.17 22.30
CA THR A 113 -14.17 29.23 23.23
C THR A 113 -14.83 28.86 24.56
N PRO A 114 -14.16 29.16 25.69
CA PRO A 114 -12.85 29.82 25.82
C PRO A 114 -11.60 28.95 25.94
N THR A 115 -11.79 27.67 26.21
CA THR A 115 -10.64 26.79 26.39
C THR A 115 -9.79 26.49 25.15
N VAL A 116 -10.30 26.79 23.97
CA VAL A 116 -9.55 26.51 22.76
C VAL A 116 -8.36 27.46 22.65
N GLY A 117 -8.54 28.67 23.16
CA GLY A 117 -7.46 29.64 23.12
C GLY A 117 -6.35 29.19 24.04
N LEU A 118 -6.75 28.81 25.24
CA LEU A 118 -5.82 28.33 26.22
C LEU A 118 -4.93 27.25 25.60
N ALA A 119 -5.54 26.38 24.79
CA ALA A 119 -4.82 25.30 24.13
C ALA A 119 -3.86 25.79 23.05
N CYS A 120 -4.24 26.86 22.37
CA CYS A 120 -3.43 27.42 21.31
C CYS A 120 -2.21 28.09 21.90
N SER A 121 -2.38 28.76 23.03
CA SER A 121 -1.26 29.41 23.68
C SER A 121 -0.42 28.36 24.40
N GLN A 122 -0.78 27.10 24.21
CA GLN A 122 -0.09 25.95 24.82
C GLN A 122 0.24 24.88 23.78
N TYR A 123 -0.19 25.11 22.55
CA TYR A 123 0.01 24.14 21.50
C TYR A 123 1.31 23.33 21.51
N GLY A 124 2.45 23.98 21.63
CA GLY A 124 3.70 23.25 21.62
C GLY A 124 3.94 22.38 22.84
N HIS A 125 3.19 22.68 23.90
CA HIS A 125 3.28 21.99 25.16
C HIS A 125 2.51 20.70 25.20
N ILE A 126 1.32 20.73 24.62
CA ILE A 126 0.42 19.59 24.59
C ILE A 126 0.48 18.77 23.31
N PHE A 127 1.42 19.10 22.44
CA PHE A 127 1.60 18.41 21.16
C PHE A 127 1.84 16.91 21.25
N ARG A 128 1.10 16.17 20.42
CA ARG A 128 1.22 14.70 20.37
C ARG A 128 1.24 14.25 18.90
N ARG A 129 0.25 14.71 18.13
CA ARG A 129 0.13 14.41 16.71
C ARG A 129 -0.32 15.68 16.01
N PRO A 130 0.24 15.98 14.82
CA PRO A 130 -0.16 17.19 14.11
C PRO A 130 -1.52 17.07 13.41
N LYS A 131 -2.03 18.19 12.91
CA LYS A 131 -3.30 18.23 12.23
C LYS A 131 -3.22 19.35 11.20
N GLY A 132 -3.89 19.17 10.07
CA GLY A 132 -3.87 20.18 9.03
C GLY A 132 -2.57 20.29 8.27
N LEU A 133 -2.58 21.17 7.26
CA LEU A 133 -1.43 21.43 6.42
C LEU A 133 -0.66 22.60 7.02
N PHE A 134 0.65 22.61 6.83
CA PHE A 134 1.51 23.67 7.37
C PHE A 134 2.38 24.19 6.21
N ILE A 135 2.09 25.39 5.73
CA ILE A 135 2.87 25.96 4.65
C ILE A 135 3.60 27.19 5.16
N SER A 136 4.92 27.15 5.06
CA SER A 136 5.73 28.27 5.52
C SER A 136 6.34 29.03 4.35
N ILE A 137 6.66 30.28 4.60
CA ILE A 137 7.25 31.14 3.58
C ILE A 137 8.51 30.49 2.98
N SER A 138 9.19 29.62 3.73
CA SER A 138 10.41 28.98 3.24
C SER A 138 10.08 27.86 2.26
N ASP A 139 8.80 27.72 1.96
CA ASP A 139 8.34 26.69 1.03
C ASP A 139 7.81 27.33 -0.25
N ARG A 140 7.90 28.65 -0.33
CA ARG A 140 7.41 29.38 -1.50
C ARG A 140 8.09 28.91 -2.80
N GLY A 141 7.25 28.61 -3.79
CA GLY A 141 7.77 28.12 -5.06
C GLY A 141 7.53 26.63 -5.12
N HIS A 142 7.09 26.06 -3.99
CA HIS A 142 6.81 24.62 -3.89
C HIS A 142 5.56 24.40 -3.09
N VAL A 143 4.63 25.36 -3.13
CA VAL A 143 3.41 25.20 -2.37
C VAL A 143 2.53 24.09 -2.93
N ARG A 144 2.68 23.81 -4.22
CA ARG A 144 1.89 22.78 -4.87
C ARG A 144 2.26 21.39 -4.40
N SER A 145 3.56 21.14 -4.28
CA SER A 145 4.06 19.84 -3.83
C SER A 145 3.57 19.52 -2.41
N ILE A 146 3.49 20.55 -1.57
CA ILE A 146 3.02 20.40 -0.20
C ILE A 146 1.55 19.99 -0.25
N VAL A 147 0.76 20.70 -1.06
CA VAL A 147 -0.67 20.40 -1.20
C VAL A 147 -0.84 18.97 -1.68
N ASP A 148 0.06 18.53 -2.54
CA ASP A 148 -0.01 17.16 -3.06
C ASP A 148 0.36 16.13 -2.03
N ASN A 149 0.71 16.55 -0.82
CA ASN A 149 1.08 15.59 0.21
C ASN A 149 -0.12 15.29 1.08
N TRP A 150 -1.21 16.03 0.88
CA TRP A 150 -2.41 15.80 1.67
C TRP A 150 -3.09 14.53 1.20
N PRO A 151 -3.37 13.63 2.14
CA PRO A 151 -4.02 12.33 1.94
C PRO A 151 -5.38 12.36 1.24
N GLU A 152 -6.35 13.05 1.84
CA GLU A 152 -7.68 13.13 1.27
C GLU A 152 -7.59 13.81 -0.10
N ASN A 153 -8.26 13.28 -1.12
CA ASN A 153 -8.17 13.89 -2.44
C ASN A 153 -9.41 14.62 -2.95
N HIS A 154 -10.43 14.78 -2.11
CA HIS A 154 -11.67 15.46 -2.51
C HIS A 154 -12.10 16.48 -1.45
N VAL A 155 -11.20 17.40 -1.12
CA VAL A 155 -11.50 18.42 -0.13
C VAL A 155 -12.51 19.40 -0.69
N LYS A 156 -13.42 19.86 0.16
CA LYS A 156 -14.42 20.81 -0.29
C LYS A 156 -14.42 22.09 0.55
N ALA A 157 -13.89 22.00 1.76
CA ALA A 157 -13.81 23.16 2.63
C ALA A 157 -12.43 23.32 3.27
N VAL A 158 -11.92 24.55 3.20
CA VAL A 158 -10.63 24.92 3.78
C VAL A 158 -10.83 26.05 4.80
N VAL A 159 -10.10 26.00 5.91
CA VAL A 159 -10.15 27.08 6.89
C VAL A 159 -8.69 27.39 7.14
N VAL A 160 -8.29 28.60 6.73
CA VAL A 160 -6.91 29.04 6.81
C VAL A 160 -6.63 30.23 7.74
N THR A 161 -5.45 30.20 8.36
CA THR A 161 -5.02 31.26 9.25
C THR A 161 -3.51 31.43 9.19
N ASP A 162 -3.03 32.56 9.67
CA ASP A 162 -1.61 32.82 9.71
C ASP A 162 -1.21 33.06 11.17
N GLY A 163 -2.22 33.04 12.05
CA GLY A 163 -1.98 33.20 13.48
C GLY A 163 -1.61 34.58 14.01
N GLU A 164 -2.00 35.63 13.30
CA GLU A 164 -1.67 36.98 13.74
C GLU A 164 -2.68 37.63 14.69
N ARG A 165 -3.90 37.12 14.69
CA ARG A 165 -4.95 37.65 15.54
C ARG A 165 -5.85 36.54 16.10
N ILE A 166 -5.23 35.52 16.68
CA ILE A 166 -5.97 34.41 17.27
C ILE A 166 -6.91 34.94 18.35
N LEU A 167 -8.18 35.08 18.03
CA LEU A 167 -9.14 35.61 18.98
C LEU A 167 -8.57 36.93 19.44
N GLY A 168 -8.74 37.23 20.72
CA GLY A 168 -8.21 38.47 21.24
C GLY A 168 -6.89 38.18 21.95
N LEU A 169 -6.23 37.11 21.54
CA LEU A 169 -4.97 36.75 22.17
C LEU A 169 -3.76 37.21 21.42
N GLY A 170 -3.95 37.76 20.22
CA GLY A 170 -2.83 38.24 19.45
C GLY A 170 -2.07 37.25 18.61
N ASP A 171 -0.85 37.63 18.24
CA ASP A 171 0.03 36.82 17.41
C ASP A 171 0.50 35.57 18.13
N LEU A 172 -0.01 34.41 17.70
CA LEU A 172 0.35 33.13 18.29
C LEU A 172 1.10 32.29 17.31
N GLY A 173 1.28 32.80 16.10
CA GLY A 173 2.03 32.06 15.10
C GLY A 173 1.47 30.67 14.82
N VAL A 174 2.37 29.69 14.66
CA VAL A 174 1.96 28.33 14.36
C VAL A 174 1.14 27.71 15.50
N TYR A 175 1.29 28.22 16.71
CA TYR A 175 0.50 27.72 17.84
C TYR A 175 -0.96 28.07 17.55
N GLY A 176 -1.20 28.73 16.42
CA GLY A 176 -2.54 29.13 16.05
C GLY A 176 -3.34 28.11 15.25
N GLY A 178 -4.64 25.57 16.07
CA GLY A 178 -5.72 24.99 16.84
C GLY A 178 -7.05 25.66 16.58
N ILE A 179 -7.02 26.75 15.82
CA ILE A 179 -8.22 27.49 15.49
C ILE A 179 -8.88 26.87 14.26
N PRO A 180 -8.14 26.75 13.14
CA PRO A 180 -8.80 26.14 11.99
C PRO A 180 -9.24 24.73 12.34
N VAL A 181 -8.37 24.00 13.03
CA VAL A 181 -8.72 22.64 13.44
C VAL A 181 -10.05 22.70 14.17
N GLY A 182 -10.10 23.54 15.20
CA GLY A 182 -11.32 23.66 15.98
C GLY A 182 -12.53 24.11 15.18
N LYS A 183 -12.33 24.95 14.17
CA LYS A 183 -13.44 25.44 13.35
C LYS A 183 -14.01 24.36 12.42
N LEU A 184 -13.12 23.61 11.77
CA LEU A 184 -13.55 22.59 10.86
C LEU A 184 -14.27 21.48 11.61
N CYS A 185 -13.93 21.37 12.87
CA CYS A 185 -14.54 20.36 13.73
C CYS A 185 -16.03 20.69 13.80
N LEU A 186 -16.33 21.96 13.96
CA LEU A 186 -17.69 22.46 14.07
C LEU A 186 -18.48 22.40 12.76
N TYR A 187 -17.77 22.45 11.65
CA TYR A 187 -18.41 22.32 10.34
C TYR A 187 -19.20 21.03 10.40
N THR A 188 -18.47 19.95 10.67
CA THR A 188 -19.04 18.63 10.75
C THR A 188 -20.03 18.44 11.88
N ALA A 189 -19.58 18.66 13.11
CA ALA A 189 -20.46 18.46 14.25
C ALA A 189 -21.64 19.39 14.34
N CYS A 190 -21.76 20.35 13.43
CA CYS A 190 -22.86 21.31 13.48
C CYS A 190 -23.73 21.25 12.22
N ALA A 191 -23.08 21.25 11.05
CA ALA A 191 -23.76 21.23 9.77
C ALA A 191 -23.61 19.90 8.98
N GLY A 192 -22.94 18.92 9.59
CA GLY A 192 -22.78 17.62 8.96
C GLY A 192 -21.89 17.57 7.74
N ILE A 193 -20.98 18.53 7.59
CA ILE A 193 -20.09 18.48 6.43
C ILE A 193 -19.21 17.25 6.65
N ARG A 194 -18.71 16.68 5.57
CA ARG A 194 -17.87 15.48 5.66
C ARG A 194 -16.46 15.76 6.16
N PRO A 195 -16.08 15.12 7.28
CA PRO A 195 -14.75 15.25 7.89
C PRO A 195 -13.61 15.16 6.90
N ASP A 196 -13.71 14.26 5.93
CA ASP A 196 -12.65 14.11 4.94
C ASP A 196 -12.72 15.09 3.79
N ARG A 197 -13.65 16.03 3.86
CA ARG A 197 -13.78 17.03 2.83
C ARG A 197 -13.29 18.36 3.37
N CYS A 198 -12.82 18.34 4.61
CA CYS A 198 -12.31 19.52 5.26
C CYS A 198 -10.79 19.46 5.35
N LEU A 199 -10.16 20.63 5.39
CA LEU A 199 -8.71 20.75 5.45
C LEU A 199 -8.30 22.05 6.11
N PRO A 200 -7.79 21.99 7.35
CA PRO A 200 -7.36 23.21 8.06
C PRO A 200 -5.98 23.50 7.55
N VAL A 201 -5.68 24.78 7.39
CA VAL A 201 -4.39 25.20 6.89
C VAL A 201 -3.81 26.31 7.72
N CYS A 202 -2.49 26.38 7.72
CA CYS A 202 -1.75 27.39 8.46
C CYS A 202 -0.58 27.88 7.64
N ILE A 203 -0.51 29.19 7.41
CA ILE A 203 0.61 29.74 6.66
C ILE A 203 1.55 30.39 7.67
N ASP A 204 2.76 29.83 7.75
CA ASP A 204 3.79 30.32 8.66
C ASP A 204 4.86 31.13 7.96
N VAL A 205 4.81 32.44 8.16
CA VAL A 205 5.81 33.36 7.57
C VAL A 205 6.64 33.94 8.72
N GLY A 206 6.40 33.43 9.93
CA GLY A 206 7.12 33.87 11.10
C GLY A 206 6.16 34.42 12.13
N THR A 207 6.72 34.98 13.21
CA THR A 207 5.90 35.57 14.25
C THR A 207 6.69 36.69 14.90
N ASP A 208 5.98 37.72 15.34
CA ASP A 208 6.62 38.85 16.00
C ASP A 208 6.59 38.72 17.51
N ASN A 209 5.82 37.76 18.01
CA ASN A 209 5.71 37.52 19.43
C ASN A 209 7.04 37.10 20.05
N ILE A 210 7.71 38.08 20.64
CA ILE A 210 9.00 37.87 21.27
C ILE A 210 9.04 36.58 22.07
N ALA A 211 7.99 36.34 22.85
CA ALA A 211 7.91 35.15 23.70
C ALA A 211 8.07 33.81 22.99
N LEU A 212 7.23 33.53 21.99
CA LEU A 212 7.37 32.24 21.31
C LEU A 212 8.69 32.17 20.57
N LEU A 213 9.28 33.33 20.27
CA LEU A 213 10.56 33.37 19.56
C LEU A 213 11.71 32.87 20.44
N LYS A 214 11.44 32.81 21.74
CA LYS A 214 12.41 32.35 22.73
C LYS A 214 12.01 30.98 23.25
N ASP A 215 10.80 30.53 22.92
CA ASP A 215 10.29 29.22 23.35
C ASP A 215 10.87 28.12 22.48
N PRO A 216 11.39 27.05 23.11
CA PRO A 216 11.99 25.90 22.41
C PRO A 216 10.97 24.90 21.91
N PHE A 217 9.77 24.97 22.45
CA PHE A 217 8.70 24.07 22.04
C PHE A 217 7.94 24.59 20.84
N TYR A 218 8.13 25.88 20.52
CA TYR A 218 7.44 26.50 19.39
C TYR A 218 7.48 25.59 18.18
N GLY A 220 6.71 26.67 14.87
CA GLY A 220 6.97 27.37 13.62
C GLY A 220 8.39 27.87 13.39
N LEU A 221 8.56 28.59 12.27
CA LEU A 221 9.83 29.19 11.88
C LEU A 221 10.25 30.20 12.93
N TYR A 222 11.54 30.19 13.26
CA TYR A 222 12.06 31.10 14.28
C TYR A 222 12.54 32.41 13.66
N GLN A 223 11.58 33.28 13.36
CA GLN A 223 11.85 34.56 12.74
C GLN A 223 10.63 35.47 12.88
N LYS A 224 10.86 36.77 12.71
CA LYS A 224 9.78 37.74 12.81
C LYS A 224 8.91 37.54 11.58
N ARG A 225 7.75 38.18 11.55
CA ARG A 225 6.88 38.05 10.39
C ARG A 225 7.42 38.82 9.20
N ASP A 226 7.44 38.17 8.04
CA ASP A 226 7.88 38.81 6.83
C ASP A 226 6.63 39.48 6.21
N ARG A 227 6.69 40.79 5.97
CA ARG A 227 5.56 41.52 5.40
C ARG A 227 5.83 42.06 4.01
N THR A 228 6.96 41.68 3.44
CA THR A 228 7.33 42.14 2.12
C THR A 228 6.37 41.54 1.10
N GLN A 229 6.59 41.90 -0.16
CA GLN A 229 5.78 41.40 -1.24
C GLN A 229 5.85 39.88 -1.32
N GLN A 230 6.84 39.30 -0.64
CA GLN A 230 7.04 37.85 -0.62
C GLN A 230 5.90 37.13 0.09
N TYR A 231 5.34 37.81 1.08
CA TYR A 231 4.22 37.29 1.84
C TYR A 231 2.99 37.12 0.93
N ASP A 232 2.67 38.19 0.20
CA ASP A 232 1.53 38.21 -0.70
C ASP A 232 1.66 37.21 -1.85
N ASP A 233 2.88 37.03 -2.33
CA ASP A 233 3.12 36.10 -3.42
C ASP A 233 2.75 34.70 -2.93
N LEU A 234 3.12 34.41 -1.69
CA LEU A 234 2.84 33.11 -1.09
C LEU A 234 1.35 32.82 -1.01
N ILE A 235 0.56 33.73 -0.44
CA ILE A 235 -0.86 33.50 -0.36
C ILE A 235 -1.42 33.36 -1.77
N ASP A 236 -0.81 34.07 -2.72
CA ASP A 236 -1.23 33.97 -4.12
C ASP A 236 -0.98 32.53 -4.57
N GLU A 237 0.26 32.07 -4.36
CA GLU A 237 0.68 30.73 -4.73
C GLU A 237 -0.11 29.66 -4.00
N PHE A 238 -0.55 29.99 -2.80
CA PHE A 238 -1.32 29.06 -1.98
C PHE A 238 -2.71 28.86 -2.60
N LYS A 240 -3.76 29.50 -5.60
CA LYS A 240 -3.66 28.86 -6.91
C LYS A 240 -3.51 27.33 -6.75
N ALA A 241 -2.53 26.91 -5.94
CA ALA A 241 -2.26 25.49 -5.69
C ALA A 241 -3.47 24.71 -5.20
N ILE A 242 -4.22 25.32 -4.28
CA ILE A 242 -5.39 24.69 -3.70
C ILE A 242 -6.42 24.37 -4.75
N THR A 243 -6.84 25.40 -5.49
CA THR A 243 -7.85 25.29 -6.53
C THR A 243 -7.42 24.41 -7.69
N ASP A 244 -6.12 24.25 -7.88
CA ASP A 244 -5.65 23.40 -8.96
C ASP A 244 -5.90 21.95 -8.61
N ARG A 245 -5.59 21.58 -7.36
CA ARG A 245 -5.79 20.21 -6.94
C ARG A 245 -7.25 19.88 -6.66
N TYR A 246 -7.95 20.79 -6.00
CA TYR A 246 -9.32 20.51 -5.61
C TYR A 246 -10.49 21.18 -6.35
N GLY A 247 -10.22 22.23 -7.12
CA GLY A 247 -11.29 22.89 -7.85
C GLY A 247 -11.53 24.35 -7.53
N ARG A 248 -11.87 25.11 -8.56
CA ARG A 248 -12.13 26.54 -8.45
C ARG A 248 -13.17 26.98 -7.42
N ASN A 249 -14.12 26.12 -7.08
CA ASN A 249 -15.14 26.54 -6.12
C ASN A 249 -14.92 25.95 -4.74
N THR A 250 -13.70 25.51 -4.47
CA THR A 250 -13.39 24.98 -3.17
C THR A 250 -13.65 26.13 -2.20
N LEU A 251 -14.37 25.83 -1.12
CA LEU A 251 -14.67 26.86 -0.15
C LEU A 251 -13.41 27.20 0.63
N ILE A 252 -13.15 28.50 0.82
CA ILE A 252 -11.98 28.95 1.56
C ILE A 252 -12.35 30.00 2.59
N GLN A 253 -12.51 29.59 3.84
CA GLN A 253 -12.86 30.51 4.91
C GLN A 253 -11.60 31.07 5.57
N PHE A 254 -11.37 32.37 5.39
CA PHE A 254 -10.21 33.05 5.97
C PHE A 254 -10.50 33.28 7.46
N GLU A 255 -9.53 32.94 8.30
CA GLU A 255 -9.70 33.08 9.74
C GLU A 255 -8.49 33.67 10.47
N ASP A 256 -8.77 34.58 11.41
CA ASP A 256 -7.78 35.23 12.27
C ASP A 256 -6.48 35.77 11.66
N PHE A 257 -6.61 36.64 10.66
CA PHE A 257 -5.44 37.25 10.06
C PHE A 257 -5.37 38.65 10.70
N GLY A 258 -4.40 39.45 10.28
CA GLY A 258 -4.27 40.81 10.81
C GLY A 258 -5.19 41.73 10.03
N ASN A 259 -5.71 42.75 10.71
CA ASN A 259 -6.64 43.70 10.10
C ASN A 259 -6.40 44.11 8.63
N HIS A 260 -5.19 44.52 8.28
CA HIS A 260 -4.89 44.93 6.92
C HIS A 260 -5.01 43.81 5.91
N ASN A 261 -4.45 42.65 6.25
CA ASN A 261 -4.47 41.46 5.41
C ASN A 261 -5.89 40.87 5.27
N ALA A 262 -6.68 41.02 6.31
CA ALA A 262 -8.05 40.52 6.31
C ALA A 262 -8.88 41.10 5.16
N PHE A 263 -9.02 42.43 5.13
CA PHE A 263 -9.82 43.09 4.08
C PHE A 263 -9.09 43.01 2.76
N ARG A 264 -7.79 43.28 2.84
CA ARG A 264 -6.87 43.24 1.72
C ARG A 264 -7.13 42.01 0.85
N PHE A 265 -7.02 40.85 1.49
CA PHE A 265 -7.19 39.57 0.83
C PHE A 265 -8.63 39.27 0.51
N LEU A 266 -9.55 39.75 1.35
CA LEU A 266 -10.97 39.54 1.10
C LEU A 266 -11.34 40.20 -0.23
N ARG A 267 -11.16 41.50 -0.30
CA ARG A 267 -11.49 42.25 -1.50
C ARG A 267 -10.70 41.78 -2.72
N LYS A 268 -9.54 41.21 -2.48
CA LYS A 268 -8.70 40.76 -3.57
C LYS A 268 -9.03 39.37 -4.11
N TYR A 269 -9.79 38.58 -3.35
CA TYR A 269 -10.13 37.21 -3.80
C TYR A 269 -11.62 36.89 -3.90
N ARG A 270 -12.43 37.62 -3.13
CA ARG A 270 -13.88 37.42 -3.08
C ARG A 270 -14.57 37.37 -4.44
N GLU A 271 -13.87 37.83 -5.47
CA GLU A 271 -14.40 37.86 -6.82
C GLU A 271 -13.74 36.84 -7.72
N LYS A 272 -12.64 36.25 -7.27
CA LYS A 272 -11.97 35.27 -8.09
C LYS A 272 -12.10 33.84 -7.55
N TYR A 273 -12.43 33.73 -6.28
CA TYR A 273 -12.56 32.42 -5.66
C TYR A 273 -13.80 32.33 -4.79
N CYS A 274 -14.09 31.12 -4.30
CA CYS A 274 -15.24 30.94 -3.44
C CYS A 274 -14.68 31.09 -2.03
N THR A 275 -14.39 32.34 -1.66
CA THR A 275 -13.82 32.62 -0.37
C THR A 275 -14.55 33.73 0.37
N PHE A 276 -14.47 33.66 1.69
CA PHE A 276 -15.09 34.65 2.56
C PHE A 276 -14.21 34.82 3.80
N ASN A 277 -14.59 35.75 4.67
CA ASN A 277 -13.82 36.00 5.87
C ASN A 277 -14.76 35.82 7.05
N ASP A 278 -14.42 34.89 7.93
CA ASP A 278 -15.28 34.60 9.05
C ASP A 278 -15.37 35.73 10.05
N ASP A 279 -14.23 36.33 10.34
CA ASP A 279 -14.20 37.40 11.31
C ASP A 279 -14.94 38.65 10.90
N ILE A 280 -14.91 38.98 9.62
CA ILE A 280 -15.60 40.15 9.11
C ILE A 280 -17.08 39.88 8.87
N GLN A 281 -17.37 39.02 7.87
CA GLN A 281 -18.75 38.66 7.48
C GLN A 281 -19.48 37.67 8.38
N GLY A 282 -18.76 36.67 8.88
CA GLY A 282 -19.39 35.70 9.75
C GLY A 282 -19.98 36.37 10.97
N THR A 283 -19.16 37.19 11.62
CA THR A 283 -19.57 37.92 12.83
C THR A 283 -20.72 38.88 12.52
N ALA A 284 -20.67 39.49 11.33
CA ALA A 284 -21.70 40.45 10.95
C ALA A 284 -23.07 39.82 11.03
N ALA A 285 -23.18 38.64 10.42
CA ALA A 285 -24.42 37.88 10.35
C ALA A 285 -24.99 37.56 11.73
N VAL A 286 -24.14 37.08 12.64
CA VAL A 286 -24.58 36.72 14.00
C VAL A 286 -25.13 37.92 14.74
N ALA A 287 -24.29 38.95 14.84
CA ALA A 287 -24.65 40.18 15.53
C ALA A 287 -25.97 40.77 15.03
N LEU A 288 -26.11 40.90 13.72
CA LEU A 288 -27.33 41.45 13.16
C LEU A 288 -28.56 40.64 13.60
N ALA A 289 -28.35 39.34 13.78
CA ALA A 289 -29.41 38.42 14.19
C ALA A 289 -29.82 38.63 15.65
N GLY A 290 -28.86 38.92 16.51
CA GLY A 290 -29.19 39.12 17.90
C GLY A 290 -29.88 40.46 18.04
N LEU A 291 -29.39 41.43 17.27
CA LEU A 291 -29.95 42.78 17.28
C LEU A 291 -31.39 42.73 16.75
N LEU A 292 -31.60 41.88 15.76
CA LEU A 292 -32.91 41.68 15.15
C LEU A 292 -33.89 41.08 16.17
N ALA A 293 -33.39 40.17 16.99
CA ALA A 293 -34.21 39.52 18.01
C ALA A 293 -34.58 40.57 19.03
N ALA A 294 -33.59 41.36 19.42
CA ALA A 294 -33.78 42.41 20.42
C ALA A 294 -34.88 43.41 20.03
N GLN A 295 -34.83 43.91 18.80
CA GLN A 295 -35.83 44.85 18.32
C GLN A 295 -37.25 44.33 18.55
N LYS A 296 -37.39 43.00 18.53
CA LYS A 296 -38.67 42.34 18.73
C LYS A 296 -39.21 42.61 20.13
N VAL A 297 -38.35 43.09 21.02
CA VAL A 297 -38.74 43.39 22.39
C VAL A 297 -38.78 44.91 22.61
N ILE A 298 -37.88 45.60 21.93
CA ILE A 298 -37.78 47.04 22.06
C ILE A 298 -38.77 47.72 21.13
N SER A 299 -38.67 47.39 19.85
CA SER A 299 -39.53 48.00 18.83
C SER A 299 -39.24 49.50 18.83
N LYS A 300 -37.95 49.85 18.86
CA LYS A 300 -37.49 51.24 18.87
C LYS A 300 -37.43 51.84 17.47
N PRO A 301 -38.23 52.89 17.22
CA PRO A 301 -38.31 53.61 15.93
C PRO A 301 -36.97 53.84 15.22
N ILE A 302 -36.85 53.22 14.06
CA ILE A 302 -35.63 53.33 13.26
C ILE A 302 -34.93 54.68 13.43
N SER A 303 -35.68 55.75 13.21
CA SER A 303 -35.12 57.09 13.31
C SER A 303 -34.23 57.26 14.54
N GLU A 304 -34.69 56.74 15.68
CA GLU A 304 -33.97 56.87 16.94
C GLU A 304 -32.94 55.78 17.27
N HIS A 305 -32.30 55.24 16.25
CA HIS A 305 -31.29 54.21 16.48
C HIS A 305 -29.89 54.81 16.48
N LYS A 306 -29.16 54.54 17.54
CA LYS A 306 -27.79 55.01 17.67
C LYS A 306 -26.96 53.84 18.18
N ILE A 307 -25.97 53.47 17.39
CA ILE A 307 -25.08 52.36 17.74
C ILE A 307 -23.66 52.86 17.95
N LEU A 308 -23.02 52.39 19.03
CA LEU A 308 -21.63 52.77 19.34
C LEU A 308 -20.77 51.53 19.58
N PHE A 309 -19.76 51.35 18.74
CA PHE A 309 -18.84 50.21 18.84
C PHE A 309 -17.63 50.52 19.71
N LEU A 310 -17.13 49.52 20.41
CA LEU A 310 -15.89 49.64 21.17
C LEU A 310 -14.97 48.87 20.23
N GLY A 311 -14.08 49.58 19.54
CA GLY A 311 -13.20 48.95 18.58
C GLY A 311 -13.79 49.17 17.19
N ALA A 312 -12.92 49.38 16.21
CA ALA A 312 -13.34 49.62 14.83
C ALA A 312 -12.59 48.75 13.80
N GLY A 313 -12.32 47.50 14.17
CA GLY A 313 -11.60 46.59 13.29
C GLY A 313 -12.42 45.64 12.43
N GLU A 314 -11.77 44.55 12.03
CA GLU A 314 -12.38 43.53 11.19
C GLU A 314 -13.86 43.30 11.50
N ALA A 315 -14.13 42.88 12.73
CA ALA A 315 -15.48 42.60 13.21
C ALA A 315 -16.43 43.81 13.32
N ALA A 316 -15.96 44.92 13.87
CA ALA A 316 -16.80 46.12 14.02
C ALA A 316 -17.27 46.63 12.67
N LEU A 317 -16.31 46.85 11.77
CA LEU A 317 -16.59 47.36 10.43
C LEU A 317 -17.53 46.40 9.70
N GLY A 318 -17.34 45.10 9.88
CA GLY A 318 -18.20 44.12 9.24
C GLY A 318 -19.64 44.24 9.70
N ILE A 319 -19.88 44.15 11.01
CA ILE A 319 -21.22 44.26 11.55
C ILE A 319 -21.88 45.56 11.08
N ALA A 320 -21.14 46.66 11.22
CA ALA A 320 -21.64 47.98 10.82
C ALA A 320 -22.19 48.01 9.40
N ASN A 321 -21.49 47.37 8.48
CA ASN A 321 -21.91 47.33 7.08
C ASN A 321 -23.15 46.47 6.87
N LEU A 322 -23.36 45.50 7.75
CA LEU A 322 -24.52 44.64 7.62
C LEU A 322 -25.71 45.30 8.28
N ILE A 323 -25.46 45.95 9.41
CA ILE A 323 -26.52 46.67 10.12
C ILE A 323 -27.12 47.65 9.12
N VAL A 324 -26.25 48.34 8.39
CA VAL A 324 -26.65 49.33 7.38
C VAL A 324 -27.51 48.66 6.31
N SER A 326 -29.38 46.22 6.44
CA SER A 326 -30.71 45.91 6.95
C SER A 326 -31.56 47.15 7.18
N VAL A 328 -31.24 49.85 5.55
CA VAL A 328 -31.54 50.30 4.19
C VAL A 328 -32.78 49.55 3.71
N GLU A 329 -32.74 48.23 3.82
CA GLU A 329 -33.84 47.39 3.39
C GLU A 329 -35.12 47.70 4.19
N ASN A 330 -35.05 48.72 5.04
CA ASN A 330 -36.23 49.10 5.81
C ASN A 330 -36.53 50.59 5.70
N GLY A 331 -36.17 51.15 4.55
CA GLY A 331 -36.39 52.57 4.32
C GLY A 331 -35.05 53.30 4.21
N LEU A 332 -34.70 54.02 5.28
CA LEU A 332 -33.45 54.77 5.38
C LEU A 332 -32.43 54.62 4.27
N SER A 333 -31.85 55.73 3.86
CA SER A 333 -30.83 55.70 2.82
C SER A 333 -29.54 55.15 3.41
N GLU A 334 -28.62 54.80 2.53
CA GLU A 334 -27.34 54.28 2.96
C GLU A 334 -26.65 55.34 3.81
N GLN A 335 -26.62 56.57 3.33
CA GLN A 335 -26.00 57.69 4.04
C GLN A 335 -26.56 57.99 5.43
N GLU A 336 -27.89 58.05 5.55
CA GLU A 336 -28.52 58.34 6.82
C GLU A 336 -28.41 57.20 7.82
N ALA A 337 -28.17 56.01 7.30
CA ALA A 337 -28.02 54.82 8.14
C ALA A 337 -26.67 54.81 8.81
N GLN A 338 -25.60 55.09 8.03
CA GLN A 338 -24.23 55.12 8.55
C GLN A 338 -24.02 56.24 9.57
N LYS A 339 -24.74 57.34 9.39
CA LYS A 339 -24.63 58.49 10.28
C LYS A 339 -25.20 58.13 11.65
N LYS A 340 -25.93 57.01 11.70
CA LYS A 340 -26.47 56.54 12.97
C LYS A 340 -25.50 55.58 13.64
N ILE A 341 -24.31 55.42 13.05
CA ILE A 341 -23.29 54.53 13.59
C ILE A 341 -21.98 55.22 13.97
N TRP A 342 -21.54 54.99 15.21
CA TRP A 342 -20.30 55.57 15.73
C TRP A 342 -19.29 54.49 16.15
N PHE A 344 -15.52 53.86 18.39
CA PHE A 344 -14.50 54.31 19.33
C PHE A 344 -13.42 53.25 19.50
N ASP A 345 -12.18 53.59 19.17
CA ASP A 345 -11.10 52.61 19.30
C ASP A 345 -10.08 52.95 20.38
N LYS A 346 -8.84 52.49 20.18
CA LYS A 346 -7.77 52.73 21.16
C LYS A 346 -7.22 54.15 21.10
N TYR A 347 -7.62 54.91 20.10
CA TYR A 347 -7.17 56.27 19.97
C TYR A 347 -8.28 57.23 20.32
N GLY A 348 -9.49 56.69 20.49
CA GLY A 348 -10.64 57.53 20.81
C GLY A 348 -11.71 57.48 19.75
N LEU A 349 -12.71 58.35 19.88
CA LEU A 349 -13.82 58.40 18.94
C LEU A 349 -13.36 58.74 17.52
N LEU A 350 -13.93 58.06 16.53
CA LEU A 350 -13.57 58.32 15.15
C LEU A 350 -14.39 59.50 14.62
N VAL A 351 -13.82 60.70 14.69
CA VAL A 351 -14.49 61.88 14.18
C VAL A 351 -13.64 62.41 13.05
N LYS A 352 -14.23 63.21 12.18
CA LYS A 352 -13.50 63.75 11.03
C LYS A 352 -12.35 64.67 11.47
N GLY A 353 -11.19 64.49 10.84
CA GLY A 353 -10.04 65.33 11.14
C GLY A 353 -9.12 64.93 12.27
N ARG A 354 -9.49 63.91 13.05
CA ARG A 354 -8.66 63.46 14.16
C ARG A 354 -7.23 63.16 13.69
N LYS A 355 -6.29 63.05 14.65
CA LYS A 355 -4.90 62.75 14.29
C LYS A 355 -4.73 61.28 13.93
N ALA A 356 -5.26 60.38 14.77
CA ALA A 356 -5.16 58.94 14.54
C ALA A 356 -5.78 58.60 13.17
N LYS A 357 -5.00 57.97 12.30
CA LYS A 357 -5.46 57.64 10.95
C LYS A 357 -6.79 56.90 10.83
N ILE A 358 -7.53 57.24 9.77
CA ILE A 358 -8.84 56.65 9.48
C ILE A 358 -8.74 56.00 8.10
N ASP A 359 -9.05 54.71 7.99
CA ASP A 359 -8.97 54.02 6.70
C ASP A 359 -10.23 54.04 5.83
N SER A 360 -10.09 53.50 4.62
CA SER A 360 -11.19 53.45 3.66
C SER A 360 -12.49 52.95 4.26
N TYR A 361 -12.44 51.79 4.90
CA TYR A 361 -13.66 51.22 5.47
C TYR A 361 -14.24 52.03 6.60
N GLN A 362 -13.39 52.73 7.34
CA GLN A 362 -13.87 53.51 8.47
C GLN A 362 -14.55 54.82 8.09
N GLU A 363 -14.12 55.42 6.98
CA GLU A 363 -14.67 56.70 6.49
C GLU A 363 -16.19 56.90 6.65
N PRO A 364 -17.01 55.97 6.13
CA PRO A 364 -18.47 56.10 6.25
C PRO A 364 -18.97 56.18 7.68
N PHE A 365 -18.17 55.73 8.62
CA PHE A 365 -18.60 55.77 9.99
C PHE A 365 -17.85 56.79 10.81
N THR A 366 -16.97 57.53 10.14
CA THR A 366 -16.20 58.60 10.74
C THR A 366 -17.09 59.84 10.55
N HIS A 367 -17.49 60.49 11.64
CA HIS A 367 -18.36 61.65 11.50
C HIS A 367 -17.73 62.95 11.99
N SER A 368 -18.46 64.04 11.82
CA SER A 368 -17.98 65.32 12.28
C SER A 368 -18.05 65.29 13.81
N ALA A 369 -16.91 65.63 14.43
CA ALA A 369 -16.76 65.64 15.87
C ALA A 369 -17.88 66.34 16.63
N PRO A 370 -18.36 65.73 17.71
CA PRO A 370 -19.43 66.40 18.47
C PRO A 370 -18.91 67.59 19.27
N GLU A 371 -19.84 68.23 19.97
CA GLU A 371 -19.57 69.38 20.81
C GLU A 371 -18.45 69.12 21.81
N SER A 372 -18.50 67.95 22.44
CA SER A 372 -17.52 67.55 23.44
C SER A 372 -16.89 66.24 22.96
N ILE A 373 -15.56 66.21 22.85
CA ILE A 373 -14.88 65.00 22.40
C ILE A 373 -14.61 64.07 23.58
N PRO A 374 -15.30 62.91 23.62
CA PRO A 374 -15.14 61.92 24.67
C PRO A 374 -13.70 61.44 24.88
N ASP A 375 -13.21 61.58 26.11
CA ASP A 375 -11.86 61.11 26.42
C ASP A 375 -11.90 59.61 26.75
N THR A 376 -12.90 59.22 27.54
CA THR A 376 -13.06 57.82 27.92
C THR A 376 -14.31 57.27 27.22
N PHE A 377 -14.46 55.95 27.22
CA PHE A 377 -15.63 55.35 26.59
C PHE A 377 -16.89 55.79 27.35
N GLU A 378 -16.79 55.97 28.67
CA GLU A 378 -17.96 56.41 29.43
C GLU A 378 -18.40 57.77 28.92
N ASP A 379 -17.42 58.57 28.48
CA ASP A 379 -17.71 59.91 27.96
C ASP A 379 -18.53 59.80 26.69
N ALA A 380 -18.05 58.96 25.78
CA ALA A 380 -18.74 58.75 24.51
C ALA A 380 -20.14 58.22 24.76
N VAL A 381 -20.29 57.38 25.76
CA VAL A 381 -21.59 56.81 26.09
C VAL A 381 -22.51 57.90 26.63
N ASN A 382 -21.95 58.77 27.45
CA ASN A 382 -22.69 59.85 28.07
C ASN A 382 -23.01 61.00 27.10
N ILE A 383 -22.12 61.24 26.15
CA ILE A 383 -22.30 62.30 25.17
C ILE A 383 -23.18 61.85 23.98
N LEU A 384 -22.79 60.77 23.31
CA LEU A 384 -23.55 60.27 22.18
C LEU A 384 -24.87 59.67 22.60
N LYS A 385 -24.95 59.17 23.84
CA LYS A 385 -26.16 58.53 24.37
C LYS A 385 -26.74 57.49 23.42
N PRO A 386 -25.97 56.44 23.08
CA PRO A 386 -26.40 55.36 22.17
C PRO A 386 -27.45 54.42 22.77
N SER A 387 -28.18 53.76 21.87
CA SER A 387 -29.24 52.81 22.23
C SER A 387 -28.62 51.42 22.34
N THR A 388 -27.53 51.24 21.60
CA THR A 388 -26.83 49.98 21.60
C THR A 388 -25.34 50.19 21.79
N ILE A 389 -24.70 49.20 22.41
CA ILE A 389 -23.27 49.22 22.67
C ILE A 389 -22.74 47.83 22.28
N ILE A 390 -21.71 47.80 21.45
CA ILE A 390 -21.13 46.53 20.99
C ILE A 390 -19.62 46.45 21.22
N GLY A 391 -19.20 45.56 22.10
CA GLY A 391 -17.79 45.39 22.38
C GLY A 391 -17.08 44.46 21.41
N VAL A 392 -16.11 45.01 20.67
CA VAL A 392 -15.34 44.25 19.69
C VAL A 392 -13.83 44.68 19.65
N ALA A 393 -13.34 45.08 20.82
CA ALA A 393 -11.95 45.53 20.97
C ALA A 393 -11.01 44.37 21.33
N GLY A 394 -11.53 43.37 22.04
CA GLY A 394 -10.70 42.25 22.44
C GLY A 394 -9.61 42.76 23.35
N ALA A 395 -9.96 43.75 24.18
CA ALA A 395 -9.02 44.35 25.10
C ALA A 395 -9.38 44.22 26.55
N GLY A 396 -10.37 43.38 26.88
CA GLY A 396 -10.71 43.24 28.27
C GLY A 396 -11.97 43.93 28.70
N ARG A 397 -12.18 44.01 30.01
CA ARG A 397 -13.39 44.59 30.60
C ARG A 397 -13.63 46.10 30.45
N LEU A 398 -13.60 46.60 29.23
CA LEU A 398 -13.81 48.01 28.99
C LEU A 398 -15.27 48.46 29.23
N PHE A 399 -16.18 47.51 29.38
CA PHE A 399 -17.57 47.86 29.65
C PHE A 399 -17.70 47.90 31.15
N THR A 400 -17.17 48.97 31.72
CA THR A 400 -17.16 49.18 33.16
C THR A 400 -18.57 49.39 33.70
N PRO A 401 -18.75 49.20 35.02
CA PRO A 401 -20.04 49.40 35.67
C PRO A 401 -20.60 50.80 35.45
N ASP A 402 -19.70 51.78 35.49
CA ASP A 402 -20.07 53.19 35.29
C ASP A 402 -20.70 53.31 33.91
N VAL A 403 -20.24 52.47 32.99
CA VAL A 403 -20.75 52.44 31.63
C VAL A 403 -22.12 51.73 31.62
N ILE A 404 -22.17 50.51 32.11
CA ILE A 404 -23.42 49.78 32.13
C ILE A 404 -24.45 50.51 32.95
N ARG A 405 -23.98 51.23 33.95
CA ARG A 405 -24.89 51.99 34.77
C ARG A 405 -25.40 53.17 33.96
N ALA A 406 -24.52 53.73 33.13
CA ALA A 406 -24.86 54.87 32.29
C ALA A 406 -25.85 54.42 31.24
N ALA A 408 -27.77 52.07 31.47
CA ALA A 408 -28.99 51.74 32.20
C ALA A 408 -29.81 53.02 32.45
N SER A 409 -29.13 54.15 32.50
CA SER A 409 -29.77 55.44 32.73
C SER A 409 -30.26 56.10 31.44
N ILE A 410 -29.45 56.07 30.41
CA ILE A 410 -29.81 56.66 29.12
C ILE A 410 -30.98 55.93 28.43
N ASN A 411 -30.96 54.59 28.44
CA ASN A 411 -32.00 53.76 27.81
C ASN A 411 -32.72 52.93 28.86
N GLU A 412 -34.02 52.73 28.65
CA GLU A 412 -34.80 51.92 29.58
C GLU A 412 -34.39 50.45 29.36
N ARG A 413 -34.33 50.04 28.09
CA ARG A 413 -33.94 48.67 27.75
C ARG A 413 -32.68 48.75 26.91
N PRO A 414 -31.53 49.04 27.53
CA PRO A 414 -30.29 49.14 26.74
C PRO A 414 -29.82 47.82 26.13
N VAL A 415 -29.09 47.94 25.02
CA VAL A 415 -28.54 46.79 24.34
C VAL A 415 -27.03 46.76 24.52
N ILE A 416 -26.58 45.79 25.30
CA ILE A 416 -25.18 45.60 25.61
C ILE A 416 -24.64 44.29 25.03
N PHE A 417 -23.69 44.42 24.11
CA PHE A 417 -23.09 43.25 23.52
C PHE A 417 -21.60 43.27 23.74
N ALA A 418 -21.09 42.24 24.41
CA ALA A 418 -19.65 42.10 24.67
C ALA A 418 -19.27 40.83 23.92
N LEU A 419 -18.60 40.97 22.78
CA LEU A 419 -18.26 39.80 22.00
C LEU A 419 -16.79 39.44 21.76
N SER A 420 -15.88 40.04 22.51
CA SER A 420 -14.48 39.69 22.34
C SER A 420 -14.21 38.34 22.99
N ASN A 421 -13.34 37.55 22.37
CA ASN A 421 -12.98 36.23 22.88
C ASN A 421 -11.48 36.10 23.16
N PRO A 422 -11.12 35.26 24.16
CA PRO A 422 -12.06 34.49 24.99
C PRO A 422 -12.63 35.31 26.12
N THR A 423 -13.23 34.64 27.11
CA THR A 423 -13.86 35.32 28.24
C THR A 423 -12.99 36.29 29.04
N ALA A 424 -11.68 36.23 28.85
CA ALA A 424 -10.79 37.12 29.60
C ALA A 424 -10.76 38.50 28.97
N GLN A 425 -10.94 38.55 27.64
CA GLN A 425 -10.92 39.81 26.91
C GLN A 425 -12.33 40.36 26.75
N ALA A 426 -13.29 39.66 27.34
CA ALA A 426 -14.68 40.06 27.28
C ALA A 426 -14.83 41.41 27.94
N GLU A 427 -15.56 42.32 27.29
CA GLU A 427 -15.81 43.67 27.81
C GLU A 427 -16.50 43.68 29.20
N CYS A 428 -17.23 42.62 29.51
CA CYS A 428 -17.92 42.52 30.78
C CYS A 428 -18.60 41.18 30.83
N THR A 429 -19.21 40.84 31.97
CA THR A 429 -19.87 39.55 32.13
C THR A 429 -21.38 39.65 32.25
N ALA A 430 -22.04 38.52 32.01
CA ALA A 430 -23.49 38.40 32.08
C ALA A 430 -23.97 38.83 33.46
N GLU A 431 -23.25 38.38 34.49
CA GLU A 431 -23.60 38.75 35.85
C GLU A 431 -23.65 40.27 35.98
N GLU A 432 -22.57 40.92 35.57
CA GLU A 432 -22.44 42.38 35.63
C GLU A 432 -23.54 43.12 34.85
N ALA A 433 -23.76 42.69 33.61
CA ALA A 433 -24.78 43.30 32.76
C ALA A 433 -26.19 43.29 33.39
N TYR A 434 -26.68 42.10 33.76
CA TYR A 434 -28.03 42.02 34.32
C TYR A 434 -28.18 42.64 35.70
N THR A 435 -27.17 42.52 36.55
CA THR A 435 -27.27 43.11 37.91
C THR A 435 -27.08 44.63 37.92
N LEU A 436 -26.11 45.10 37.14
CA LEU A 436 -25.83 46.53 37.04
C LEU A 436 -26.95 47.34 36.35
N THR A 437 -27.87 46.67 35.65
CA THR A 437 -28.97 47.37 34.96
C THR A 437 -30.34 47.01 35.51
N GLU A 438 -30.38 46.13 36.52
CA GLU A 438 -31.64 45.70 37.13
C GLU A 438 -32.43 44.84 36.15
N GLY A 439 -31.71 44.02 35.38
CA GLY A 439 -32.35 43.15 34.42
C GLY A 439 -33.11 43.85 33.30
N ARG A 440 -32.85 45.14 33.10
CA ARG A 440 -33.52 45.89 32.05
C ARG A 440 -32.72 45.88 30.75
N CYS A 441 -31.62 45.13 30.71
CA CYS A 441 -30.81 45.07 29.51
C CYS A 441 -31.12 43.85 28.62
N LEU A 442 -30.55 43.89 27.41
CA LEU A 442 -30.67 42.82 26.42
C LEU A 442 -29.21 42.47 26.16
N PHE A 443 -28.76 41.40 26.79
CA PHE A 443 -27.37 40.99 26.73
C PHE A 443 -27.00 39.82 25.79
N ALA A 444 -25.75 39.85 25.35
CA ALA A 444 -25.20 38.82 24.46
C ALA A 444 -23.67 38.86 24.56
N SER A 445 -23.05 37.68 24.58
CA SER A 445 -21.60 37.55 24.69
C SER A 445 -20.98 36.69 23.58
N GLY A 446 -19.67 36.83 23.39
CA GLY A 446 -18.98 36.04 22.38
C GLY A 446 -18.65 34.69 23.00
N SER A 447 -18.28 34.70 24.28
CA SER A 447 -17.95 33.47 25.02
C SER A 447 -19.11 33.11 25.95
N PRO A 448 -19.13 31.87 26.46
CA PRO A 448 -20.19 31.37 27.35
C PRO A 448 -20.24 31.86 28.78
N PHE A 449 -21.47 32.07 29.25
CA PHE A 449 -21.77 32.53 30.61
C PHE A 449 -23.05 31.78 30.98
N GLY A 450 -23.21 31.41 32.24
CA GLY A 450 -24.42 30.70 32.64
C GLY A 450 -25.57 31.63 32.96
N PRO A 451 -26.74 31.11 33.37
CA PRO A 451 -27.88 31.99 33.70
C PRO A 451 -27.58 32.79 34.96
N VAL A 452 -28.16 33.98 35.05
CA VAL A 452 -27.95 34.88 36.20
C VAL A 452 -29.24 35.07 37.01
N LYS A 453 -29.16 34.89 38.32
CA LYS A 453 -30.35 35.07 39.14
C LYS A 453 -30.23 36.31 40.02
N LEU A 454 -31.10 37.28 39.80
CA LEU A 454 -31.08 38.51 40.55
C LEU A 454 -31.42 38.30 42.02
N THR A 455 -30.95 39.23 42.85
CA THR A 455 -31.16 39.19 44.30
C THR A 455 -32.63 39.01 44.58
N ASP A 456 -33.46 39.47 43.65
CA ASP A 456 -34.90 39.35 43.80
C ASP A 456 -35.54 38.20 43.02
N GLY A 457 -34.75 37.16 42.73
CA GLY A 457 -35.25 35.98 42.06
C GLY A 457 -35.33 35.90 40.54
N ARG A 458 -35.39 37.04 39.86
CA ARG A 458 -35.47 37.04 38.40
C ARG A 458 -34.25 36.33 37.80
N VAL A 459 -34.49 35.39 36.88
CA VAL A 459 -33.41 34.64 36.24
C VAL A 459 -33.29 35.00 34.77
N PHE A 460 -32.09 35.38 34.36
CA PHE A 460 -31.84 35.78 32.98
C PHE A 460 -30.84 34.84 32.33
N THR A 461 -31.26 34.22 31.22
CA THR A 461 -30.46 33.26 30.48
C THR A 461 -29.93 33.84 29.16
N PRO A 462 -28.76 34.50 29.21
CA PRO A 462 -28.12 35.13 28.04
C PRO A 462 -27.80 34.17 26.89
N GLY A 463 -27.68 34.73 25.69
CA GLY A 463 -27.36 33.94 24.51
C GLY A 463 -25.91 34.16 24.12
N GLN A 464 -25.45 33.47 23.09
CA GLN A 464 -24.06 33.62 22.69
C GLN A 464 -23.86 34.10 21.25
N GLY A 465 -23.50 35.37 21.10
CA GLY A 465 -23.26 35.92 19.78
C GLY A 465 -21.92 35.48 19.20
N ASN A 466 -21.87 34.25 18.70
CA ASN A 466 -20.66 33.68 18.11
C ASN A 466 -20.90 33.25 16.67
N ASN A 467 -19.95 33.49 15.77
CA ASN A 467 -20.18 33.09 14.38
C ASN A 467 -20.33 31.58 14.19
N VAL A 468 -20.30 30.84 15.30
CA VAL A 468 -20.45 29.39 15.25
C VAL A 468 -21.87 29.10 14.81
N TYR A 469 -22.75 30.04 15.08
CA TYR A 469 -24.16 29.95 14.73
C TYR A 469 -24.39 30.22 13.25
N ILE A 470 -23.35 30.62 12.53
CA ILE A 470 -23.49 30.94 11.13
C ILE A 470 -22.62 30.21 10.11
N PHE A 471 -21.30 30.17 10.31
CA PHE A 471 -20.44 29.54 9.32
C PHE A 471 -20.65 28.05 9.00
N PRO A 472 -21.14 27.24 9.95
CA PRO A 472 -21.31 25.85 9.54
C PRO A 472 -22.42 25.67 8.50
N GLY A 473 -23.54 26.36 8.72
CA GLY A 473 -24.68 26.29 7.80
C GLY A 473 -24.49 27.02 6.48
N VAL A 474 -23.86 28.18 6.53
CA VAL A 474 -23.60 28.92 5.32
C VAL A 474 -22.71 28.05 4.45
N ALA A 475 -21.61 27.58 5.01
CA ALA A 475 -20.65 26.72 4.30
C ALA A 475 -21.36 25.55 3.61
N LEU A 476 -22.24 24.89 4.35
CA LEU A 476 -22.98 23.75 3.81
C LEU A 476 -23.64 24.16 2.52
N ALA A 477 -24.59 25.09 2.62
CA ALA A 477 -25.35 25.60 1.47
C ALA A 477 -24.42 25.93 0.30
N VAL A 478 -23.43 26.79 0.56
CA VAL A 478 -22.51 27.17 -0.50
C VAL A 478 -21.89 25.96 -1.18
N ILE A 479 -21.57 24.94 -0.40
CA ILE A 479 -20.93 23.75 -0.94
C ILE A 479 -21.89 22.92 -1.78
N LEU A 480 -23.04 22.58 -1.21
CA LEU A 480 -24.04 21.79 -1.90
C LEU A 480 -24.53 22.47 -3.18
N CYS A 481 -24.59 23.80 -3.18
CA CYS A 481 -25.06 24.55 -4.35
C CYS A 481 -24.02 24.83 -5.42
N ASN A 482 -22.79 24.38 -5.21
CA ASN A 482 -21.74 24.61 -6.18
C ASN A 482 -21.63 26.08 -6.56
N THR A 483 -21.77 26.92 -5.54
CA THR A 483 -21.66 28.37 -5.66
C THR A 483 -20.20 28.70 -5.98
N ARG A 484 -19.96 29.75 -6.77
CA ARG A 484 -18.60 30.11 -7.14
C ARG A 484 -18.07 31.35 -6.43
N HIS A 485 -18.98 32.17 -5.93
CA HIS A 485 -18.58 33.39 -5.24
C HIS A 485 -19.62 33.76 -4.20
N ILE A 486 -19.16 34.33 -3.09
CA ILE A 486 -20.03 34.70 -1.99
C ILE A 486 -20.18 36.21 -1.83
N SER A 487 -21.44 36.67 -1.81
CA SER A 487 -21.77 38.08 -1.66
C SER A 487 -22.29 38.29 -0.26
N ASP A 488 -22.14 39.51 0.26
CA ASP A 488 -22.57 39.85 1.61
C ASP A 488 -24.04 39.66 1.90
N SER A 489 -24.87 39.63 0.87
CA SER A 489 -26.30 39.47 1.07
C SER A 489 -26.58 38.08 1.64
N VAL A 490 -25.75 37.13 1.24
CA VAL A 490 -25.88 35.76 1.70
C VAL A 490 -25.86 35.75 3.23
N PHE A 491 -24.94 36.53 3.79
CA PHE A 491 -24.79 36.62 5.23
C PHE A 491 -25.98 37.36 5.81
N LEU A 492 -26.48 38.33 5.06
CA LEU A 492 -27.65 39.08 5.48
C LEU A 492 -28.81 38.09 5.59
N GLU A 493 -28.93 37.27 4.54
CA GLU A 493 -29.97 36.25 4.44
C GLU A 493 -29.82 35.28 5.59
N ALA A 494 -28.59 34.77 5.73
CA ALA A 494 -28.24 33.83 6.78
C ALA A 494 -28.70 34.37 8.12
N ALA A 495 -28.26 35.58 8.46
CA ALA A 495 -28.63 36.22 9.71
C ALA A 495 -30.15 36.16 9.91
N LYS A 496 -30.89 36.47 8.83
CA LYS A 496 -32.34 36.47 8.87
C LYS A 496 -32.86 35.06 9.20
N ALA A 497 -32.23 34.06 8.60
CA ALA A 497 -32.61 32.66 8.78
C ALA A 497 -32.44 32.16 10.21
N LEU A 498 -31.45 32.73 10.89
CA LEU A 498 -31.12 32.37 12.25
C LEU A 498 -32.10 32.95 13.26
N THR A 499 -32.22 34.28 13.25
CA THR A 499 -33.13 34.97 14.15
C THR A 499 -34.56 34.48 13.93
N SER A 500 -34.85 34.13 12.68
CA SER A 500 -36.18 33.64 12.32
C SER A 500 -36.52 32.32 13.05
N GLN A 501 -35.52 31.71 13.65
CA GLN A 501 -35.73 30.44 14.36
C GLN A 501 -35.92 30.64 15.85
N LEU A 502 -35.94 31.90 16.29
CA LEU A 502 -36.09 32.16 17.72
C LEU A 502 -37.54 32.19 18.16
N THR A 503 -37.81 31.49 19.25
CA THR A 503 -39.14 31.45 19.83
C THR A 503 -39.30 32.46 20.97
N ASP A 504 -40.48 33.07 21.02
CA ASP A 504 -40.81 34.07 22.02
C ASP A 504 -40.62 33.56 23.45
N GLU A 505 -40.59 32.24 23.60
CA GLU A 505 -40.41 31.64 24.92
C GLU A 505 -38.93 31.69 25.27
N GLU A 506 -38.09 31.38 24.29
CA GLU A 506 -36.63 31.43 24.50
C GLU A 506 -36.28 32.91 24.68
N LEU A 507 -36.90 33.74 23.86
CA LEU A 507 -36.69 35.19 23.93
C LEU A 507 -37.10 35.70 25.32
N ALA A 508 -38.20 35.17 25.84
CA ALA A 508 -38.70 35.56 27.15
C ALA A 508 -37.88 34.93 28.28
N GLN A 509 -36.60 34.70 28.02
CA GLN A 509 -35.71 34.12 29.01
C GLN A 509 -34.44 34.96 28.99
N GLY A 510 -34.36 35.83 27.98
CA GLY A 510 -33.22 36.70 27.83
C GLY A 510 -32.36 36.33 26.62
N ARG A 511 -32.81 35.31 25.91
CA ARG A 511 -32.10 34.79 24.74
C ARG A 511 -32.45 35.50 23.43
N LEU A 512 -31.41 35.93 22.72
CA LEU A 512 -31.55 36.60 21.44
C LEU A 512 -31.06 35.61 20.39
N TYR A 513 -30.88 34.38 20.83
CA TYR A 513 -30.41 33.31 19.96
C TYR A 513 -31.03 31.98 20.40
N PRO A 514 -31.29 31.08 19.43
CA PRO A 514 -31.88 29.78 19.74
C PRO A 514 -30.92 28.91 20.54
N PRO A 515 -31.46 28.14 21.51
CA PRO A 515 -30.66 27.24 22.35
C PRO A 515 -29.49 26.58 21.64
N LEU A 516 -28.34 26.60 22.28
CA LEU A 516 -27.11 26.01 21.73
C LEU A 516 -27.34 24.54 21.49
N ALA A 517 -28.11 23.92 22.37
CA ALA A 517 -28.42 22.51 22.29
C ALA A 517 -28.99 22.14 20.93
N ASN A 518 -29.52 23.13 20.21
CA ASN A 518 -30.10 22.87 18.91
C ASN A 518 -29.34 23.51 17.77
N ILE A 519 -28.04 23.67 17.92
CA ILE A 519 -27.26 24.29 16.86
C ILE A 519 -27.16 23.41 15.64
N GLN A 520 -27.43 22.13 15.82
CA GLN A 520 -27.35 21.15 14.73
C GLN A 520 -28.43 21.36 13.67
N GLU A 521 -29.66 21.51 14.13
CA GLU A 521 -30.80 21.72 13.24
C GLU A 521 -30.83 23.16 12.83
N VAL A 522 -30.53 24.04 13.77
CA VAL A 522 -30.54 25.45 13.47
C VAL A 522 -29.65 25.63 12.26
N SER A 523 -28.47 25.04 12.34
CA SER A 523 -27.52 25.13 11.25
C SER A 523 -28.12 24.59 9.95
N ILE A 524 -28.81 23.46 10.06
CA ILE A 524 -29.41 22.85 8.89
C ILE A 524 -30.48 23.80 8.34
N ASN A 525 -31.34 24.28 9.21
CA ASN A 525 -32.39 25.21 8.76
C ASN A 525 -31.73 26.42 8.08
N ILE A 526 -30.64 26.90 8.67
CA ILE A 526 -29.92 28.03 8.10
C ILE A 526 -29.52 27.64 6.68
N ALA A 527 -28.80 26.52 6.56
CA ALA A 527 -28.33 26.04 5.26
C ALA A 527 -29.44 25.86 4.23
N ILE A 528 -30.61 25.41 4.68
CA ILE A 528 -31.73 25.24 3.76
C ILE A 528 -32.13 26.58 3.17
N LYS A 529 -32.27 27.59 4.03
CA LYS A 529 -32.67 28.92 3.60
C LYS A 529 -31.68 29.52 2.60
N VAL A 530 -30.39 29.38 2.89
CA VAL A 530 -29.34 29.94 2.04
C VAL A 530 -29.31 29.35 0.61
N THR A 531 -29.58 28.05 0.51
CA THR A 531 -29.59 27.37 -0.80
C THR A 531 -30.81 27.83 -1.60
N GLU A 532 -31.89 28.14 -0.88
CA GLU A 532 -33.10 28.62 -1.53
C GLU A 532 -32.79 29.95 -2.20
N TYR A 533 -32.07 30.80 -1.46
CA TYR A 533 -31.65 32.11 -1.91
C TYR A 533 -30.63 31.99 -3.04
N LEU A 534 -29.59 31.19 -2.81
CA LEU A 534 -28.55 31.02 -3.81
C LEU A 534 -29.15 30.65 -5.16
N TYR A 535 -30.02 29.64 -5.12
CA TYR A 535 -30.69 29.15 -6.33
C TYR A 535 -31.66 30.20 -6.90
N ALA A 536 -32.38 30.88 -6.00
CA ALA A 536 -33.34 31.90 -6.39
C ALA A 536 -32.68 33.11 -7.03
N ASN A 537 -31.40 33.31 -6.76
CA ASN A 537 -30.69 34.45 -7.33
C ASN A 537 -29.71 34.03 -8.39
N LYS A 538 -29.82 32.79 -8.81
CA LYS A 538 -28.95 32.26 -9.86
C LYS A 538 -27.48 32.26 -9.45
N ALA A 540 -26.34 29.52 -7.47
CA ALA A 540 -26.05 28.09 -7.32
C ALA A 540 -25.83 27.46 -8.69
N PHE A 541 -24.88 26.55 -8.78
CA PHE A 541 -24.59 25.88 -10.04
C PHE A 541 -24.80 24.39 -9.99
N ARG A 542 -25.29 23.90 -8.85
CA ARG A 542 -25.56 22.49 -8.76
C ARG A 542 -26.70 22.22 -9.76
N TYR A 543 -26.56 21.20 -10.60
CA TYR A 543 -27.59 20.86 -11.57
C TYR A 543 -27.86 19.36 -11.55
N PRO A 544 -29.14 18.99 -11.62
CA PRO A 544 -30.27 19.90 -11.72
C PRO A 544 -30.65 20.53 -10.37
N GLU A 545 -31.65 21.40 -10.38
CA GLU A 545 -32.12 22.07 -9.18
C GLU A 545 -33.15 21.28 -8.41
N PRO A 546 -32.89 21.03 -7.13
CA PRO A 546 -33.87 20.27 -6.36
C PRO A 546 -35.23 20.98 -6.29
N GLU A 547 -36.31 20.21 -6.29
CA GLU A 547 -37.65 20.76 -6.22
C GLU A 547 -37.92 21.14 -4.76
N ASP A 548 -37.54 20.25 -3.86
CA ASP A 548 -37.72 20.46 -2.43
C ASP A 548 -36.38 20.66 -1.74
N LYS A 549 -35.93 21.92 -1.70
CA LYS A 549 -34.64 22.26 -1.10
C LYS A 549 -34.34 21.61 0.25
N ALA A 550 -35.37 21.46 1.08
CA ALA A 550 -35.24 20.87 2.40
C ALA A 550 -34.79 19.43 2.34
N LYS A 551 -35.59 18.57 1.71
CA LYS A 551 -35.26 17.15 1.59
C LYS A 551 -33.84 17.02 1.06
N TYR A 552 -33.52 17.89 0.11
CA TYR A 552 -32.21 17.93 -0.53
C TYR A 552 -31.08 18.04 0.48
N VAL A 553 -31.18 19.05 1.34
CA VAL A 553 -30.15 19.26 2.34
C VAL A 553 -30.01 18.07 3.30
N LYS A 554 -31.09 17.74 4.00
CA LYS A 554 -31.06 16.63 4.95
C LYS A 554 -30.56 15.33 4.34
N GLU A 555 -30.83 15.15 3.05
CA GLU A 555 -30.38 13.94 2.38
C GLU A 555 -28.87 13.79 2.44
N ARG A 556 -28.14 14.90 2.27
CA ARG A 556 -26.68 14.88 2.22
C ARG A 556 -25.83 15.06 3.49
N THR A 557 -26.43 15.11 4.67
CA THR A 557 -25.62 15.31 5.85
C THR A 557 -24.88 14.06 6.27
N TRP A 558 -23.69 14.24 6.83
CA TRP A 558 -22.83 13.16 7.30
C TRP A 558 -23.34 12.65 8.65
N ARG A 559 -23.30 11.34 8.85
CA ARG A 559 -23.78 10.79 10.10
C ARG A 559 -22.63 10.20 10.88
N SER A 560 -22.76 10.23 12.21
CA SER A 560 -21.73 9.69 13.10
C SER A 560 -21.85 8.17 13.25
N GLU A 561 -22.98 7.62 12.79
CA GLU A 561 -23.22 6.18 12.89
C GLU A 561 -22.28 5.35 12.03
N TYR A 562 -21.66 4.34 12.63
CA TYR A 562 -20.72 3.49 11.90
C TYR A 562 -21.34 2.99 10.59
N ASP A 563 -20.48 2.77 9.60
CA ASP A 563 -20.87 2.29 8.29
C ASP A 563 -20.27 0.89 8.13
N SER A 564 -20.98 -0.02 7.49
CA SER A 564 -20.46 -1.35 7.30
C SER A 564 -19.36 -1.33 6.27
N LEU A 565 -18.26 -2.00 6.59
CA LEU A 565 -17.12 -2.04 5.70
C LEU A 565 -17.03 -3.38 4.98
N LEU A 566 -18.11 -4.15 5.08
CA LEU A 566 -18.20 -5.48 4.45
C LEU A 566 -18.22 -5.47 2.93
N PRO A 567 -17.47 -6.41 2.30
CA PRO A 567 -17.43 -6.50 0.83
C PRO A 567 -18.78 -6.96 0.28
N ASP A 568 -19.17 -6.40 -0.87
CA ASP A 568 -20.42 -6.72 -1.55
C ASP A 568 -20.38 -8.13 -2.13
N VAL A 569 -20.80 -9.12 -1.34
CA VAL A 569 -20.78 -10.51 -1.79
C VAL A 569 -22.17 -11.05 -2.06
N TYR A 570 -22.36 -11.63 -3.26
CA TYR A 570 -23.65 -12.18 -3.68
C TYR A 570 -23.51 -13.40 -4.58
N GLU A 571 -24.56 -14.23 -4.61
CA GLU A 571 -24.58 -15.42 -5.45
C GLU A 571 -25.31 -15.10 -6.75
N TRP A 572 -24.80 -15.63 -7.85
CA TRP A 572 -25.41 -15.40 -9.15
C TRP A 572 -26.43 -16.50 -9.49
N PRO A 573 -27.36 -16.20 -10.43
CA PRO A 573 -28.33 -17.25 -10.77
C PRO A 573 -27.60 -18.36 -11.55
N ILE B 21 12.46 0.73 5.18
CA ILE B 21 10.98 0.86 5.01
C ILE B 21 10.57 1.08 3.55
N LYS B 22 9.47 0.45 3.15
CA LYS B 22 9.01 0.59 1.78
C LYS B 22 7.88 1.60 1.58
N GLU B 23 7.30 2.10 2.68
CA GLU B 23 6.22 3.08 2.57
C GLU B 23 6.64 4.55 2.68
N LYS B 24 5.74 5.44 2.27
CA LYS B 24 5.99 6.88 2.32
C LYS B 24 4.70 7.65 2.59
N GLY B 25 4.83 8.93 2.91
CA GLY B 25 3.64 9.71 3.17
C GLY B 25 3.04 9.37 4.51
N LYS B 26 1.88 9.94 4.77
CA LYS B 26 1.13 9.77 6.01
C LYS B 26 1.31 8.45 6.74
N PRO B 27 1.22 7.31 6.02
CA PRO B 27 1.40 6.03 6.68
C PRO B 27 2.63 5.99 7.60
N LEU B 28 3.66 6.73 7.22
CA LEU B 28 4.89 6.76 8.03
C LEU B 28 4.65 7.37 9.39
N LEU B 30 1.50 7.42 10.87
CA LEU B 30 0.45 6.69 11.57
C LEU B 30 1.01 5.49 12.30
N ASN B 31 2.11 4.95 11.78
CA ASN B 31 2.75 3.79 12.38
C ASN B 31 3.77 4.18 13.43
N PRO B 32 3.50 3.88 14.71
CA PRO B 32 4.38 4.21 15.83
C PRO B 32 5.79 3.66 15.66
N ARG B 33 5.89 2.53 14.99
CA ARG B 33 7.18 1.92 14.75
C ARG B 33 8.02 2.91 13.97
N THR B 34 7.38 3.78 13.21
CA THR B 34 8.13 4.72 12.39
C THR B 34 7.92 6.20 12.68
N ASN B 35 6.82 6.53 13.32
CA ASN B 35 6.56 7.93 13.61
C ASN B 35 7.69 8.60 14.36
N LYS B 36 8.16 9.72 13.83
CA LYS B 36 9.25 10.50 14.43
C LYS B 36 8.70 11.83 14.98
N GLY B 37 7.48 12.17 14.59
CA GLY B 37 6.89 13.42 15.03
C GLY B 37 7.66 14.54 14.37
N ALA B 39 10.68 15.18 14.82
CA ALA B 39 12.10 14.78 14.72
C ALA B 39 12.46 14.33 13.31
N PHE B 40 11.48 14.33 12.42
CA PHE B 40 11.69 13.95 11.03
C PHE B 40 12.50 15.09 10.41
N THR B 41 13.67 14.78 9.88
CA THR B 41 14.49 15.82 9.27
C THR B 41 13.78 16.42 8.04
N LEU B 42 14.30 17.56 7.56
CA LEU B 42 13.73 18.22 6.39
C LEU B 42 13.98 17.35 5.15
N GLN B 43 15.20 16.84 5.03
CA GLN B 43 15.54 15.97 3.91
C GLN B 43 14.57 14.77 3.83
N GLU B 44 14.11 14.33 4.99
CA GLU B 44 13.19 13.21 5.10
C GLU B 44 11.76 13.61 4.75
N ARG B 45 11.33 14.74 5.29
CA ARG B 45 9.96 15.20 5.06
C ARG B 45 9.72 15.43 3.58
N GLN B 46 10.75 15.88 2.88
CA GLN B 46 10.64 16.17 1.46
C GLN B 46 10.77 14.91 0.63
N LEU B 48 10.30 11.86 1.55
CA LEU B 48 9.37 10.77 1.89
C LEU B 48 7.90 11.21 1.86
N GLY B 49 7.67 12.46 1.46
CA GLY B 49 6.33 12.98 1.33
C GLY B 49 5.63 13.48 2.56
N LEU B 50 6.36 14.08 3.50
CA LEU B 50 5.75 14.59 4.73
C LEU B 50 5.67 16.09 4.82
N GLN B 51 6.28 16.78 3.87
CA GLN B 51 6.25 18.24 3.91
C GLN B 51 4.83 18.75 3.96
N GLY B 52 4.59 19.65 4.91
CA GLY B 52 3.30 20.24 5.08
C GLY B 52 2.51 19.47 6.11
N LEU B 53 2.78 18.18 6.21
CA LEU B 53 2.06 17.34 7.14
C LEU B 53 2.54 17.54 8.56
N LEU B 54 3.75 18.07 8.72
CA LEU B 54 4.36 18.35 10.03
C LEU B 54 4.67 19.85 10.22
N PRO B 55 4.56 20.39 11.45
CA PRO B 55 4.86 21.81 11.64
C PRO B 55 6.23 22.17 11.08
N PRO B 56 6.42 23.45 10.68
CA PRO B 56 7.69 23.92 10.12
C PRO B 56 8.92 23.79 11.01
N LYS B 57 8.72 23.37 12.25
CA LYS B 57 9.84 23.21 13.18
C LYS B 57 10.37 21.78 13.25
N ILE B 58 11.70 21.67 13.26
CA ILE B 58 12.40 20.40 13.36
C ILE B 58 12.87 20.25 14.81
N GLU B 59 12.47 19.19 15.48
CA GLU B 59 12.86 19.00 16.86
C GLU B 59 13.91 17.88 17.04
N THR B 60 14.39 17.70 18.27
CA THR B 60 15.36 16.65 18.55
C THR B 60 14.69 15.77 19.58
N GLN B 61 15.13 14.52 19.69
CA GLN B 61 14.52 13.63 20.66
C GLN B 61 14.67 14.22 22.05
N ASP B 62 15.75 14.97 22.27
CA ASP B 62 15.96 15.59 23.56
C ASP B 62 14.80 16.51 23.87
N ILE B 63 14.42 17.33 22.89
CA ILE B 63 13.30 18.25 23.08
C ILE B 63 12.02 17.46 23.38
N GLN B 64 11.79 16.40 22.61
CA GLN B 64 10.60 15.58 22.81
C GLN B 64 10.64 15.02 24.21
N ALA B 65 11.79 14.50 24.60
CA ALA B 65 11.96 13.95 25.93
C ALA B 65 11.54 14.99 26.99
N LEU B 66 12.04 16.21 26.84
CA LEU B 66 11.76 17.32 27.76
C LEU B 66 10.26 17.63 27.90
N ARG B 67 9.55 17.54 26.77
CA ARG B 67 8.12 17.80 26.73
C ARG B 67 7.37 16.78 27.56
N PHE B 68 7.92 15.56 27.62
CA PHE B 68 7.31 14.47 28.36
C PHE B 68 7.39 14.60 29.87
N HIS B 69 8.60 14.77 30.38
CA HIS B 69 8.79 14.90 31.81
C HIS B 69 8.05 16.14 32.31
N ARG B 70 8.03 17.18 31.49
CA ARG B 70 7.35 18.42 31.82
C ARG B 70 5.86 18.13 32.02
N ASN B 71 5.30 17.34 31.11
CA ASN B 71 3.89 16.98 31.14
C ASN B 71 3.58 15.92 32.19
N LEU B 72 4.48 14.96 32.33
CA LEU B 72 4.30 13.89 33.31
C LEU B 72 4.33 14.40 34.76
N LYS B 73 5.22 15.35 35.04
CA LYS B 73 5.35 15.92 36.37
C LYS B 73 4.13 16.70 36.87
N LYS B 74 3.20 17.05 35.97
CA LYS B 74 2.01 17.78 36.37
C LYS B 74 0.84 16.85 36.70
N THR B 76 -1.48 13.88 38.36
CA THR B 76 -1.74 13.53 39.76
C THR B 76 -1.72 12.07 40.17
N SER B 77 -2.35 11.19 39.41
CA SER B 77 -2.39 9.78 39.80
C SER B 77 -1.51 8.87 38.95
N PRO B 78 -1.11 7.71 39.49
CA PRO B 78 -0.27 6.74 38.79
C PRO B 78 -1.00 6.09 37.62
N LEU B 79 -2.26 5.73 37.81
CA LEU B 79 -3.01 5.13 36.71
C LEU B 79 -3.11 6.15 35.60
N GLU B 80 -3.13 7.43 35.97
CA GLU B 80 -3.19 8.50 35.01
C GLU B 80 -1.84 8.55 34.31
N LYS B 81 -0.76 8.33 35.06
CA LYS B 81 0.57 8.38 34.47
C LYS B 81 0.76 7.19 33.53
N TYR B 82 0.19 6.07 33.92
CA TYR B 82 0.27 4.85 33.14
C TYR B 82 -0.40 5.03 31.78
N ILE B 83 -1.62 5.56 31.81
CA ILE B 83 -2.35 5.78 30.59
C ILE B 83 -1.54 6.61 29.60
N TYR B 84 -0.98 7.71 30.09
CA TYR B 84 -0.20 8.63 29.25
C TYR B 84 1.03 7.99 28.62
N ILE B 85 1.93 7.49 29.44
CA ILE B 85 3.14 6.90 28.90
C ILE B 85 2.83 5.66 28.07
N GLY B 87 0.32 5.18 26.26
CA GLY B 87 -0.19 5.68 24.99
C GLY B 87 0.92 6.09 24.03
N ILE B 88 2.07 6.49 24.59
CA ILE B 88 3.19 6.88 23.77
C ILE B 88 3.66 5.71 22.94
N GLN B 89 3.53 4.51 23.48
CA GLN B 89 3.97 3.33 22.77
C GLN B 89 3.17 3.14 21.47
N GLU B 90 1.97 3.69 21.44
CA GLU B 90 1.11 3.60 20.28
C GLU B 90 1.21 4.84 19.39
N ARG B 91 2.08 5.78 19.74
CA ARG B 91 2.22 7.02 18.98
C ARG B 91 3.62 7.12 18.42
N ASN B 92 4.61 6.81 19.26
CA ASN B 92 6.01 6.86 18.84
C ASN B 92 6.87 5.91 19.66
N GLU B 93 7.11 4.74 19.09
CA GLU B 93 7.91 3.74 19.77
C GLU B 93 9.26 4.25 20.27
N LYS B 94 10.08 4.73 19.34
CA LYS B 94 11.41 5.23 19.66
C LYS B 94 11.45 6.20 20.84
N LEU B 95 10.52 7.14 20.90
CA LEU B 95 10.50 8.10 21.99
C LEU B 95 9.99 7.44 23.25
N PHE B 96 9.07 6.50 23.05
CA PHE B 96 8.50 5.79 24.18
C PHE B 96 9.62 5.11 24.97
N TYR B 97 10.51 4.41 24.27
CA TYR B 97 11.59 3.71 24.94
C TYR B 97 12.69 4.62 25.48
N ARG B 98 12.86 5.81 24.89
CA ARG B 98 13.88 6.73 25.36
C ARG B 98 13.39 7.30 26.69
N ILE B 99 12.07 7.46 26.80
CA ILE B 99 11.47 8.01 28.00
C ILE B 99 11.58 7.11 29.23
N LEU B 100 11.68 5.80 29.00
CA LEU B 100 11.83 4.87 30.11
C LEU B 100 13.30 4.95 30.45
N GLN B 101 14.11 4.83 29.41
CA GLN B 101 15.56 4.89 29.53
C GLN B 101 15.99 6.07 30.42
N ASP B 102 15.33 7.22 30.27
CA ASP B 102 15.64 8.41 31.06
C ASP B 102 15.70 8.13 32.56
N ASP B 103 14.77 7.34 33.07
CA ASP B 103 14.78 6.99 34.49
C ASP B 103 13.87 5.81 34.77
N ILE B 104 14.30 4.65 34.30
CA ILE B 104 13.56 3.42 34.47
C ILE B 104 13.09 3.19 35.91
N GLU B 105 13.97 3.48 36.88
CA GLU B 105 13.66 3.28 38.30
C GLU B 105 12.45 4.07 38.78
N SER B 106 12.22 5.21 38.18
CA SER B 106 11.10 6.02 38.61
C SER B 106 9.80 5.58 37.95
N LEU B 107 9.90 5.10 36.73
CA LEU B 107 8.73 4.71 35.96
C LEU B 107 8.28 3.26 36.11
N PRO B 109 7.42 1.43 38.78
CA PRO B 109 6.20 1.22 39.57
C PRO B 109 4.92 1.62 38.84
N ILE B 110 5.07 2.38 37.77
CA ILE B 110 3.93 2.85 36.99
C ILE B 110 3.60 1.88 35.87
N VAL B 111 4.61 1.55 35.07
CA VAL B 111 4.44 0.68 33.94
C VAL B 111 4.46 -0.79 34.34
N TYR B 112 5.08 -1.08 35.49
CA TYR B 112 5.19 -2.44 35.99
C TYR B 112 4.44 -2.52 37.33
N THR B 113 4.83 -3.43 38.22
CA THR B 113 4.12 -3.53 39.50
C THR B 113 4.48 -2.39 40.42
N PRO B 114 3.51 -1.90 41.21
CA PRO B 114 2.11 -2.34 41.32
C PRO B 114 1.06 -1.68 40.42
N THR B 115 1.37 -0.54 39.83
CA THR B 115 0.41 0.18 38.98
C THR B 115 -0.07 -0.62 37.75
N VAL B 116 0.69 -1.62 37.34
CA VAL B 116 0.29 -2.42 36.20
C VAL B 116 -0.88 -3.31 36.59
N GLY B 117 -0.96 -3.67 37.87
CA GLY B 117 -2.05 -4.51 38.33
C GLY B 117 -3.36 -3.77 38.36
N LEU B 118 -3.32 -2.53 38.83
CA LEU B 118 -4.51 -1.70 38.90
C LEU B 118 -5.07 -1.50 37.51
N ALA B 119 -4.16 -1.31 36.55
CA ALA B 119 -4.55 -1.11 35.16
C ALA B 119 -5.23 -2.36 34.61
N CYS B 120 -4.68 -3.53 34.92
CA CYS B 120 -5.25 -4.77 34.43
C CYS B 120 -6.66 -4.92 34.94
N SER B 121 -6.87 -4.63 36.21
CA SER B 121 -8.20 -4.74 36.78
C SER B 121 -9.13 -3.63 36.28
N GLN B 122 -8.62 -2.80 35.38
CA GLN B 122 -9.38 -1.68 34.86
C GLN B 122 -9.39 -1.68 33.34
N TYR B 123 -8.60 -2.59 32.76
CA TYR B 123 -8.45 -2.70 31.33
C TYR B 123 -9.65 -2.31 30.48
N GLY B 124 -10.85 -2.64 30.95
CA GLY B 124 -12.04 -2.33 30.18
C GLY B 124 -12.41 -0.88 30.23
N HIS B 125 -12.24 -0.28 31.40
CA HIS B 125 -12.58 1.11 31.61
C HIS B 125 -11.60 2.08 30.97
N ILE B 126 -10.36 1.67 30.76
CA ILE B 126 -9.35 2.57 30.18
C ILE B 126 -8.90 2.25 28.75
N PHE B 127 -9.58 1.32 28.08
CA PHE B 127 -9.25 0.90 26.72
C PHE B 127 -9.31 2.01 25.70
N ARG B 128 -8.34 2.00 24.79
CA ARG B 128 -8.26 3.00 23.74
C ARG B 128 -7.79 2.32 22.47
N ARG B 129 -6.72 1.53 22.57
CA ARG B 129 -6.20 0.79 21.42
C ARG B 129 -5.68 -0.55 21.94
N PRO B 130 -5.93 -1.63 21.19
CA PRO B 130 -5.47 -2.95 21.61
C PRO B 130 -3.99 -3.12 21.34
N LYS B 131 -3.43 -4.21 21.84
CA LYS B 131 -2.02 -4.52 21.67
C LYS B 131 -1.86 -6.05 21.74
N GLY B 132 -1.00 -6.61 20.90
CA GLY B 132 -0.81 -8.06 20.92
C GLY B 132 -1.90 -8.89 20.24
N LEU B 133 -1.69 -10.21 20.20
CA LEU B 133 -2.64 -11.13 19.58
C LEU B 133 -3.62 -11.68 20.58
N PHE B 134 -4.86 -11.86 20.13
CA PHE B 134 -5.92 -12.40 20.99
C PHE B 134 -6.52 -13.68 20.38
N ILE B 135 -6.34 -14.81 21.05
CA ILE B 135 -6.87 -16.08 20.59
C ILE B 135 -7.87 -16.61 21.61
N SER B 136 -9.11 -16.79 21.19
CA SER B 136 -10.14 -17.29 22.07
C SER B 136 -10.51 -18.72 21.69
N ILE B 137 -11.08 -19.45 22.64
CA ILE B 137 -11.47 -20.83 22.40
C ILE B 137 -12.37 -20.94 21.18
N SER B 138 -13.11 -19.86 20.88
CA SER B 138 -14.01 -19.82 19.73
C SER B 138 -13.25 -19.81 18.42
N ASP B 139 -11.94 -19.68 18.48
CA ASP B 139 -11.17 -19.65 17.25
C ASP B 139 -10.43 -20.94 17.06
N ARG B 140 -10.81 -21.94 17.85
CA ARG B 140 -10.16 -23.23 17.76
C ARG B 140 -10.33 -23.78 16.35
N GLY B 141 -9.23 -24.20 15.76
CA GLY B 141 -9.26 -24.72 14.41
C GLY B 141 -8.80 -23.67 13.44
N HIS B 142 -8.83 -22.40 13.86
CA HIS B 142 -8.44 -21.30 13.01
C HIS B 142 -7.40 -20.41 13.65
N VAL B 143 -6.61 -20.99 14.55
CA VAL B 143 -5.58 -20.21 15.25
C VAL B 143 -4.46 -19.78 14.31
N ARG B 144 -4.21 -20.59 13.30
CA ARG B 144 -3.16 -20.26 12.36
C ARG B 144 -3.50 -19.03 11.53
N SER B 145 -4.76 -18.93 11.11
CA SER B 145 -5.19 -17.79 10.33
C SER B 145 -4.94 -16.53 11.16
N ILE B 146 -5.21 -16.62 12.46
CA ILE B 146 -5.01 -15.50 13.35
C ILE B 146 -3.53 -15.15 13.45
N VAL B 147 -2.69 -16.16 13.68
CA VAL B 147 -1.25 -15.95 13.79
C VAL B 147 -0.72 -15.23 12.56
N ASP B 148 -1.33 -15.47 11.41
CA ASP B 148 -0.86 -14.79 10.20
C ASP B 148 -1.51 -13.45 9.94
N ASN B 149 -2.28 -12.97 10.90
CA ASN B 149 -2.92 -11.67 10.80
C ASN B 149 -1.96 -10.64 11.42
N TRP B 150 -1.01 -11.12 12.21
CA TRP B 150 -0.01 -10.26 12.84
C TRP B 150 0.90 -9.59 11.79
N PRO B 151 0.93 -8.25 11.80
CA PRO B 151 1.69 -7.35 10.92
C PRO B 151 3.17 -7.63 10.77
N GLU B 152 3.88 -7.70 11.90
CA GLU B 152 5.31 -7.95 11.86
C GLU B 152 5.49 -9.39 11.46
N ASN B 153 6.61 -9.70 10.81
CA ASN B 153 6.83 -11.05 10.35
C ASN B 153 8.15 -11.73 10.74
N HIS B 154 8.85 -11.22 11.76
CA HIS B 154 10.08 -11.87 12.17
C HIS B 154 10.15 -12.01 13.67
N VAL B 155 9.01 -12.30 14.28
CA VAL B 155 8.90 -12.46 15.72
C VAL B 155 9.94 -13.43 16.24
N LYS B 156 10.50 -13.12 17.41
CA LYS B 156 11.53 -13.95 18.04
C LYS B 156 11.14 -14.29 19.45
N ALA B 157 10.30 -13.48 20.07
CA ALA B 157 9.89 -13.75 21.45
C ALA B 157 8.40 -13.55 21.67
N VAL B 158 7.83 -14.42 22.49
CA VAL B 158 6.41 -14.37 22.83
C VAL B 158 6.26 -14.42 24.36
N VAL B 159 5.18 -13.84 24.85
CA VAL B 159 4.88 -13.87 26.26
C VAL B 159 3.38 -14.08 26.20
N VAL B 160 2.91 -15.19 26.74
CA VAL B 160 1.50 -15.54 26.67
C VAL B 160 0.88 -15.86 28.03
N THR B 161 -0.39 -15.49 28.18
CA THR B 161 -1.13 -15.74 29.42
C THR B 161 -2.57 -16.08 29.10
N ASP B 162 -3.29 -16.63 30.06
CA ASP B 162 -4.70 -16.92 29.87
C ASP B 162 -5.46 -16.13 30.93
N GLY B 163 -4.71 -15.39 31.75
CA GLY B 163 -5.30 -14.53 32.77
C GLY B 163 -5.99 -15.14 33.96
N GLU B 164 -5.55 -16.33 34.36
CA GLU B 164 -6.17 -16.97 35.50
C GLU B 164 -5.54 -16.58 36.84
N ARG B 165 -4.24 -16.32 36.83
CA ARG B 165 -3.53 -15.92 38.05
C ARG B 165 -2.69 -14.68 37.82
N ILE B 166 -3.36 -13.58 37.47
CA ILE B 166 -2.68 -12.32 37.19
C ILE B 166 -2.11 -11.75 38.48
N LEU B 167 -0.82 -11.97 38.70
CA LEU B 167 -0.15 -11.52 39.94
C LEU B 167 -0.88 -12.25 41.05
N GLY B 168 -1.05 -11.58 42.19
CA GLY B 168 -1.77 -12.17 43.31
C GLY B 168 -3.18 -11.61 43.31
N LEU B 169 -3.63 -11.23 42.12
CA LEU B 169 -4.94 -10.63 41.91
C LEU B 169 -6.03 -11.61 41.49
N GLY B 170 -5.64 -12.78 40.98
CA GLY B 170 -6.62 -13.77 40.56
C GLY B 170 -6.95 -13.90 39.07
N ASP B 171 -8.18 -14.34 38.80
CA ASP B 171 -8.67 -14.53 37.44
C ASP B 171 -9.21 -13.21 36.89
N LEU B 172 -8.53 -12.68 35.88
CA LEU B 172 -8.96 -11.41 35.27
C LEU B 172 -9.39 -11.61 33.82
N GLY B 173 -9.19 -12.81 33.29
CA GLY B 173 -9.58 -13.06 31.92
C GLY B 173 -8.76 -12.27 30.91
N VAL B 174 -9.44 -11.62 29.98
CA VAL B 174 -8.75 -10.84 28.96
C VAL B 174 -8.25 -9.50 29.49
N TYR B 175 -8.66 -9.14 30.71
CA TYR B 175 -8.20 -7.89 31.34
C TYR B 175 -6.72 -8.10 31.66
N GLY B 176 -6.28 -9.35 31.66
CA GLY B 176 -4.89 -9.67 31.95
C GLY B 176 -3.89 -9.47 30.82
N GLY B 178 -2.66 -6.92 29.95
CA GLY B 178 -1.72 -5.89 30.37
C GLY B 178 -0.38 -6.47 30.79
N ILE B 179 -0.42 -7.65 31.40
CA ILE B 179 0.79 -8.30 31.85
C ILE B 179 1.78 -8.61 30.73
N PRO B 180 1.33 -9.30 29.67
CA PRO B 180 2.22 -9.63 28.54
C PRO B 180 2.72 -8.35 27.84
N VAL B 181 1.85 -7.36 27.78
CA VAL B 181 2.18 -6.08 27.18
C VAL B 181 3.35 -5.48 28.01
N GLY B 182 3.13 -5.36 29.32
CA GLY B 182 4.17 -4.83 30.18
C GLY B 182 5.45 -5.63 30.16
N LYS B 183 5.35 -6.96 30.27
CA LYS B 183 6.53 -7.82 30.30
C LYS B 183 7.47 -7.64 29.13
N LEU B 184 6.90 -7.48 27.94
CA LEU B 184 7.71 -7.31 26.74
C LEU B 184 8.30 -5.90 26.63
N CYS B 185 7.70 -4.97 27.36
CA CYS B 185 8.18 -3.60 27.36
C CYS B 185 9.58 -3.73 27.92
N LEU B 186 9.66 -4.45 29.05
CA LEU B 186 10.90 -4.69 29.75
C LEU B 186 11.93 -5.42 28.92
N TYR B 187 11.50 -6.40 28.13
CA TYR B 187 12.42 -7.12 27.25
C TYR B 187 13.27 -6.06 26.54
N THR B 188 12.60 -5.04 26.01
CA THR B 188 13.25 -3.97 25.27
C THR B 188 13.90 -2.90 26.13
N ALA B 189 13.19 -2.46 27.17
CA ALA B 189 13.71 -1.41 28.03
C ALA B 189 14.85 -1.85 28.93
N CYS B 190 14.96 -3.16 29.15
CA CYS B 190 16.00 -3.70 30.01
C CYS B 190 17.14 -4.39 29.27
N ALA B 191 16.78 -5.30 28.36
CA ALA B 191 17.78 -6.08 27.62
C ALA B 191 18.08 -5.69 26.17
N GLY B 192 17.33 -4.76 25.62
CA GLY B 192 17.58 -4.34 24.25
C GLY B 192 17.03 -5.21 23.13
N ILE B 193 16.07 -6.07 23.44
CA ILE B 193 15.50 -6.92 22.42
C ILE B 193 14.61 -6.02 21.55
N ARG B 194 14.68 -6.20 20.23
CA ARG B 194 13.90 -5.38 19.30
C ARG B 194 12.40 -5.47 19.49
N PRO B 195 11.71 -4.31 19.53
CA PRO B 195 10.26 -4.24 19.73
C PRO B 195 9.40 -4.99 18.72
N ASP B 196 9.79 -4.92 17.46
CA ASP B 196 9.02 -5.59 16.41
C ASP B 196 9.13 -7.13 16.47
N ARG B 197 10.19 -7.63 17.11
CA ARG B 197 10.42 -9.06 17.25
C ARG B 197 9.72 -9.68 18.47
N CYS B 198 8.94 -8.86 19.17
CA CYS B 198 8.21 -9.33 20.36
C CYS B 198 6.71 -9.38 20.05
N LEU B 199 6.00 -10.28 20.73
CA LEU B 199 4.56 -10.40 20.52
C LEU B 199 3.84 -10.93 21.76
N PRO B 200 3.04 -10.08 22.42
CA PRO B 200 2.30 -10.51 23.62
C PRO B 200 1.04 -11.22 23.16
N VAL B 201 0.69 -12.33 23.82
CA VAL B 201 -0.50 -13.09 23.41
C VAL B 201 -1.45 -13.40 24.57
N CYS B 202 -2.75 -13.42 24.28
CA CYS B 202 -3.75 -13.73 25.30
C CYS B 202 -4.69 -14.85 24.85
N ILE B 203 -4.80 -15.91 25.65
CA ILE B 203 -5.70 -17.03 25.31
C ILE B 203 -6.97 -16.94 26.13
N ASP B 204 -8.03 -16.46 25.48
CA ASP B 204 -9.32 -16.31 26.13
C ASP B 204 -10.15 -17.56 25.89
N VAL B 205 -10.36 -18.32 26.97
CA VAL B 205 -11.18 -19.53 26.91
C VAL B 205 -12.29 -19.31 27.94
N GLY B 206 -12.45 -18.04 28.34
CA GLY B 206 -13.45 -17.63 29.32
C GLY B 206 -12.83 -17.16 30.63
N THR B 207 -13.68 -16.82 31.61
CA THR B 207 -13.23 -16.36 32.94
C THR B 207 -14.19 -16.79 34.05
N ASP B 208 -13.63 -17.13 35.21
CA ASP B 208 -14.46 -17.55 36.34
C ASP B 208 -14.86 -16.36 37.21
N ASN B 209 -14.22 -15.22 36.96
CA ASN B 209 -14.51 -13.99 37.68
C ASN B 209 -15.98 -13.59 37.55
N ILE B 210 -16.79 -13.99 38.50
CA ILE B 210 -18.20 -13.65 38.43
C ILE B 210 -18.49 -12.15 38.23
N ALA B 211 -17.59 -11.29 38.68
CA ALA B 211 -17.77 -9.84 38.54
C ALA B 211 -17.57 -9.36 37.11
N LEU B 212 -16.55 -9.89 36.44
CA LEU B 212 -16.25 -9.51 35.07
C LEU B 212 -17.30 -10.02 34.09
N LEU B 213 -17.90 -11.16 34.44
CA LEU B 213 -18.92 -11.73 33.57
C LEU B 213 -20.13 -10.79 33.59
N LYS B 214 -20.16 -9.88 34.57
CA LYS B 214 -21.25 -8.93 34.66
C LYS B 214 -20.84 -7.50 34.31
N ASP B 215 -19.59 -7.34 33.88
CA ASP B 215 -19.08 -6.02 33.49
C ASP B 215 -19.20 -5.83 31.98
N PRO B 216 -20.04 -4.89 31.55
CA PRO B 216 -20.28 -4.55 30.13
C PRO B 216 -19.04 -4.02 29.45
N PHE B 217 -17.95 -3.88 30.20
CA PHE B 217 -16.72 -3.38 29.62
C PHE B 217 -15.69 -4.50 29.45
N TYR B 218 -16.03 -5.69 29.96
CA TYR B 218 -15.15 -6.84 29.83
C TYR B 218 -14.80 -6.96 28.36
N GLY B 220 -13.45 -9.94 26.79
CA GLY B 220 -13.37 -11.29 26.27
C GLY B 220 -14.68 -12.04 26.25
N LEU B 221 -14.61 -13.36 26.04
CA LEU B 221 -15.81 -14.20 25.99
C LEU B 221 -16.59 -14.20 27.31
N TYR B 222 -17.87 -13.88 27.24
CA TYR B 222 -18.67 -13.85 28.46
C TYR B 222 -19.05 -15.29 28.83
N GLN B 223 -18.08 -16.02 29.38
CA GLN B 223 -18.32 -17.41 29.77
C GLN B 223 -17.30 -17.89 30.80
N LYS B 224 -17.65 -18.92 31.56
CA LYS B 224 -16.76 -19.47 32.56
C LYS B 224 -15.65 -20.26 31.88
N ARG B 225 -14.52 -20.42 32.57
CA ARG B 225 -13.37 -21.13 32.01
C ARG B 225 -13.65 -22.54 31.49
N ASP B 226 -13.22 -22.78 30.25
CA ASP B 226 -13.38 -24.09 29.61
C ASP B 226 -12.17 -24.91 30.02
N ARG B 227 -12.43 -25.96 30.81
CA ARG B 227 -11.36 -26.84 31.29
C ARG B 227 -11.25 -28.18 30.55
N THR B 228 -12.15 -28.44 29.60
CA THR B 228 -12.14 -29.69 28.87
C THR B 228 -10.86 -29.83 28.04
N GLN B 229 -10.76 -30.94 27.32
CA GLN B 229 -9.58 -31.20 26.49
C GLN B 229 -9.46 -30.19 25.35
N GLN B 230 -10.53 -29.43 25.16
CA GLN B 230 -10.58 -28.40 24.12
C GLN B 230 -9.52 -27.38 24.45
N TYR B 231 -9.48 -27.02 25.72
CA TYR B 231 -8.51 -26.06 26.23
C TYR B 231 -7.13 -26.49 25.76
N ASP B 232 -6.72 -27.71 26.13
CA ASP B 232 -5.42 -28.25 25.78
C ASP B 232 -5.11 -28.19 24.31
N ASP B 233 -6.08 -28.50 23.45
CA ASP B 233 -5.81 -28.47 22.01
C ASP B 233 -5.51 -27.07 21.57
N LEU B 234 -6.31 -26.12 22.06
CA LEU B 234 -6.08 -24.74 21.69
C LEU B 234 -4.61 -24.42 21.91
N ILE B 235 -4.16 -24.52 23.17
CA ILE B 235 -2.77 -24.26 23.52
C ILE B 235 -1.82 -25.03 22.62
N ASP B 236 -2.21 -26.24 22.25
CA ASP B 236 -1.37 -27.04 21.38
C ASP B 236 -1.39 -26.42 19.98
N GLU B 237 -2.59 -26.10 19.53
CA GLU B 237 -2.79 -25.50 18.22
C GLU B 237 -2.10 -24.14 18.14
N PHE B 238 -2.01 -23.49 19.29
CA PHE B 238 -1.38 -22.19 19.39
C PHE B 238 0.14 -22.34 19.25
N LYS B 240 1.86 -24.80 17.85
CA LYS B 240 2.27 -25.29 16.53
C LYS B 240 2.15 -24.14 15.53
N ALA B 241 1.08 -23.35 15.68
CA ALA B 241 0.81 -22.22 14.82
C ALA B 241 1.95 -21.20 14.83
N ILE B 242 2.37 -20.83 16.04
CA ILE B 242 3.45 -19.87 16.23
C ILE B 242 4.78 -20.31 15.67
N THR B 243 5.14 -21.55 15.96
CA THR B 243 6.40 -22.12 15.50
C THR B 243 6.46 -22.28 14.00
N ASP B 244 5.34 -22.61 13.38
CA ASP B 244 5.36 -22.81 11.94
C ASP B 244 5.59 -21.51 11.19
N ARG B 245 5.00 -20.42 11.66
CA ARG B 245 5.17 -19.12 11.01
C ARG B 245 6.52 -18.50 11.35
N TYR B 246 6.89 -18.56 12.63
CA TYR B 246 8.11 -17.94 13.09
C TYR B 246 9.30 -18.85 13.37
N GLY B 247 9.09 -20.15 13.46
CA GLY B 247 10.25 -21.01 13.69
C GLY B 247 10.24 -21.90 14.91
N ARG B 248 11.05 -22.94 14.86
CA ARG B 248 11.16 -23.91 15.95
C ARG B 248 11.68 -23.33 17.24
N ASN B 249 12.65 -22.42 17.14
CA ASN B 249 13.26 -21.81 18.31
C ASN B 249 12.67 -20.47 18.76
N THR B 250 11.44 -20.17 18.40
CA THR B 250 10.87 -18.91 18.86
C THR B 250 10.64 -19.01 20.39
N LEU B 251 11.16 -18.04 21.13
CA LEU B 251 11.01 -18.06 22.57
C LEU B 251 9.57 -17.90 22.97
N ILE B 252 9.11 -18.77 23.87
CA ILE B 252 7.74 -18.68 24.37
C ILE B 252 7.78 -18.65 25.89
N GLN B 253 7.72 -17.45 26.45
CA GLN B 253 7.72 -17.34 27.90
C GLN B 253 6.27 -17.48 28.34
N PHE B 254 6.01 -18.34 29.31
CA PHE B 254 4.67 -18.52 29.82
C PHE B 254 4.51 -17.61 31.03
N GLU B 255 3.34 -16.98 31.18
CA GLU B 255 3.14 -16.06 32.29
C GLU B 255 1.75 -16.06 32.88
N ASP B 256 1.69 -15.97 34.21
CA ASP B 256 0.44 -15.91 34.97
C ASP B 256 -0.69 -16.88 34.61
N PHE B 257 -0.36 -18.18 34.56
CA PHE B 257 -1.33 -19.21 34.27
C PHE B 257 -1.78 -19.74 35.63
N GLY B 258 -2.52 -20.83 35.66
CA GLY B 258 -2.94 -21.37 36.94
C GLY B 258 -1.92 -22.38 37.39
N ASN B 259 -1.90 -22.71 38.68
CA ASN B 259 -0.94 -23.67 39.21
C ASN B 259 -0.83 -24.92 38.34
N HIS B 260 -1.96 -25.62 38.20
CA HIS B 260 -2.05 -26.84 37.41
C HIS B 260 -1.46 -26.73 36.01
N ASN B 261 -2.03 -25.84 35.20
CA ASN B 261 -1.59 -25.63 33.81
C ASN B 261 -0.16 -25.20 33.71
N ALA B 262 0.26 -24.36 34.65
CA ALA B 262 1.63 -23.86 34.69
C ALA B 262 2.64 -24.99 34.57
N PHE B 263 2.55 -25.93 35.49
CA PHE B 263 3.44 -27.08 35.52
C PHE B 263 3.15 -28.01 34.36
N ARG B 264 1.89 -28.37 34.24
CA ARG B 264 1.41 -29.25 33.18
C ARG B 264 1.98 -28.87 31.81
N PHE B 265 1.81 -27.60 31.44
CA PHE B 265 2.30 -27.09 30.16
C PHE B 265 3.83 -26.99 30.09
N LEU B 266 4.46 -26.53 31.16
CA LEU B 266 5.92 -26.42 31.17
C LEU B 266 6.55 -27.77 30.86
N ARG B 267 6.27 -28.76 31.72
CA ARG B 267 6.78 -30.11 31.55
C ARG B 267 6.49 -30.63 30.14
N LYS B 268 5.23 -30.54 29.73
CA LYS B 268 4.79 -30.98 28.42
C LYS B 268 5.53 -30.33 27.26
N TYR B 269 5.91 -29.06 27.40
CA TYR B 269 6.57 -28.38 26.29
C TYR B 269 8.06 -28.10 26.37
N ARG B 270 8.62 -28.04 27.58
CA ARG B 270 10.03 -27.73 27.75
C ARG B 270 11.02 -28.50 26.90
N GLU B 271 10.67 -29.72 26.50
CA GLU B 271 11.58 -30.51 25.69
C GLU B 271 11.28 -30.49 24.20
N LYS B 272 10.15 -29.90 23.82
CA LYS B 272 9.78 -29.85 22.41
C LYS B 272 9.93 -28.46 21.79
N TYR B 273 9.69 -27.43 22.60
CA TYR B 273 9.77 -26.06 22.14
C TYR B 273 10.77 -25.24 22.96
N CYS B 274 11.07 -24.02 22.50
CA CYS B 274 11.98 -23.14 23.22
C CYS B 274 11.12 -22.33 24.18
N THR B 275 10.57 -23.00 25.19
CA THR B 275 9.68 -22.38 26.16
C THR B 275 10.14 -22.51 27.64
N PHE B 276 9.53 -21.71 28.51
CA PHE B 276 9.86 -21.70 29.93
C PHE B 276 8.80 -20.91 30.68
N ASN B 277 8.63 -21.19 31.96
CA ASN B 277 7.66 -20.45 32.74
C ASN B 277 8.37 -19.47 33.70
N ASP B 278 8.05 -18.19 33.52
CA ASP B 278 8.62 -17.08 34.29
C ASP B 278 8.28 -17.12 35.78
N ASP B 279 6.99 -17.33 36.07
CA ASP B 279 6.52 -17.38 37.44
C ASP B 279 7.19 -18.47 38.26
N ILE B 280 7.64 -19.54 37.57
CA ILE B 280 8.27 -20.68 38.24
C ILE B 280 9.76 -20.57 38.22
N GLN B 281 10.32 -20.56 37.01
CA GLN B 281 11.76 -20.50 36.84
C GLN B 281 12.38 -19.12 36.98
N GLY B 282 11.69 -18.08 36.49
CA GLY B 282 12.22 -16.73 36.61
C GLY B 282 12.29 -16.32 38.06
N THR B 283 11.22 -16.59 38.78
CA THR B 283 11.14 -16.26 40.20
C THR B 283 12.16 -17.04 41.04
N ALA B 284 12.50 -18.24 40.56
CA ALA B 284 13.46 -19.10 41.23
C ALA B 284 14.85 -18.50 41.16
N ALA B 285 15.21 -17.99 40.00
CA ALA B 285 16.53 -17.41 39.80
C ALA B 285 16.79 -16.15 40.65
N VAL B 286 15.79 -15.27 40.79
CA VAL B 286 15.99 -14.04 41.56
C VAL B 286 16.08 -14.30 43.06
N ALA B 287 15.13 -15.05 43.59
CA ALA B 287 15.12 -15.33 44.99
C ALA B 287 16.43 -16.01 45.38
N LEU B 288 16.88 -16.96 44.58
CA LEU B 288 18.13 -17.64 44.90
C LEU B 288 19.26 -16.62 44.99
N ALA B 289 19.29 -15.68 44.04
CA ALA B 289 20.33 -14.64 44.01
C ALA B 289 20.32 -13.76 45.27
N GLY B 290 19.12 -13.42 45.74
CA GLY B 290 19.02 -12.60 46.93
C GLY B 290 19.46 -13.39 48.15
N LEU B 291 19.15 -14.66 48.15
CA LEU B 291 19.51 -15.56 49.25
C LEU B 291 21.01 -15.77 49.24
N LEU B 292 21.62 -15.66 48.07
CA LEU B 292 23.05 -15.82 47.96
C LEU B 292 23.79 -14.60 48.54
N ALA B 293 23.33 -13.41 48.19
CA ALA B 293 23.95 -12.18 48.67
C ALA B 293 23.83 -12.14 50.18
N ALA B 294 22.68 -12.55 50.68
CA ALA B 294 22.49 -12.55 52.12
C ALA B 294 23.61 -13.39 52.73
N GLN B 295 23.75 -14.62 52.24
CA GLN B 295 24.77 -15.53 52.74
C GLN B 295 26.15 -14.91 52.79
N LYS B 296 26.31 -13.76 52.14
CA LYS B 296 27.59 -13.06 52.14
C LYS B 296 27.76 -12.30 53.45
N VAL B 297 26.65 -12.08 54.15
CA VAL B 297 26.70 -11.38 55.42
C VAL B 297 26.47 -12.34 56.58
N ILE B 298 25.71 -13.40 56.34
CA ILE B 298 25.45 -14.35 57.41
C ILE B 298 26.52 -15.43 57.47
N SER B 299 26.79 -16.06 56.33
CA SER B 299 27.76 -17.13 56.30
C SER B 299 27.31 -18.22 57.30
N LYS B 300 26.01 -18.48 57.29
CA LYS B 300 25.41 -19.47 58.16
C LYS B 300 25.73 -20.88 57.63
N PRO B 301 26.31 -21.74 58.49
CA PRO B 301 26.67 -23.11 58.12
C PRO B 301 25.56 -23.77 57.29
N ILE B 302 25.95 -24.35 56.16
CA ILE B 302 25.00 -25.00 55.28
C ILE B 302 24.11 -25.97 56.05
N SER B 303 24.72 -26.65 57.02
CA SER B 303 23.99 -27.61 57.85
C SER B 303 22.82 -26.92 58.56
N GLU B 304 23.09 -25.74 59.11
CA GLU B 304 22.05 -25.00 59.83
C GLU B 304 21.09 -24.18 58.98
N HIS B 305 20.95 -24.54 57.71
CA HIS B 305 20.03 -23.83 56.85
C HIS B 305 18.65 -24.44 56.95
N LYS B 306 17.67 -23.66 57.40
CA LYS B 306 16.31 -24.15 57.52
C LYS B 306 15.36 -23.09 56.98
N ILE B 307 14.74 -23.37 55.83
CA ILE B 307 13.82 -22.42 55.19
C ILE B 307 12.35 -22.79 55.26
N LEU B 308 11.49 -21.79 55.40
CA LEU B 308 10.05 -22.05 55.49
C LEU B 308 9.26 -21.12 54.58
N PHE B 309 8.59 -21.69 53.57
CA PHE B 309 7.78 -20.89 52.63
C PHE B 309 6.39 -20.73 53.16
N LEU B 310 5.75 -19.62 52.78
CA LEU B 310 4.37 -19.36 53.17
C LEU B 310 3.67 -19.46 51.83
N GLY B 311 3.19 -20.67 51.52
CA GLY B 311 2.54 -20.90 50.25
C GLY B 311 3.35 -21.95 49.51
N ALA B 312 2.66 -22.87 48.84
CA ALA B 312 3.35 -23.92 48.11
C ALA B 312 2.85 -24.01 46.66
N GLY B 313 2.94 -22.88 45.95
CA GLY B 313 2.49 -22.83 44.57
C GLY B 313 3.60 -22.78 43.54
N GLU B 314 3.27 -22.19 42.39
CA GLU B 314 4.21 -22.04 41.29
C GLU B 314 5.61 -21.59 41.71
N ALA B 315 5.71 -20.38 42.25
CA ALA B 315 6.99 -19.80 42.68
C ALA B 315 7.61 -20.55 43.84
N ALA B 316 6.78 -20.86 44.84
CA ALA B 316 7.24 -21.57 46.04
C ALA B 316 8.06 -22.79 45.64
N LEU B 317 7.44 -23.68 44.86
CA LEU B 317 8.09 -24.91 44.40
C LEU B 317 9.13 -24.62 43.34
N GLY B 318 9.15 -23.40 42.83
CA GLY B 318 10.15 -23.06 41.83
C GLY B 318 11.48 -22.72 42.48
N ILE B 319 11.43 -21.87 43.50
CA ILE B 319 12.66 -21.49 44.18
C ILE B 319 13.23 -22.65 45.00
N ALA B 320 12.35 -23.33 45.74
CA ALA B 320 12.78 -24.47 46.54
C ALA B 320 13.70 -25.36 45.72
N ASN B 321 13.29 -25.64 44.49
CA ASN B 321 14.04 -26.51 43.60
C ASN B 321 15.40 -25.94 43.21
N LEU B 322 15.45 -24.64 42.99
CA LEU B 322 16.72 -24.00 42.62
C LEU B 322 17.60 -23.93 43.87
N ILE B 323 16.95 -23.68 45.00
CA ILE B 323 17.65 -23.63 46.28
C ILE B 323 18.44 -24.93 46.42
N VAL B 324 17.72 -26.06 46.33
CA VAL B 324 18.31 -27.37 46.46
C VAL B 324 19.47 -27.59 45.47
N SER B 326 21.57 -25.60 44.30
CA SER B 326 22.78 -24.92 44.78
C SER B 326 23.38 -25.63 45.98
N VAL B 328 23.19 -28.55 46.71
CA VAL B 328 23.79 -29.76 46.20
C VAL B 328 25.15 -29.44 45.61
N GLU B 329 25.18 -28.45 44.71
CA GLU B 329 26.42 -28.05 44.08
C GLU B 329 27.51 -27.71 45.09
N ASN B 330 27.12 -27.41 46.32
CA ASN B 330 28.07 -27.07 47.38
C ASN B 330 28.12 -28.14 48.46
N GLY B 331 27.90 -29.40 48.06
CA GLY B 331 27.92 -30.49 49.01
C GLY B 331 26.61 -31.26 49.04
N LEU B 332 25.86 -31.06 50.12
CA LEU B 332 24.56 -31.72 50.34
C LEU B 332 24.02 -32.68 49.30
N SER B 333 23.31 -33.69 49.77
CA SER B 333 22.70 -34.65 48.89
C SER B 333 21.31 -34.09 48.57
N GLU B 334 20.79 -34.42 47.40
CA GLU B 334 19.48 -33.93 46.99
C GLU B 334 18.50 -34.17 48.12
N GLN B 335 18.68 -35.31 48.77
CA GLN B 335 17.82 -35.71 49.86
C GLN B 335 17.83 -34.75 51.05
N GLU B 336 19.01 -34.57 51.65
CA GLU B 336 19.15 -33.70 52.82
C GLU B 336 18.76 -32.24 52.53
N ALA B 337 19.12 -31.76 51.35
CA ALA B 337 18.77 -30.40 50.96
C ALA B 337 17.25 -30.19 51.16
N GLN B 338 16.45 -30.97 50.44
CA GLN B 338 14.99 -30.85 50.51
C GLN B 338 14.44 -30.97 51.92
N LYS B 339 15.17 -31.69 52.76
CA LYS B 339 14.75 -31.88 54.13
C LYS B 339 14.98 -30.60 54.93
N LYS B 340 15.78 -29.70 54.37
CA LYS B 340 16.05 -28.42 55.01
C LYS B 340 14.99 -27.41 54.59
N ILE B 341 14.05 -27.85 53.75
CA ILE B 341 12.99 -26.99 53.22
C ILE B 341 11.57 -27.39 53.63
N TRP B 342 10.81 -26.42 54.13
CA TRP B 342 9.43 -26.62 54.59
C TRP B 342 8.48 -25.63 53.90
N PHE B 344 4.21 -24.12 53.93
CA PHE B 344 2.99 -24.00 54.70
C PHE B 344 1.95 -23.26 53.85
N ASP B 345 0.98 -24.00 53.32
CA ASP B 345 -0.03 -23.43 52.46
C ASP B 345 -1.30 -23.06 53.20
N LYS B 346 -2.32 -22.71 52.43
CA LYS B 346 -3.62 -22.30 52.96
C LYS B 346 -4.30 -23.34 53.85
N TYR B 347 -3.73 -24.54 53.90
CA TYR B 347 -4.27 -25.62 54.70
C TYR B 347 -3.41 -25.90 55.91
N GLY B 348 -2.15 -25.47 55.85
CA GLY B 348 -1.26 -25.70 56.97
C GLY B 348 0.07 -26.29 56.55
N LEU B 349 0.86 -26.70 57.53
CA LEU B 349 2.15 -27.23 57.20
C LEU B 349 2.05 -28.49 56.34
N LEU B 350 2.91 -28.55 55.32
CA LEU B 350 2.96 -29.68 54.41
C LEU B 350 3.70 -30.85 55.07
N VAL B 351 2.93 -31.71 55.73
CA VAL B 351 3.48 -32.89 56.41
C VAL B 351 2.83 -34.17 55.88
N LYS B 352 3.60 -35.26 55.93
CA LYS B 352 3.15 -36.54 55.43
C LYS B 352 1.90 -37.06 56.13
N GLY B 353 0.89 -37.40 55.34
CA GLY B 353 -0.35 -37.92 55.89
C GLY B 353 -1.45 -36.91 56.12
N ARG B 354 -1.19 -35.62 55.89
CA ARG B 354 -2.22 -34.60 56.11
C ARG B 354 -3.49 -34.77 55.25
N LYS B 355 -4.61 -34.23 55.72
CA LYS B 355 -5.85 -34.31 54.99
C LYS B 355 -5.65 -33.73 53.59
N ALA B 356 -5.43 -32.41 53.53
CA ALA B 356 -5.21 -31.73 52.25
C ALA B 356 -4.18 -32.46 51.38
N LYS B 357 -4.45 -32.48 50.08
CA LYS B 357 -3.62 -33.17 49.11
C LYS B 357 -2.23 -32.58 48.89
N ILE B 358 -1.28 -33.44 48.59
CA ILE B 358 0.09 -33.02 48.28
C ILE B 358 0.18 -33.47 46.84
N ASP B 359 1.14 -32.96 46.07
CA ASP B 359 1.22 -33.36 44.69
C ASP B 359 2.64 -33.54 44.19
N SER B 360 2.77 -34.28 43.10
CA SER B 360 4.07 -34.56 42.49
C SER B 360 5.21 -33.65 42.94
N TYR B 361 5.02 -32.35 42.77
CA TYR B 361 6.07 -31.38 43.10
C TYR B 361 6.29 -31.08 44.59
N GLN B 362 5.21 -30.98 45.35
CA GLN B 362 5.29 -30.72 46.76
C GLN B 362 5.99 -31.87 47.49
N GLU B 363 5.58 -33.10 47.19
CA GLU B 363 6.09 -34.33 47.80
C GLU B 363 7.50 -34.31 48.45
N PRO B 364 8.55 -33.97 47.68
CA PRO B 364 9.90 -33.94 48.25
C PRO B 364 10.16 -32.88 49.34
N PHE B 365 9.13 -32.13 49.70
CA PHE B 365 9.27 -31.09 50.72
C PHE B 365 8.14 -31.27 51.71
N THR B 366 7.40 -32.35 51.51
CA THR B 366 6.28 -32.70 52.39
C THR B 366 6.94 -33.71 53.30
N HIS B 367 7.32 -33.24 54.50
CA HIS B 367 8.03 -34.05 55.49
C HIS B 367 7.18 -34.67 56.58
N SER B 368 7.84 -35.53 57.36
CA SER B 368 7.20 -36.23 58.47
C SER B 368 6.79 -35.28 59.58
N ALA B 369 5.49 -35.24 59.85
CA ALA B 369 4.93 -34.38 60.87
C ALA B 369 5.88 -34.05 62.02
N PRO B 370 5.76 -32.82 62.57
CA PRO B 370 6.61 -32.37 63.68
C PRO B 370 5.91 -32.65 65.01
N GLU B 371 6.71 -32.75 66.08
CA GLU B 371 6.21 -33.01 67.42
C GLU B 371 4.88 -32.29 67.70
N SER B 372 4.75 -31.07 67.17
CA SER B 372 3.54 -30.28 67.36
C SER B 372 3.08 -29.73 66.01
N ILE B 373 1.78 -29.84 65.72
CA ILE B 373 1.26 -29.38 64.44
C ILE B 373 0.89 -27.89 64.46
N PRO B 374 1.68 -27.07 63.75
CA PRO B 374 1.42 -25.62 63.70
C PRO B 374 0.02 -25.32 63.20
N ASP B 375 -0.73 -24.55 63.98
CA ASP B 375 -2.07 -24.16 63.58
C ASP B 375 -2.09 -22.81 62.82
N THR B 376 -1.12 -21.95 63.10
CA THR B 376 -1.02 -20.64 62.45
C THR B 376 0.40 -20.52 61.90
N PHE B 377 0.68 -19.47 61.12
CA PHE B 377 2.03 -19.36 60.58
C PHE B 377 3.01 -18.90 61.65
N GLU B 378 2.48 -18.36 62.74
CA GLU B 378 3.28 -17.91 63.88
C GLU B 378 3.86 -19.19 64.54
N ASP B 379 2.96 -20.11 64.85
CA ASP B 379 3.35 -21.37 65.44
C ASP B 379 4.41 -22.03 64.59
N ALA B 380 4.06 -22.29 63.34
CA ALA B 380 4.98 -22.94 62.42
C ALA B 380 6.38 -22.34 62.57
N VAL B 381 6.42 -21.03 62.72
CA VAL B 381 7.68 -20.30 62.86
C VAL B 381 8.34 -20.68 64.17
N ASN B 382 7.54 -20.63 65.24
CA ASN B 382 8.05 -20.95 66.55
C ASN B 382 8.48 -22.42 66.70
N ILE B 383 7.73 -23.33 66.10
CA ILE B 383 8.08 -24.75 66.21
C ILE B 383 9.33 -25.08 65.40
N LEU B 384 9.24 -24.92 64.09
CA LEU B 384 10.35 -25.21 63.19
C LEU B 384 11.53 -24.24 63.36
N LYS B 385 11.25 -23.03 63.83
CA LYS B 385 12.30 -22.01 64.04
C LYS B 385 13.25 -21.91 62.86
N PRO B 386 12.78 -21.38 61.73
CA PRO B 386 13.61 -21.23 60.52
C PRO B 386 14.49 -20.00 60.49
N SER B 387 15.52 -20.06 59.64
CA SER B 387 16.44 -18.96 59.45
C SER B 387 15.87 -18.03 58.37
N THR B 388 15.30 -18.63 57.32
CA THR B 388 14.72 -17.88 56.24
C THR B 388 13.22 -18.06 56.24
N ILE B 389 12.52 -17.05 55.75
CA ILE B 389 11.07 -17.09 55.64
C ILE B 389 10.76 -16.47 54.27
N ILE B 390 9.95 -17.15 53.47
CA ILE B 390 9.62 -16.66 52.13
C ILE B 390 8.12 -16.59 51.85
N GLY B 391 7.63 -15.38 51.55
CA GLY B 391 6.22 -15.17 51.25
C GLY B 391 5.91 -15.24 49.77
N VAL B 392 5.03 -16.18 49.42
CA VAL B 392 4.61 -16.40 48.05
C VAL B 392 3.18 -16.97 48.05
N ALA B 393 2.31 -16.37 48.85
CA ALA B 393 0.93 -16.79 48.96
C ALA B 393 -0.02 -15.86 48.21
N GLY B 394 0.48 -14.68 47.86
CA GLY B 394 -0.32 -13.70 47.15
C GLY B 394 -1.57 -13.39 47.93
N ALA B 395 -1.53 -13.69 49.22
CA ALA B 395 -2.67 -13.50 50.10
C ALA B 395 -2.67 -12.33 51.08
N GLY B 396 -1.77 -11.37 50.95
CA GLY B 396 -1.78 -10.24 51.87
C GLY B 396 -0.73 -10.33 52.97
N ARG B 397 -0.80 -9.41 53.94
CA ARG B 397 0.17 -9.34 55.03
C ARG B 397 0.12 -10.48 56.05
N LEU B 398 0.63 -11.64 55.68
CA LEU B 398 0.62 -12.80 56.57
C LEU B 398 1.87 -12.84 57.46
N PHE B 399 2.85 -12.01 57.13
CA PHE B 399 4.06 -11.93 57.93
C PHE B 399 3.75 -10.86 58.97
N THR B 400 2.86 -11.20 59.89
CA THR B 400 2.45 -10.28 60.91
C THR B 400 3.61 -9.96 61.83
N PRO B 401 3.48 -8.87 62.60
CA PRO B 401 4.47 -8.39 63.56
C PRO B 401 4.99 -9.48 64.50
N ASP B 402 4.06 -10.20 65.11
CA ASP B 402 4.38 -11.27 66.02
C ASP B 402 5.29 -12.28 65.31
N VAL B 403 5.08 -12.42 64.00
CA VAL B 403 5.88 -13.33 63.18
C VAL B 403 7.29 -12.76 63.02
N ILE B 404 7.37 -11.52 62.52
CA ILE B 404 8.66 -10.85 62.33
C ILE B 404 9.34 -10.77 63.68
N ARG B 405 8.57 -10.41 64.70
CA ARG B 405 9.12 -10.32 66.05
C ARG B 405 9.69 -11.69 66.44
N ALA B 406 9.02 -12.75 66.00
CA ALA B 406 9.46 -14.10 66.30
C ALA B 406 10.77 -14.40 65.59
N ALA B 408 12.90 -12.40 64.68
CA ALA B 408 13.94 -11.59 65.30
C ALA B 408 14.49 -12.35 66.50
N SER B 409 13.62 -12.85 67.34
CA SER B 409 14.07 -13.59 68.50
C SER B 409 14.85 -14.83 68.07
N ILE B 410 14.20 -15.67 67.27
CA ILE B 410 14.79 -16.90 66.78
C ILE B 410 16.20 -16.74 66.22
N ASN B 411 16.40 -15.80 65.30
CA ASN B 411 17.73 -15.60 64.72
C ASN B 411 18.30 -14.20 64.93
N GLU B 412 19.62 -14.11 64.84
CA GLU B 412 20.31 -12.84 64.99
C GLU B 412 19.90 -12.01 63.80
N ARG B 413 20.19 -12.53 62.61
CA ARG B 413 19.85 -11.84 61.38
C ARG B 413 18.85 -12.67 60.57
N PRO B 414 17.56 -12.61 60.93
CA PRO B 414 16.63 -13.40 60.14
C PRO B 414 16.58 -12.87 58.70
N VAL B 415 16.12 -13.74 57.81
CA VAL B 415 15.97 -13.42 56.40
C VAL B 415 14.46 -13.39 56.16
N ILE B 416 13.94 -12.20 55.84
CA ILE B 416 12.51 -12.05 55.57
C ILE B 416 12.26 -11.64 54.14
N PHE B 417 11.64 -12.53 53.37
CA PHE B 417 11.31 -12.28 51.97
C PHE B 417 9.81 -12.30 51.74
N ALA B 418 9.21 -11.16 51.40
CA ALA B 418 7.77 -11.10 51.11
C ALA B 418 7.71 -10.74 49.64
N LEU B 419 7.63 -11.74 48.78
CA LEU B 419 7.63 -11.48 47.32
C LEU B 419 6.31 -11.44 46.57
N SER B 420 5.18 -11.52 47.29
CA SER B 420 3.88 -11.47 46.61
C SER B 420 3.60 -10.07 46.04
N ASN B 421 2.98 -10.04 44.86
CA ASN B 421 2.61 -8.80 44.19
C ASN B 421 1.08 -8.77 43.97
N PRO B 422 0.50 -7.56 43.92
CA PRO B 422 1.16 -6.26 44.06
C PRO B 422 1.28 -5.88 45.54
N THR B 423 1.81 -4.70 45.82
CA THR B 423 2.03 -4.25 47.20
C THR B 423 0.93 -4.56 48.19
N ALA B 424 -0.33 -4.47 47.78
CA ALA B 424 -1.42 -4.75 48.72
C ALA B 424 -1.50 -6.20 49.18
N GLN B 425 -0.93 -7.12 48.40
CA GLN B 425 -0.95 -8.53 48.75
C GLN B 425 0.38 -8.96 49.29
N ALA B 426 1.29 -8.00 49.48
CA ALA B 426 2.62 -8.31 50.00
C ALA B 426 2.47 -8.80 51.44
N GLU B 427 3.32 -9.76 51.82
CA GLU B 427 3.32 -10.37 53.16
C GLU B 427 3.58 -9.38 54.29
N CYS B 428 4.43 -8.38 54.00
CA CYS B 428 4.77 -7.32 54.96
C CYS B 428 5.57 -6.24 54.24
N THR B 429 5.69 -5.07 54.90
CA THR B 429 6.41 -3.92 54.35
C THR B 429 7.83 -3.84 54.86
N ALA B 430 8.67 -3.07 54.16
CA ALA B 430 10.07 -2.91 54.58
C ALA B 430 10.15 -2.18 55.92
N GLU B 431 9.20 -1.27 56.16
CA GLU B 431 9.18 -0.53 57.42
C GLU B 431 8.91 -1.51 58.54
N GLU B 432 7.95 -2.39 58.30
CA GLU B 432 7.59 -3.40 59.27
C GLU B 432 8.80 -4.31 59.48
N ALA B 433 9.30 -4.91 58.41
CA ALA B 433 10.46 -5.79 58.49
C ALA B 433 11.60 -5.16 59.28
N TYR B 434 12.14 -4.06 58.77
CA TYR B 434 13.25 -3.36 59.42
C TYR B 434 12.94 -2.85 60.83
N THR B 435 11.86 -2.08 61.01
CA THR B 435 11.55 -1.57 62.34
C THR B 435 11.39 -2.69 63.40
N LEU B 436 10.51 -3.64 63.14
CA LEU B 436 10.24 -4.72 64.08
C LEU B 436 11.41 -5.65 64.44
N THR B 437 12.51 -5.60 63.70
CA THR B 437 13.64 -6.45 64.02
C THR B 437 14.84 -5.62 64.41
N GLU B 438 14.61 -4.33 64.61
CA GLU B 438 15.68 -3.42 64.99
C GLU B 438 16.80 -3.41 63.96
N GLY B 439 16.42 -3.44 62.68
CA GLY B 439 17.39 -3.40 61.61
C GLY B 439 18.32 -4.58 61.49
N ARG B 440 17.97 -5.69 62.12
CA ARG B 440 18.80 -6.89 62.06
C ARG B 440 18.39 -7.88 60.96
N CYS B 441 17.24 -7.64 60.33
CA CYS B 441 16.78 -8.54 59.28
C CYS B 441 17.39 -8.20 57.93
N LEU B 442 17.26 -9.15 57.02
CA LEU B 442 17.74 -8.97 55.65
C LEU B 442 16.43 -9.14 54.88
N PHE B 443 15.96 -8.05 54.31
CA PHE B 443 14.69 -8.01 53.62
C PHE B 443 14.70 -7.74 52.12
N ALA B 444 13.77 -8.37 51.42
CA ALA B 444 13.60 -8.18 49.98
C ALA B 444 12.10 -8.26 49.73
N SER B 445 11.63 -7.47 48.76
CA SER B 445 10.20 -7.43 48.40
C SER B 445 9.96 -7.67 46.90
N GLY B 446 8.75 -8.09 46.58
CA GLY B 446 8.43 -8.30 45.18
C GLY B 446 8.10 -6.95 44.57
N SER B 447 7.39 -6.12 45.33
CA SER B 447 7.02 -4.77 44.86
C SER B 447 8.04 -3.73 45.36
N PRO B 448 7.88 -2.44 44.97
CA PRO B 448 8.79 -1.38 45.37
C PRO B 448 8.53 -0.70 46.70
N PHE B 449 9.59 -0.46 47.47
CA PHE B 449 9.53 0.20 48.76
C PHE B 449 10.69 1.19 48.93
N GLY B 450 10.41 2.35 49.52
CA GLY B 450 11.47 3.33 49.72
C GLY B 450 12.31 3.03 50.95
N PRO B 451 13.47 3.70 51.12
CA PRO B 451 14.40 3.52 52.25
C PRO B 451 13.74 3.74 53.60
N VAL B 452 14.17 2.96 54.59
CA VAL B 452 13.63 3.04 55.94
C VAL B 452 14.65 3.62 56.91
N LYS B 453 14.20 4.64 57.65
CA LYS B 453 15.05 5.29 58.66
C LYS B 453 14.49 4.97 60.04
N LEU B 454 15.24 4.20 60.82
CA LEU B 454 14.77 3.85 62.14
C LEU B 454 14.86 5.01 63.11
N THR B 455 14.04 4.93 64.16
CA THR B 455 13.97 5.95 65.20
C THR B 455 15.39 6.30 65.68
N ASP B 456 16.33 5.38 65.50
CA ASP B 456 17.69 5.62 65.93
C ASP B 456 18.63 6.16 64.83
N GLY B 457 18.06 6.70 63.76
CA GLY B 457 18.87 7.25 62.68
C GLY B 457 19.40 6.33 61.61
N ARG B 458 19.43 5.03 61.86
CA ARG B 458 19.91 4.10 60.86
C ARG B 458 18.98 4.05 59.64
N VAL B 459 19.57 4.01 58.45
CA VAL B 459 18.79 3.97 57.22
C VAL B 459 19.09 2.72 56.40
N PHE B 460 18.05 1.94 56.13
CA PHE B 460 18.18 0.70 55.37
C PHE B 460 17.44 0.79 54.04
N THR B 461 18.18 0.57 52.94
CA THR B 461 17.61 0.61 51.60
C THR B 461 17.36 -0.82 51.14
N PRO B 462 16.08 -1.19 50.97
CA PRO B 462 15.70 -2.54 50.56
C PRO B 462 15.92 -2.85 49.09
N GLY B 463 15.90 -4.15 48.78
CA GLY B 463 16.07 -4.61 47.42
C GLY B 463 14.73 -5.13 46.90
N GLN B 464 14.62 -5.37 45.60
CA GLN B 464 13.37 -5.87 45.04
C GLN B 464 13.57 -7.23 44.36
N GLY B 465 13.04 -8.27 44.97
CA GLY B 465 13.17 -9.60 44.38
C GLY B 465 12.11 -9.75 43.32
N ASN B 466 12.47 -9.45 42.08
CA ASN B 466 11.54 -9.54 40.96
C ASN B 466 12.23 -10.17 39.77
N ASN B 467 11.58 -11.15 39.15
CA ASN B 467 12.19 -11.82 38.00
C ASN B 467 12.50 -10.83 36.88
N VAL B 468 12.09 -9.57 37.05
CA VAL B 468 12.35 -8.56 36.05
C VAL B 468 13.85 -8.41 35.96
N TYR B 469 14.54 -8.86 37.00
CA TYR B 469 16.00 -8.80 37.04
C TYR B 469 16.53 -10.01 36.27
N ILE B 470 15.65 -10.94 35.91
CA ILE B 470 16.08 -12.15 35.23
C ILE B 470 15.56 -12.42 33.83
N PHE B 471 14.25 -12.35 33.61
CA PHE B 471 13.79 -12.68 32.27
C PHE B 471 14.35 -11.88 31.09
N PRO B 472 14.52 -10.56 31.25
CA PRO B 472 15.06 -9.89 30.07
C PRO B 472 16.45 -10.36 29.63
N GLY B 473 17.35 -10.59 30.58
CA GLY B 473 18.70 -11.00 30.25
C GLY B 473 18.84 -12.42 29.74
N VAL B 474 18.02 -13.31 30.27
CA VAL B 474 18.07 -14.69 29.83
C VAL B 474 17.50 -14.76 28.43
N ALA B 475 16.33 -14.14 28.25
CA ALA B 475 15.67 -14.11 26.96
C ALA B 475 16.63 -13.64 25.87
N LEU B 476 17.38 -12.56 26.15
CA LEU B 476 18.35 -12.04 25.19
C LEU B 476 19.37 -13.08 24.80
N ALA B 477 19.92 -13.77 25.80
CA ALA B 477 20.94 -14.81 25.59
C ALA B 477 20.48 -15.99 24.74
N VAL B 478 19.32 -16.55 25.09
CA VAL B 478 18.76 -17.67 24.35
C VAL B 478 18.63 -17.28 22.88
N ILE B 479 17.83 -16.27 22.61
CA ILE B 479 17.62 -15.77 21.26
C ILE B 479 18.89 -15.61 20.41
N LEU B 480 19.85 -14.82 20.90
CA LEU B 480 21.09 -14.56 20.19
C LEU B 480 21.87 -15.84 19.93
N CYS B 481 21.67 -16.83 20.80
CA CYS B 481 22.36 -18.11 20.71
C CYS B 481 21.63 -19.13 19.86
N ASN B 482 20.39 -18.82 19.49
CA ASN B 482 19.58 -19.72 18.69
C ASN B 482 19.43 -21.02 19.45
N THR B 483 19.18 -20.88 20.76
CA THR B 483 18.97 -22.00 21.63
C THR B 483 17.66 -22.68 21.22
N ARG B 484 17.49 -23.95 21.58
CA ARG B 484 16.26 -24.65 21.22
C ARG B 484 15.48 -25.01 22.46
N HIS B 485 16.19 -25.19 23.56
CA HIS B 485 15.53 -25.55 24.82
C HIS B 485 16.23 -24.92 26.02
N ILE B 486 15.43 -24.66 27.06
CA ILE B 486 15.93 -24.04 28.28
C ILE B 486 15.90 -24.98 29.50
N SER B 487 17.09 -25.27 30.02
CA SER B 487 17.25 -26.12 31.19
C SER B 487 17.20 -25.28 32.45
N ASP B 488 16.95 -25.93 33.57
CA ASP B 488 16.88 -25.21 34.84
C ASP B 488 18.27 -24.74 35.26
N SER B 489 19.31 -25.33 34.67
CA SER B 489 20.68 -24.95 35.02
C SER B 489 21.04 -23.62 34.37
N VAL B 490 20.16 -23.12 33.52
CA VAL B 490 20.42 -21.86 32.86
C VAL B 490 20.05 -20.76 33.83
N PHE B 491 19.05 -21.03 34.67
CA PHE B 491 18.62 -20.06 35.66
C PHE B 491 19.59 -20.02 36.83
N LEU B 492 20.18 -21.16 37.14
CA LEU B 492 21.15 -21.26 38.23
C LEU B 492 22.30 -20.34 37.86
N GLU B 493 22.63 -20.32 36.58
CA GLU B 493 23.71 -19.48 36.10
C GLU B 493 23.28 -18.02 36.17
N ALA B 494 22.07 -17.76 35.70
CA ALA B 494 21.55 -16.39 35.69
C ALA B 494 21.56 -15.84 37.12
N ALA B 495 21.06 -16.64 38.04
CA ALA B 495 20.99 -16.25 39.44
C ALA B 495 22.36 -15.92 39.97
N LYS B 496 23.37 -16.59 39.43
CA LYS B 496 24.76 -16.37 39.85
C LYS B 496 25.33 -15.12 39.19
N ALA B 497 24.95 -14.90 37.94
CA ALA B 497 25.43 -13.75 37.18
C ALA B 497 24.93 -12.46 37.80
N LEU B 498 23.69 -12.47 38.26
CA LEU B 498 23.10 -11.30 38.87
C LEU B 498 23.75 -10.96 40.23
N THR B 499 23.65 -11.90 41.16
CA THR B 499 24.20 -11.75 42.51
C THR B 499 25.69 -11.42 42.47
N SER B 500 26.39 -11.94 41.48
CA SER B 500 27.82 -11.69 41.35
C SER B 500 28.09 -10.23 41.00
N GLN B 501 27.05 -9.50 40.65
CA GLN B 501 27.20 -8.10 40.28
C GLN B 501 26.99 -7.17 41.46
N LEU B 502 26.67 -7.75 42.61
CA LEU B 502 26.44 -6.97 43.82
C LEU B 502 27.76 -6.46 44.43
N THR B 503 27.71 -5.23 44.94
CA THR B 503 28.89 -4.63 45.58
C THR B 503 28.67 -4.60 47.11
N ASP B 504 29.74 -4.87 47.84
CA ASP B 504 29.66 -4.86 49.30
C ASP B 504 29.00 -3.58 49.78
N GLU B 505 29.29 -2.49 49.10
CA GLU B 505 28.77 -1.16 49.42
C GLU B 505 27.25 -1.09 49.37
N GLU B 506 26.67 -1.66 48.31
CA GLU B 506 25.23 -1.68 48.13
C GLU B 506 24.73 -2.70 49.13
N LEU B 507 25.57 -3.69 49.35
CA LEU B 507 25.31 -4.78 50.29
C LEU B 507 25.22 -4.21 51.70
N ALA B 508 26.12 -3.26 51.96
CA ALA B 508 26.21 -2.57 53.24
C ALA B 508 25.00 -1.68 53.55
N GLN B 509 24.27 -1.25 52.52
CA GLN B 509 23.10 -0.42 52.74
C GLN B 509 21.87 -1.29 53.01
N GLY B 510 22.02 -2.60 52.82
CA GLY B 510 20.93 -3.52 53.06
C GLY B 510 20.29 -4.05 51.79
N ARG B 511 20.98 -3.88 50.68
CA ARG B 511 20.47 -4.35 49.40
C ARG B 511 21.14 -5.65 48.95
N LEU B 512 20.31 -6.62 48.57
CA LEU B 512 20.77 -7.93 48.11
C LEU B 512 20.69 -8.04 46.59
N TYR B 513 20.49 -6.90 45.93
CA TYR B 513 20.37 -6.86 44.48
C TYR B 513 20.99 -5.60 43.91
N PRO B 514 21.66 -5.68 42.75
CA PRO B 514 22.23 -4.46 42.21
C PRO B 514 21.13 -3.38 42.20
N PRO B 515 21.49 -2.11 41.99
CA PRO B 515 20.44 -1.08 41.99
C PRO B 515 19.54 -1.14 40.78
N LEU B 516 18.29 -0.74 40.98
CA LEU B 516 17.31 -0.76 39.91
C LEU B 516 17.75 0.15 38.77
N ALA B 517 18.31 1.30 39.13
CA ALA B 517 18.78 2.25 38.14
C ALA B 517 19.75 1.65 37.12
N ASN B 518 20.45 0.57 37.47
CA ASN B 518 21.40 -0.07 36.53
C ASN B 518 20.88 -1.31 35.82
N ILE B 519 19.58 -1.61 36.01
CA ILE B 519 18.98 -2.79 35.41
C ILE B 519 19.35 -3.07 33.96
N GLN B 520 19.66 -2.02 33.20
CA GLN B 520 20.03 -2.20 31.81
C GLN B 520 21.38 -2.89 31.66
N GLU B 521 22.40 -2.43 32.37
CA GLU B 521 23.70 -3.08 32.22
C GLU B 521 23.74 -4.43 32.93
N VAL B 522 23.02 -4.56 34.03
CA VAL B 522 22.98 -5.82 34.77
C VAL B 522 22.46 -6.85 33.78
N SER B 523 21.34 -6.51 33.14
CA SER B 523 20.69 -7.39 32.18
C SER B 523 21.65 -7.86 31.10
N ILE B 524 22.32 -6.92 30.44
CA ILE B 524 23.28 -7.30 29.41
C ILE B 524 24.36 -8.16 30.05
N ASN B 525 24.91 -7.69 31.16
CA ASN B 525 25.95 -8.43 31.85
C ASN B 525 25.48 -9.83 32.15
N ILE B 526 24.20 -9.95 32.47
CA ILE B 526 23.65 -11.26 32.76
C ILE B 526 23.50 -12.01 31.44
N ALA B 527 23.13 -11.28 30.40
CA ALA B 527 22.98 -11.89 29.09
C ALA B 527 24.32 -12.38 28.59
N ILE B 528 25.39 -11.66 28.91
CA ILE B 528 26.72 -12.07 28.46
C ILE B 528 27.21 -13.34 29.13
N LYS B 529 26.83 -13.56 30.39
CA LYS B 529 27.28 -14.76 31.10
C LYS B 529 26.55 -16.00 30.61
N VAL B 530 25.25 -15.88 30.49
CA VAL B 530 24.43 -16.99 30.05
C VAL B 530 24.74 -17.49 28.64
N THR B 531 25.03 -16.59 27.71
CA THR B 531 25.32 -17.05 26.36
C THR B 531 26.67 -17.72 26.30
N GLU B 532 27.45 -17.57 27.35
CA GLU B 532 28.75 -18.20 27.38
C GLU B 532 28.57 -19.61 27.91
N TYR B 533 27.59 -19.74 28.79
CA TYR B 533 27.25 -21.01 29.39
C TYR B 533 26.57 -21.87 28.33
N LEU B 534 25.67 -21.27 27.56
CA LEU B 534 24.96 -22.00 26.49
C LEU B 534 25.99 -22.55 25.51
N TYR B 535 26.80 -21.66 24.95
CA TYR B 535 27.84 -22.07 24.01
C TYR B 535 28.80 -23.09 24.62
N ALA B 536 29.14 -22.91 25.88
CA ALA B 536 30.09 -23.80 26.55
C ALA B 536 29.50 -25.18 26.90
N ASN B 537 28.18 -25.29 26.87
CA ASN B 537 27.52 -26.56 27.18
C ASN B 537 26.83 -27.13 25.93
N LYS B 538 27.25 -26.61 24.78
CA LYS B 538 26.74 -27.04 23.50
C LYS B 538 25.24 -26.87 23.38
N ALA B 540 24.09 -23.77 22.27
CA ALA B 540 23.94 -22.62 21.39
C ALA B 540 24.19 -23.09 19.97
N PHE B 541 23.30 -22.71 19.05
CA PHE B 541 23.44 -23.13 17.67
C PHE B 541 23.72 -22.02 16.70
N ARG B 542 23.89 -20.81 17.21
CA ARG B 542 24.21 -19.71 16.34
C ARG B 542 25.57 -20.08 15.77
N TYR B 543 25.81 -19.73 14.51
CA TYR B 543 27.10 -20.05 13.91
C TYR B 543 27.54 -18.94 12.97
N PRO B 544 28.82 -18.58 13.01
CA PRO B 544 29.86 -19.15 13.87
C PRO B 544 29.75 -18.69 15.33
N GLU B 545 30.59 -19.27 16.19
CA GLU B 545 30.61 -18.91 17.60
C GLU B 545 31.47 -17.65 17.79
N PRO B 546 30.96 -16.67 18.54
CA PRO B 546 31.75 -15.43 18.73
C PRO B 546 32.94 -15.67 19.64
N GLU B 547 34.06 -15.04 19.31
CA GLU B 547 35.22 -15.21 20.16
C GLU B 547 34.99 -14.35 21.38
N ASP B 548 34.65 -13.09 21.15
CA ASP B 548 34.37 -12.20 22.27
C ASP B 548 32.88 -12.15 22.53
N LYS B 549 32.43 -12.99 23.46
CA LYS B 549 31.01 -13.08 23.77
C LYS B 549 30.35 -11.77 24.26
N ALA B 550 31.11 -10.86 24.82
CA ALA B 550 30.52 -9.61 25.29
C ALA B 550 30.44 -8.59 24.18
N LYS B 551 31.42 -8.60 23.29
CA LYS B 551 31.45 -7.68 22.17
C LYS B 551 30.27 -8.07 21.29
N TYR B 552 30.04 -9.38 21.20
CA TYR B 552 28.97 -9.94 20.40
C TYR B 552 27.59 -9.48 20.84
N VAL B 553 27.34 -9.46 22.15
CA VAL B 553 26.03 -9.05 22.67
C VAL B 553 25.77 -7.54 22.60
N LYS B 554 26.69 -6.74 23.14
CA LYS B 554 26.54 -5.28 23.13
C LYS B 554 26.39 -4.79 21.70
N GLU B 555 26.95 -5.55 20.78
CA GLU B 555 26.89 -5.21 19.35
C GLU B 555 25.48 -5.40 18.77
N ARG B 556 24.67 -6.22 19.45
CA ARG B 556 23.32 -6.51 18.95
C ARG B 556 22.14 -5.96 19.72
N THR B 557 22.33 -4.92 20.51
CA THR B 557 21.19 -4.40 21.27
C THR B 557 20.46 -3.30 20.51
N TRP B 558 19.17 -3.15 20.78
CA TRP B 558 18.36 -2.14 20.11
C TRP B 558 18.43 -0.81 20.88
N ARG B 559 18.77 0.28 20.17
CA ARG B 559 18.87 1.61 20.77
C ARG B 559 17.61 2.43 20.51
N SER B 560 17.26 3.32 21.44
CA SER B 560 16.07 4.16 21.28
C SER B 560 16.30 5.44 20.48
N GLU B 561 17.50 5.58 19.92
CA GLU B 561 17.82 6.77 19.13
C GLU B 561 17.25 6.62 17.72
N TYR B 562 16.69 7.70 17.19
CA TYR B 562 16.12 7.72 15.84
C TYR B 562 17.12 7.29 14.79
N ASP B 563 16.63 6.57 13.78
CA ASP B 563 17.47 6.11 12.68
C ASP B 563 17.08 6.90 11.45
N SER B 564 18.06 7.18 10.58
CA SER B 564 17.80 7.94 9.37
C SER B 564 17.00 7.10 8.38
N LEU B 565 15.94 7.68 7.83
CA LEU B 565 15.09 6.98 6.86
C LEU B 565 15.41 7.41 5.43
N LEU B 566 16.55 8.06 5.25
CA LEU B 566 16.90 8.55 3.94
C LEU B 566 17.37 7.53 2.91
N PRO B 567 16.79 7.60 1.70
CA PRO B 567 17.18 6.68 0.61
C PRO B 567 18.66 6.83 0.32
N ASP B 568 19.26 5.77 -0.19
CA ASP B 568 20.69 5.77 -0.47
C ASP B 568 21.08 6.42 -1.78
N VAL B 569 20.97 7.75 -1.84
CA VAL B 569 21.36 8.51 -3.03
C VAL B 569 22.89 8.58 -3.08
N TYR B 570 23.44 8.59 -4.29
CA TYR B 570 24.89 8.66 -4.49
C TYR B 570 25.20 8.70 -5.97
N GLU B 571 26.27 9.41 -6.31
CA GLU B 571 26.68 9.59 -7.70
C GLU B 571 27.57 8.49 -8.28
N TRP B 572 27.38 8.26 -9.58
CA TRP B 572 28.14 7.26 -10.31
C TRP B 572 29.30 7.89 -11.05
N PRO B 573 30.45 7.21 -11.08
CA PRO B 573 31.65 7.70 -11.78
C PRO B 573 31.41 7.97 -13.27
N ILE C 21 -1.45 -13.34 2.01
CA ILE C 21 -1.28 -12.10 1.20
C ILE C 21 -1.98 -10.92 1.87
N LYS C 22 -1.28 -9.79 1.94
CA LYS C 22 -1.84 -8.63 2.60
C LYS C 22 -2.57 -7.57 1.77
N GLU C 23 -2.63 -7.69 0.44
CA GLU C 23 -3.40 -6.67 -0.29
C GLU C 23 -4.57 -7.13 -1.17
N LYS C 24 -5.35 -6.16 -1.63
CA LYS C 24 -6.52 -6.41 -2.45
C LYS C 24 -6.59 -5.51 -3.66
N GLY C 25 -7.60 -5.74 -4.51
CA GLY C 25 -7.77 -4.93 -5.68
C GLY C 25 -6.71 -5.16 -6.73
N LYS C 26 -6.79 -4.35 -7.78
CA LYS C 26 -5.87 -4.41 -8.92
C LYS C 26 -4.45 -4.90 -8.64
N PRO C 27 -3.82 -4.42 -7.56
CA PRO C 27 -2.45 -4.89 -7.31
C PRO C 27 -2.35 -6.41 -7.39
N LEU C 28 -3.40 -7.09 -6.97
CA LEU C 28 -3.44 -8.55 -6.99
C LEU C 28 -3.27 -9.07 -8.41
N LEU C 30 -1.80 -7.12 -10.92
CA LEU C 30 -0.56 -6.59 -11.49
C LEU C 30 0.64 -7.45 -11.11
N ASN C 31 0.55 -8.10 -9.96
CA ASN C 31 1.61 -8.99 -9.47
C ASN C 31 1.44 -10.45 -9.95
N PRO C 32 2.33 -10.92 -10.86
CA PRO C 32 2.33 -12.28 -11.42
C PRO C 32 2.38 -13.40 -10.38
N ARG C 33 3.00 -13.12 -9.24
CA ARG C 33 3.11 -14.10 -8.17
C ARG C 33 1.72 -14.47 -7.65
N THR C 34 0.77 -13.55 -7.83
CA THR C 34 -0.59 -13.73 -7.34
C THR C 34 -1.65 -13.68 -8.42
N ASN C 35 -1.33 -13.11 -9.56
CA ASN C 35 -2.31 -13.02 -10.63
C ASN C 35 -2.83 -14.39 -11.07
N LYS C 36 -4.16 -14.52 -11.14
CA LYS C 36 -4.78 -15.77 -11.55
C LYS C 36 -5.52 -15.62 -12.87
N GLY C 37 -5.58 -14.41 -13.41
CA GLY C 37 -6.30 -14.19 -14.64
C GLY C 37 -7.76 -14.49 -14.39
N ALA C 39 -9.00 -17.16 -13.72
CA ALA C 39 -9.10 -18.29 -12.79
C ALA C 39 -9.51 -17.84 -11.36
N PHE C 40 -9.70 -16.54 -11.16
CA PHE C 40 -10.12 -16.03 -9.84
C PHE C 40 -11.57 -16.41 -9.64
N THR C 41 -11.90 -17.04 -8.52
CA THR C 41 -13.27 -17.42 -8.26
C THR C 41 -14.17 -16.21 -8.04
N LEU C 42 -15.48 -16.41 -8.07
CA LEU C 42 -16.38 -15.29 -7.88
C LEU C 42 -16.24 -14.79 -6.45
N GLN C 43 -16.17 -15.71 -5.50
CA GLN C 43 -16.05 -15.36 -4.09
C GLN C 43 -14.77 -14.59 -3.81
N GLU C 44 -13.76 -14.87 -4.61
CA GLU C 44 -12.48 -14.23 -4.49
C GLU C 44 -12.61 -12.84 -5.08
N ARG C 45 -13.12 -12.76 -6.30
CA ARG C 45 -13.30 -11.49 -6.98
C ARG C 45 -14.12 -10.50 -6.16
N GLN C 46 -15.16 -11.01 -5.50
CA GLN C 46 -16.05 -10.17 -4.70
C GLN C 46 -15.43 -9.81 -3.37
N LEU C 48 -12.15 -9.65 -2.70
CA LEU C 48 -10.83 -9.03 -2.80
C LEU C 48 -10.86 -7.77 -3.68
N GLY C 49 -12.07 -7.31 -3.99
CA GLY C 49 -12.23 -6.12 -4.81
C GLY C 49 -11.84 -6.26 -6.26
N LEU C 50 -12.18 -7.37 -6.90
CA LEU C 50 -11.82 -7.55 -8.29
C LEU C 50 -13.03 -7.60 -9.19
N GLN C 51 -14.22 -7.64 -8.63
CA GLN C 51 -15.41 -7.73 -9.48
C GLN C 51 -15.46 -6.54 -10.42
N GLY C 52 -15.52 -6.83 -11.72
CA GLY C 52 -15.59 -5.79 -12.73
C GLY C 52 -14.28 -5.64 -13.47
N LEU C 53 -13.19 -6.00 -12.81
CA LEU C 53 -11.86 -5.88 -13.41
C LEU C 53 -11.49 -7.10 -14.24
N LEU C 54 -12.36 -8.10 -14.24
CA LEU C 54 -12.16 -9.33 -15.00
C LEU C 54 -13.47 -9.68 -15.72
N PRO C 55 -13.40 -10.31 -16.90
CA PRO C 55 -14.63 -10.67 -17.62
C PRO C 55 -15.53 -11.61 -16.79
N PRO C 56 -16.85 -11.51 -17.00
CA PRO C 56 -17.84 -12.31 -16.28
C PRO C 56 -17.74 -13.82 -16.48
N LYS C 57 -16.56 -14.31 -16.84
CA LYS C 57 -16.40 -15.74 -17.03
C LYS C 57 -15.27 -16.27 -16.14
N ILE C 58 -15.51 -17.39 -15.47
CA ILE C 58 -14.52 -18.02 -14.62
C ILE C 58 -13.91 -19.17 -15.41
N GLU C 59 -12.59 -19.24 -15.45
CA GLU C 59 -11.89 -20.30 -16.17
C GLU C 59 -11.14 -21.21 -15.20
N THR C 60 -10.52 -22.24 -15.75
CA THR C 60 -9.76 -23.17 -14.95
C THR C 60 -8.35 -23.13 -15.49
N GLN C 61 -7.37 -23.50 -14.67
CA GLN C 61 -6.00 -23.48 -15.15
C GLN C 61 -5.92 -24.33 -16.40
N ASP C 62 -6.73 -25.38 -16.44
CA ASP C 62 -6.75 -26.30 -17.57
C ASP C 62 -7.05 -25.59 -18.89
N ILE C 63 -8.05 -24.70 -18.88
CA ILE C 63 -8.46 -23.91 -20.04
C ILE C 63 -7.36 -22.95 -20.45
N GLN C 64 -6.78 -22.27 -19.46
CA GLN C 64 -5.69 -21.32 -19.69
C GLN C 64 -4.56 -22.10 -20.30
N ALA C 65 -4.35 -23.31 -19.82
CA ALA C 65 -3.30 -24.18 -20.35
C ALA C 65 -3.63 -24.49 -21.82
N LEU C 66 -4.92 -24.60 -22.11
CA LEU C 66 -5.35 -24.89 -23.47
C LEU C 66 -5.07 -23.70 -24.37
N ARG C 67 -5.30 -22.50 -23.83
CA ARG C 67 -5.07 -21.24 -24.55
C ARG C 67 -3.62 -21.11 -24.91
N PHE C 68 -2.75 -21.68 -24.10
CA PHE C 68 -1.32 -21.60 -24.38
C PHE C 68 -0.81 -22.48 -25.51
N HIS C 69 -1.12 -23.77 -25.47
CA HIS C 69 -0.65 -24.70 -26.49
C HIS C 69 -1.26 -24.41 -27.85
N ARG C 70 -2.51 -23.95 -27.85
CA ARG C 70 -3.14 -23.62 -29.12
C ARG C 70 -2.33 -22.51 -29.78
N ASN C 71 -1.97 -21.49 -28.99
CA ASN C 71 -1.21 -20.34 -29.45
C ASN C 71 0.24 -20.67 -29.79
N LEU C 72 0.91 -21.35 -28.88
CA LEU C 72 2.31 -21.74 -29.09
C LEU C 72 2.43 -22.57 -30.39
N LYS C 73 1.42 -23.37 -30.68
CA LYS C 73 1.39 -24.22 -31.88
C LYS C 73 1.54 -23.41 -33.16
N LYS C 74 0.87 -22.27 -33.24
CA LYS C 74 0.94 -21.44 -34.44
C LYS C 74 2.27 -20.73 -34.65
N THR C 76 6.18 -19.72 -35.16
CA THR C 76 7.17 -20.32 -36.05
C THR C 76 8.62 -20.38 -35.57
N SER C 77 9.08 -19.37 -34.85
CA SER C 77 10.47 -19.37 -34.40
C SER C 77 10.66 -19.72 -32.93
N PRO C 78 11.80 -20.34 -32.59
CA PRO C 78 12.09 -20.69 -31.20
C PRO C 78 12.29 -19.44 -30.36
N LEU C 79 12.97 -18.44 -30.90
CA LEU C 79 13.17 -17.21 -30.15
C LEU C 79 11.83 -16.51 -29.99
N GLU C 80 10.93 -16.74 -30.93
CA GLU C 80 9.61 -16.14 -30.84
C GLU C 80 8.86 -16.84 -29.72
N LYS C 81 9.06 -18.16 -29.61
CA LYS C 81 8.41 -18.95 -28.58
C LYS C 81 8.99 -18.62 -27.22
N TYR C 82 10.30 -18.39 -27.20
CA TYR C 82 11.01 -18.05 -25.97
C TYR C 82 10.41 -16.80 -25.36
N ILE C 83 10.32 -15.75 -26.18
CA ILE C 83 9.78 -14.48 -25.74
C ILE C 83 8.35 -14.58 -25.21
N TYR C 84 7.56 -15.47 -25.81
CA TYR C 84 6.15 -15.65 -25.40
C TYR C 84 6.03 -16.39 -24.09
N ILE C 85 6.70 -17.53 -23.99
CA ILE C 85 6.63 -18.30 -22.77
C ILE C 85 7.32 -17.58 -21.62
N GLY C 87 7.45 -14.56 -21.22
CA GLY C 87 6.57 -13.46 -20.87
C GLY C 87 5.48 -13.86 -19.89
N ILE C 88 5.09 -15.12 -19.89
CA ILE C 88 4.05 -15.58 -18.98
C ILE C 88 4.53 -15.48 -17.54
N GLN C 89 5.79 -15.85 -17.34
CA GLN C 89 6.37 -15.79 -16.01
C GLN C 89 6.21 -14.40 -15.39
N GLU C 90 6.04 -13.38 -16.23
CA GLU C 90 5.86 -12.00 -15.80
C GLU C 90 4.39 -11.61 -15.74
N ARG C 91 3.51 -12.55 -16.05
CA ARG C 91 2.07 -12.29 -16.06
C ARG C 91 1.29 -13.14 -15.04
N ASN C 92 1.54 -14.44 -15.05
CA ASN C 92 0.89 -15.39 -14.14
C ASN C 92 1.92 -16.48 -13.80
N GLU C 93 2.57 -16.35 -12.66
CA GLU C 93 3.59 -17.32 -12.28
C GLU C 93 3.16 -18.78 -12.27
N LYS C 94 2.07 -19.08 -11.56
CA LYS C 94 1.57 -20.44 -11.47
C LYS C 94 1.26 -21.05 -12.84
N LEU C 95 0.59 -20.29 -13.70
CA LEU C 95 0.26 -20.80 -15.04
C LEU C 95 1.55 -21.06 -15.80
N PHE C 96 2.48 -20.11 -15.72
CA PHE C 96 3.77 -20.25 -16.39
C PHE C 96 4.36 -21.61 -16.08
N TYR C 97 4.48 -21.95 -14.80
CA TYR C 97 5.07 -23.22 -14.40
C TYR C 97 4.20 -24.42 -14.77
N ARG C 98 2.89 -24.22 -14.83
CA ARG C 98 2.01 -25.32 -15.18
C ARG C 98 2.31 -25.68 -16.64
N ILE C 99 2.59 -24.66 -17.43
CA ILE C 99 2.87 -24.86 -18.84
C ILE C 99 4.15 -25.62 -19.13
N LEU C 100 5.10 -25.57 -18.21
CA LEU C 100 6.37 -26.26 -18.40
C LEU C 100 6.09 -27.70 -17.99
N GLN C 101 5.47 -27.81 -16.84
CA GLN C 101 5.11 -29.11 -16.29
C GLN C 101 4.38 -29.91 -17.36
N ASP C 102 3.56 -29.25 -18.16
CA ASP C 102 2.81 -29.94 -19.19
C ASP C 102 3.69 -30.76 -20.16
N ASP C 103 4.87 -30.25 -20.50
CA ASP C 103 5.81 -30.96 -21.39
C ASP C 103 7.20 -30.33 -21.35
N ILE C 104 7.88 -30.50 -20.22
CA ILE C 104 9.19 -29.93 -20.03
C ILE C 104 10.17 -30.27 -21.15
N GLU C 105 10.13 -31.52 -21.61
CA GLU C 105 11.03 -32.03 -22.65
C GLU C 105 11.02 -31.30 -23.98
N SER C 106 9.88 -30.77 -24.38
CA SER C 106 9.78 -30.07 -25.64
C SER C 106 10.11 -28.60 -25.48
N LEU C 107 9.76 -28.06 -24.31
CA LEU C 107 10.01 -26.65 -24.00
C LEU C 107 11.46 -26.37 -23.61
N PRO C 109 14.39 -26.99 -24.88
CA PRO C 109 15.32 -26.42 -25.86
C PRO C 109 14.98 -24.98 -26.21
N ILE C 110 13.85 -24.52 -25.67
CA ILE C 110 13.38 -23.15 -25.88
C ILE C 110 13.81 -22.26 -24.72
N VAL C 111 13.54 -22.70 -23.49
CA VAL C 111 13.89 -21.93 -22.30
C VAL C 111 15.34 -22.10 -21.89
N TYR C 112 15.86 -23.28 -22.15
CA TYR C 112 17.22 -23.63 -21.80
C TYR C 112 18.07 -23.71 -23.06
N THR C 113 19.07 -24.58 -23.07
CA THR C 113 19.91 -24.70 -24.26
C THR C 113 19.13 -25.41 -25.37
N PRO C 114 19.32 -24.97 -26.63
CA PRO C 114 20.21 -23.88 -27.06
C PRO C 114 19.59 -22.49 -27.24
N THR C 115 18.25 -22.44 -27.37
CA THR C 115 17.56 -21.17 -27.60
C THR C 115 17.88 -20.10 -26.60
N VAL C 116 18.14 -20.49 -25.36
CA VAL C 116 18.46 -19.53 -24.32
C VAL C 116 19.72 -18.73 -24.62
N GLY C 117 20.68 -19.33 -25.30
CA GLY C 117 21.91 -18.63 -25.65
C GLY C 117 21.64 -17.59 -26.74
N LEU C 118 20.77 -17.95 -27.67
CA LEU C 118 20.38 -17.06 -28.73
C LEU C 118 19.78 -15.84 -28.05
N ALA C 119 18.85 -16.11 -27.15
CA ALA C 119 18.16 -15.04 -26.44
C ALA C 119 19.15 -14.12 -25.73
N CYS C 120 20.11 -14.69 -25.03
CA CYS C 120 21.09 -13.91 -24.29
C CYS C 120 21.84 -12.97 -25.23
N SER C 121 22.37 -13.52 -26.32
CA SER C 121 23.09 -12.68 -27.26
C SER C 121 22.17 -11.66 -27.93
N GLN C 122 20.90 -11.64 -27.53
CA GLN C 122 19.93 -10.72 -28.10
C GLN C 122 19.15 -10.02 -27.00
N TYR C 123 19.55 -10.26 -25.76
CA TYR C 123 18.88 -9.68 -24.61
C TYR C 123 18.43 -8.24 -24.82
N GLY C 124 19.31 -7.40 -25.35
CA GLY C 124 19.01 -6.00 -25.56
C GLY C 124 17.93 -5.69 -26.57
N HIS C 125 17.88 -6.49 -27.63
CA HIS C 125 16.89 -6.32 -28.69
C HIS C 125 15.50 -6.70 -28.25
N ILE C 126 15.40 -7.82 -27.53
CA ILE C 126 14.09 -8.33 -27.11
C ILE C 126 13.58 -7.86 -25.75
N PHE C 127 14.33 -6.96 -25.10
CA PHE C 127 13.97 -6.44 -23.77
C PHE C 127 12.56 -5.91 -23.66
N ARG C 128 11.90 -6.28 -22.58
CA ARG C 128 10.53 -5.90 -22.34
C ARG C 128 10.36 -5.52 -20.88
N ARG C 129 10.86 -6.40 -20.01
CA ARG C 129 10.81 -6.22 -18.55
C ARG C 129 12.08 -6.87 -17.96
N PRO C 130 12.65 -6.26 -16.92
CA PRO C 130 13.85 -6.83 -16.31
C PRO C 130 13.51 -7.91 -15.28
N LYS C 131 14.52 -8.68 -14.90
CA LYS C 131 14.33 -9.75 -13.92
C LYS C 131 15.61 -9.92 -13.11
N GLY C 132 15.49 -10.12 -11.81
CA GLY C 132 16.65 -10.31 -10.96
C GLY C 132 17.26 -9.02 -10.42
N LEU C 133 18.39 -9.15 -9.76
CA LEU C 133 19.10 -7.99 -9.19
C LEU C 133 20.31 -7.65 -10.07
N PHE C 134 20.58 -6.35 -10.21
CA PHE C 134 21.70 -5.89 -11.02
C PHE C 134 22.66 -5.06 -10.17
N ILE C 135 23.85 -5.60 -9.91
CA ILE C 135 24.84 -4.90 -9.12
C ILE C 135 26.02 -4.58 -10.00
N SER C 136 26.29 -3.29 -10.18
CA SER C 136 27.42 -2.86 -11.02
C SER C 136 28.57 -2.34 -10.15
N ILE C 137 29.77 -2.36 -10.70
CA ILE C 137 30.92 -1.87 -9.98
C ILE C 137 30.73 -0.40 -9.54
N SER C 138 29.84 0.33 -10.21
CA SER C 138 29.54 1.72 -9.87
C SER C 138 28.72 1.80 -8.60
N ASP C 139 28.29 0.65 -8.08
CA ASP C 139 27.49 0.65 -6.88
C ASP C 139 28.27 0.07 -5.74
N ARG C 140 29.58 -0.06 -5.93
CA ARG C 140 30.39 -0.60 -4.85
C ARG C 140 30.38 0.37 -3.69
N GLY C 141 30.12 -0.15 -2.49
CA GLY C 141 30.02 0.68 -1.30
C GLY C 141 28.57 0.79 -0.90
N HIS C 142 27.67 0.58 -1.86
CA HIS C 142 26.23 0.66 -1.63
C HIS C 142 25.51 -0.59 -2.14
N VAL C 143 26.16 -1.75 -2.03
CA VAL C 143 25.57 -2.98 -2.50
C VAL C 143 24.48 -3.51 -1.59
N ARG C 144 24.55 -3.12 -0.33
CA ARG C 144 23.53 -3.58 0.61
C ARG C 144 22.22 -2.88 0.36
N SER C 145 22.27 -1.60 0.00
CA SER C 145 21.07 -0.85 -0.26
C SER C 145 20.37 -1.48 -1.46
N ILE C 146 21.17 -2.02 -2.38
CA ILE C 146 20.64 -2.67 -3.55
C ILE C 146 19.96 -3.97 -3.16
N VAL C 147 20.60 -4.74 -2.29
CA VAL C 147 20.02 -6.00 -1.84
C VAL C 147 18.69 -5.76 -1.12
N ASP C 148 18.57 -4.64 -0.42
CA ASP C 148 17.33 -4.31 0.29
C ASP C 148 16.23 -3.78 -0.63
N ASN C 149 16.52 -3.63 -1.91
CA ASN C 149 15.52 -3.12 -2.83
C ASN C 149 14.65 -4.27 -3.34
N TRP C 150 15.16 -5.49 -3.19
CA TRP C 150 14.45 -6.70 -3.59
C TRP C 150 13.17 -6.87 -2.76
N PRO C 151 12.03 -7.05 -3.44
CA PRO C 151 10.69 -7.23 -2.88
C PRO C 151 10.48 -8.44 -1.97
N GLU C 152 10.93 -9.60 -2.44
CA GLU C 152 10.77 -10.83 -1.68
C GLU C 152 11.77 -10.83 -0.54
N ASN C 153 11.31 -11.23 0.65
CA ASN C 153 12.18 -11.20 1.82
C ASN C 153 12.59 -12.51 2.49
N HIS C 154 12.47 -13.63 1.79
CA HIS C 154 12.89 -14.90 2.37
C HIS C 154 13.66 -15.73 1.35
N VAL C 155 14.48 -15.06 0.54
CA VAL C 155 15.27 -15.73 -0.48
C VAL C 155 16.05 -16.88 0.16
N LYS C 156 16.19 -17.99 -0.57
CA LYS C 156 16.94 -19.15 -0.05
C LYS C 156 18.00 -19.60 -1.05
N ALA C 157 17.82 -19.26 -2.31
CA ALA C 157 18.78 -19.65 -3.36
C ALA C 157 19.06 -18.55 -4.36
N VAL C 158 20.33 -18.44 -4.73
CA VAL C 158 20.78 -17.42 -5.65
C VAL C 158 21.67 -18.02 -6.73
N VAL C 159 21.53 -17.50 -7.95
CA VAL C 159 22.36 -17.94 -9.04
C VAL C 159 22.92 -16.64 -9.58
N VAL C 160 24.24 -16.52 -9.57
CA VAL C 160 24.92 -15.31 -10.02
C VAL C 160 25.88 -15.52 -11.15
N THR C 161 26.00 -14.49 -11.98
CA THR C 161 26.91 -14.48 -13.12
C THR C 161 27.45 -13.06 -13.30
N ASP C 162 28.61 -12.96 -13.94
CA ASP C 162 29.18 -11.67 -14.22
C ASP C 162 29.20 -11.56 -15.74
N GLY C 163 28.79 -12.64 -16.40
CA GLY C 163 28.69 -12.70 -17.85
C GLY C 163 29.94 -12.83 -18.69
N GLU C 164 31.00 -13.35 -18.10
CA GLU C 164 32.26 -13.50 -18.82
C GLU C 164 32.37 -14.76 -19.68
N ARG C 165 31.64 -15.80 -19.32
CA ARG C 165 31.68 -17.04 -20.09
C ARG C 165 30.28 -17.66 -20.26
N ILE C 166 29.41 -16.94 -20.95
CA ILE C 166 28.06 -17.44 -21.16
C ILE C 166 28.13 -18.62 -22.12
N LEU C 167 28.06 -19.83 -21.58
CA LEU C 167 28.15 -21.04 -22.39
C LEU C 167 29.44 -20.96 -23.21
N GLY C 168 29.40 -21.43 -24.45
CA GLY C 168 30.56 -21.36 -25.32
C GLY C 168 30.43 -20.10 -26.16
N LEU C 169 29.58 -19.19 -25.70
CA LEU C 169 29.34 -17.94 -26.41
C LEU C 169 30.25 -16.80 -25.95
N GLY C 170 30.93 -17.00 -24.84
CA GLY C 170 31.83 -15.98 -24.34
C GLY C 170 31.30 -14.87 -23.45
N ASP C 171 31.97 -13.72 -23.55
CA ASP C 171 31.63 -12.53 -22.77
C ASP C 171 30.43 -11.77 -23.34
N LEU C 172 29.32 -11.77 -22.62
CA LEU C 172 28.12 -11.07 -23.09
C LEU C 172 27.65 -9.99 -22.11
N GLY C 173 28.50 -9.69 -21.14
CA GLY C 173 28.16 -8.69 -20.17
C GLY C 173 26.83 -8.92 -19.50
N VAL C 174 26.02 -7.86 -19.41
CA VAL C 174 24.70 -7.92 -18.80
C VAL C 174 23.68 -8.65 -19.66
N TYR C 175 24.05 -8.99 -20.89
CA TYR C 175 23.14 -9.73 -21.76
C TYR C 175 23.06 -11.15 -21.20
N GLY C 176 24.08 -11.53 -20.42
CA GLY C 176 24.11 -12.85 -19.84
C GLY C 176 23.18 -13.04 -18.65
N GLY C 178 20.32 -13.64 -18.85
CA GLY C 178 19.38 -14.64 -19.29
C GLY C 178 19.65 -15.98 -18.64
N ILE C 179 20.92 -16.31 -18.44
CA ILE C 179 21.28 -17.59 -17.83
C ILE C 179 20.77 -17.77 -16.40
N PRO C 180 21.07 -16.83 -15.49
CA PRO C 180 20.58 -16.99 -14.13
C PRO C 180 19.05 -17.03 -14.08
N VAL C 181 18.42 -16.35 -15.03
CA VAL C 181 16.95 -16.31 -15.12
C VAL C 181 16.46 -17.71 -15.47
N GLY C 182 17.10 -18.30 -16.48
CA GLY C 182 16.73 -19.63 -16.90
C GLY C 182 17.07 -20.67 -15.87
N LYS C 183 18.29 -20.63 -15.33
CA LYS C 183 18.70 -21.63 -14.36
C LYS C 183 17.73 -21.76 -13.21
N LEU C 184 17.26 -20.63 -12.71
CA LEU C 184 16.35 -20.63 -11.59
C LEU C 184 14.96 -21.09 -11.95
N CYS C 185 14.68 -21.19 -13.25
CA CYS C 185 13.36 -21.65 -13.68
C CYS C 185 13.38 -23.14 -13.40
N LEU C 186 14.49 -23.77 -13.78
CA LEU C 186 14.69 -25.19 -13.58
C LEU C 186 14.61 -25.57 -12.10
N TYR C 187 15.05 -24.68 -11.22
CA TYR C 187 14.95 -24.96 -9.79
C TYR C 187 13.51 -25.36 -9.53
N THR C 188 12.61 -24.45 -9.86
CA THR C 188 11.19 -24.67 -9.66
C THR C 188 10.56 -25.74 -10.54
N ALA C 189 10.79 -25.67 -11.85
CA ALA C 189 10.20 -26.64 -12.78
C ALA C 189 10.73 -28.05 -12.63
N CYS C 190 11.94 -28.21 -12.08
CA CYS C 190 12.53 -29.54 -11.89
C CYS C 190 12.51 -30.08 -10.46
N ALA C 191 12.85 -29.24 -9.48
CA ALA C 191 12.92 -29.68 -8.07
C ALA C 191 11.86 -29.12 -7.11
N GLY C 192 10.94 -28.32 -7.62
CA GLY C 192 9.88 -27.80 -6.79
C GLY C 192 10.28 -26.73 -5.80
N ILE C 193 11.41 -26.07 -6.05
CA ILE C 193 11.86 -25.01 -5.16
C ILE C 193 10.87 -23.88 -5.38
N ARG C 194 10.54 -23.12 -4.33
CA ARG C 194 9.60 -22.01 -4.48
C ARG C 194 10.20 -20.85 -5.28
N PRO C 195 9.41 -20.32 -6.24
CA PRO C 195 9.82 -19.20 -7.09
C PRO C 195 10.24 -17.94 -6.32
N ASP C 196 9.47 -17.58 -5.29
CA ASP C 196 9.78 -16.38 -4.52
C ASP C 196 11.00 -16.48 -3.62
N ARG C 197 11.54 -17.68 -3.47
CA ARG C 197 12.70 -17.89 -2.63
C ARG C 197 13.99 -17.94 -3.48
N CYS C 198 13.84 -17.68 -4.77
CA CYS C 198 14.96 -17.70 -5.69
C CYS C 198 15.25 -16.28 -6.13
N LEU C 199 16.53 -16.00 -6.39
CA LEU C 199 16.92 -14.65 -6.80
C LEU C 199 18.10 -14.72 -7.78
N PRO C 200 17.86 -14.31 -9.04
CA PRO C 200 18.93 -14.32 -10.05
C PRO C 200 19.66 -13.00 -9.91
N VAL C 201 20.99 -13.04 -9.98
CA VAL C 201 21.78 -11.84 -9.82
C VAL C 201 22.85 -11.69 -10.87
N CYS C 202 23.15 -10.45 -11.23
CA CYS C 202 24.18 -10.18 -12.22
C CYS C 202 25.20 -9.14 -11.76
N ILE C 203 26.48 -9.50 -11.77
CA ILE C 203 27.51 -8.56 -11.40
C ILE C 203 28.12 -7.95 -12.65
N ASP C 204 27.78 -6.70 -12.90
CA ASP C 204 28.28 -5.97 -14.06
C ASP C 204 29.46 -5.09 -13.67
N VAL C 205 30.64 -5.48 -14.13
CA VAL C 205 31.88 -4.75 -13.87
C VAL C 205 32.46 -4.37 -15.23
N GLY C 206 31.58 -4.37 -16.24
CA GLY C 206 31.97 -4.03 -17.60
C GLY C 206 31.99 -5.25 -18.50
N THR C 207 32.45 -5.08 -19.74
CA THR C 207 32.54 -6.16 -20.71
C THR C 207 33.66 -5.84 -21.70
N ASP C 208 34.40 -6.87 -22.12
CA ASP C 208 35.51 -6.71 -23.08
C ASP C 208 35.00 -6.88 -24.52
N ASN C 209 33.73 -7.22 -24.64
CA ASN C 209 33.06 -7.42 -25.92
C ASN C 209 32.92 -6.14 -26.75
N ILE C 210 33.85 -5.99 -27.69
CA ILE C 210 33.92 -4.82 -28.56
C ILE C 210 32.63 -4.46 -29.31
N ALA C 211 31.87 -5.48 -29.72
CA ALA C 211 30.63 -5.25 -30.44
C ALA C 211 29.54 -4.73 -29.50
N LEU C 212 29.46 -5.31 -28.31
CA LEU C 212 28.44 -4.87 -27.37
C LEU C 212 28.72 -3.45 -26.94
N LEU C 213 30.00 -3.10 -26.88
CA LEU C 213 30.36 -1.76 -26.46
C LEU C 213 29.80 -0.72 -27.44
N LYS C 214 29.64 -1.11 -28.71
CA LYS C 214 29.10 -0.21 -29.74
C LYS C 214 27.63 -0.48 -30.03
N ASP C 215 26.98 -1.25 -29.15
CA ASP C 215 25.57 -1.56 -29.33
C ASP C 215 24.77 -0.66 -28.40
N PRO C 216 23.90 0.19 -28.96
CA PRO C 216 23.03 1.14 -28.26
C PRO C 216 21.95 0.46 -27.45
N PHE C 217 21.86 -0.86 -27.56
CA PHE C 217 20.85 -1.60 -26.82
C PHE C 217 21.46 -2.32 -25.61
N TYR C 218 22.79 -2.42 -25.57
CA TYR C 218 23.45 -3.09 -24.44
C TYR C 218 22.79 -2.61 -23.15
N GLY C 220 24.27 -2.94 -19.97
CA GLY C 220 25.20 -2.70 -18.88
C GLY C 220 26.12 -1.51 -19.04
N LEU C 221 27.08 -1.37 -18.12
CA LEU C 221 28.04 -0.26 -18.13
C LEU C 221 28.92 -0.27 -19.38
N TYR C 222 28.98 0.85 -20.07
CA TYR C 222 29.79 0.93 -21.29
C TYR C 222 31.26 1.12 -20.96
N GLN C 223 31.91 0.08 -20.50
CA GLN C 223 33.33 0.16 -20.14
C GLN C 223 33.93 -1.24 -20.18
N LYS C 224 35.24 -1.32 -20.34
CA LYS C 224 35.88 -2.61 -20.39
C LYS C 224 35.86 -3.20 -18.99
N ARG C 225 36.10 -4.49 -18.89
CA ARG C 225 36.08 -5.21 -17.63
C ARG C 225 37.10 -4.73 -16.61
N ASP C 226 36.64 -4.46 -15.40
CA ASP C 226 37.52 -4.04 -14.30
C ASP C 226 38.07 -5.29 -13.60
N ARG C 227 39.36 -5.56 -13.79
CA ARG C 227 40.00 -6.72 -13.17
C ARG C 227 40.80 -6.39 -11.90
N THR C 228 40.81 -5.11 -11.54
CA THR C 228 41.53 -4.65 -10.35
C THR C 228 40.91 -5.28 -9.10
N GLN C 229 41.61 -5.14 -7.99
CA GLN C 229 41.12 -5.68 -6.72
C GLN C 229 39.73 -5.14 -6.38
N GLN C 230 39.34 -4.10 -7.11
CA GLN C 230 38.04 -3.49 -6.91
C GLN C 230 36.99 -4.53 -7.31
N TYR C 231 37.33 -5.34 -8.31
CA TYR C 231 36.42 -6.38 -8.75
C TYR C 231 36.16 -7.37 -7.62
N ASP C 232 37.24 -7.83 -6.99
CA ASP C 232 37.16 -8.79 -5.89
C ASP C 232 36.41 -8.28 -4.69
N ASP C 233 36.66 -7.03 -4.29
CA ASP C 233 35.98 -6.45 -3.13
C ASP C 233 34.50 -6.40 -3.38
N LEU C 234 34.13 -6.05 -4.62
CA LEU C 234 32.73 -5.96 -4.97
C LEU C 234 32.04 -7.30 -4.70
N ILE C 235 32.62 -8.40 -5.18
CA ILE C 235 32.02 -9.71 -4.95
C ILE C 235 31.95 -9.99 -3.47
N ASP C 236 32.97 -9.59 -2.74
CA ASP C 236 32.94 -9.83 -1.30
C ASP C 236 31.82 -9.04 -0.67
N GLU C 237 31.71 -7.76 -1.05
CA GLU C 237 30.67 -6.89 -0.53
C GLU C 237 29.29 -7.45 -0.85
N PHE C 238 29.21 -8.17 -1.97
CA PHE C 238 27.97 -8.79 -2.44
C PHE C 238 27.65 -10.02 -1.57
N LYS C 240 28.61 -10.59 1.33
CA LYS C 240 28.37 -10.16 2.70
C LYS C 240 26.96 -9.58 2.80
N ALA C 241 26.60 -8.77 1.81
CA ALA C 241 25.29 -8.14 1.77
C ALA C 241 24.19 -9.18 1.76
N ILE C 242 24.27 -10.12 0.82
CA ILE C 242 23.27 -11.16 0.68
C ILE C 242 23.00 -11.96 1.94
N THR C 243 24.07 -12.43 2.57
CA THR C 243 23.96 -13.23 3.78
C THR C 243 23.48 -12.46 5.00
N ASP C 244 23.71 -11.15 5.01
CA ASP C 244 23.27 -10.36 6.15
C ASP C 244 21.74 -10.26 6.15
N ARG C 245 21.17 -10.04 4.98
CA ARG C 245 19.74 -9.90 4.85
C ARG C 245 18.96 -11.19 4.89
N TYR C 246 19.50 -12.22 4.23
CA TYR C 246 18.79 -13.49 4.17
C TYR C 246 19.33 -14.63 5.01
N GLY C 247 20.61 -14.62 5.34
CA GLY C 247 21.13 -15.70 6.15
C GLY C 247 22.48 -16.20 5.71
N ARG C 248 23.20 -16.87 6.62
CA ARG C 248 24.53 -17.38 6.29
C ARG C 248 24.49 -18.66 5.47
N ASN C 249 23.39 -19.40 5.55
CA ASN C 249 23.28 -20.64 4.80
C ASN C 249 22.48 -20.48 3.51
N THR C 250 22.37 -19.25 3.02
CA THR C 250 21.65 -19.03 1.78
C THR C 250 22.52 -19.61 0.68
N LEU C 251 21.90 -20.37 -0.21
CA LEU C 251 22.59 -21.02 -1.31
C LEU C 251 22.97 -20.04 -2.40
N ILE C 252 24.22 -20.08 -2.81
CA ILE C 252 24.70 -19.20 -3.87
C ILE C 252 25.35 -20.07 -4.92
N GLN C 253 24.72 -20.17 -6.08
CA GLN C 253 25.24 -20.97 -7.15
C GLN C 253 25.94 -20.03 -8.12
N PHE C 254 27.26 -20.10 -8.16
CA PHE C 254 28.04 -19.27 -9.08
C PHE C 254 27.81 -19.88 -10.44
N GLU C 255 27.69 -19.06 -11.48
CA GLU C 255 27.45 -19.59 -12.82
C GLU C 255 28.06 -18.75 -13.95
N ASP C 256 28.70 -19.44 -14.90
CA ASP C 256 29.32 -18.83 -16.07
C ASP C 256 30.27 -17.66 -15.86
N PHE C 257 31.26 -17.86 -14.99
CA PHE C 257 32.27 -16.85 -14.70
C PHE C 257 33.45 -17.17 -15.60
N GLY C 258 34.52 -16.39 -15.49
CA GLY C 258 35.69 -16.67 -16.29
C GLY C 258 36.44 -17.80 -15.61
N ASN C 259 37.33 -18.45 -16.35
CA ASN C 259 38.10 -19.55 -15.78
C ASN C 259 38.70 -19.18 -14.43
N HIS C 260 39.57 -18.17 -14.43
CA HIS C 260 40.24 -17.72 -13.21
C HIS C 260 39.32 -17.48 -12.03
N ASN C 261 38.44 -16.51 -12.17
CA ASN C 261 37.51 -16.15 -11.10
C ASN C 261 36.67 -17.31 -10.64
N ALA C 262 36.46 -18.27 -11.53
CA ALA C 262 35.65 -19.45 -11.25
C ALA C 262 36.23 -20.27 -10.10
N PHE C 263 37.49 -20.64 -10.26
CA PHE C 263 38.19 -21.40 -9.26
C PHE C 263 38.50 -20.55 -8.06
N ARG C 264 39.13 -19.40 -8.32
CA ARG C 264 39.50 -18.48 -7.26
C ARG C 264 38.35 -18.24 -6.28
N PHE C 265 37.19 -17.86 -6.80
CA PHE C 265 36.03 -17.60 -5.94
C PHE C 265 35.48 -18.85 -5.24
N LEU C 266 35.50 -19.98 -5.93
CA LEU C 266 35.00 -21.22 -5.33
C LEU C 266 35.84 -21.57 -4.11
N ARG C 267 37.16 -21.65 -4.32
CA ARG C 267 38.12 -21.96 -3.27
C ARG C 267 38.03 -20.98 -2.11
N LYS C 268 37.88 -19.69 -2.42
CA LYS C 268 37.80 -18.65 -1.39
C LYS C 268 36.53 -18.64 -0.57
N TYR C 269 35.40 -19.01 -1.17
CA TYR C 269 34.13 -18.96 -0.44
C TYR C 269 33.48 -20.27 -0.01
N ARG C 270 33.83 -21.37 -0.67
CA ARG C 270 33.25 -22.67 -0.37
C ARG C 270 33.21 -23.13 1.07
N GLU C 271 34.14 -22.65 1.89
CA GLU C 271 34.16 -23.06 3.29
C GLU C 271 33.73 -21.94 4.21
N LYS C 272 33.20 -20.87 3.63
CA LYS C 272 32.78 -19.72 4.41
C LYS C 272 31.30 -19.44 4.22
N TYR C 273 30.81 -19.75 3.03
CA TYR C 273 29.39 -19.54 2.70
C TYR C 273 28.85 -20.84 2.10
N CYS C 274 27.53 -20.99 2.02
CA CYS C 274 26.94 -22.19 1.43
C CYS C 274 26.91 -21.92 -0.07
N THR C 275 28.07 -22.09 -0.71
CA THR C 275 28.22 -21.80 -2.13
C THR C 275 28.80 -22.96 -2.94
N PHE C 276 28.57 -22.92 -4.26
CA PHE C 276 29.08 -23.94 -5.18
C PHE C 276 29.09 -23.43 -6.61
N ASN C 277 29.93 -24.05 -7.42
CA ASN C 277 30.06 -23.68 -8.81
C ASN C 277 29.49 -24.75 -9.75
N ASP C 278 28.42 -24.39 -10.45
CA ASP C 278 27.73 -25.29 -11.35
C ASP C 278 28.64 -25.81 -12.48
N ASP C 279 29.30 -24.90 -13.17
CA ASP C 279 30.16 -25.28 -14.28
C ASP C 279 31.30 -26.20 -13.94
N ILE C 280 31.72 -26.20 -12.68
CA ILE C 280 32.83 -27.02 -12.23
C ILE C 280 32.32 -28.28 -11.58
N GLN C 281 31.54 -28.10 -10.52
CA GLN C 281 30.99 -29.19 -9.75
C GLN C 281 29.75 -29.88 -10.32
N GLY C 282 28.78 -29.10 -10.80
CA GLY C 282 27.56 -29.68 -11.36
C GLY C 282 27.83 -30.48 -12.62
N THR C 283 28.70 -29.95 -13.47
CA THR C 283 29.09 -30.60 -14.72
C THR C 283 29.85 -31.88 -14.43
N ALA C 284 30.54 -31.89 -13.27
CA ALA C 284 31.30 -33.03 -12.83
C ALA C 284 30.34 -34.18 -12.57
N ALA C 285 29.35 -33.94 -11.71
CA ALA C 285 28.36 -34.95 -11.38
C ALA C 285 27.61 -35.62 -12.58
N VAL C 286 27.22 -34.85 -13.59
CA VAL C 286 26.50 -35.41 -14.74
C VAL C 286 27.35 -36.34 -15.57
N ALA C 287 28.53 -35.84 -15.93
CA ALA C 287 29.45 -36.61 -16.72
C ALA C 287 29.86 -37.91 -16.04
N LEU C 288 30.15 -37.86 -14.74
CA LEU C 288 30.53 -39.08 -14.04
C LEU C 288 29.36 -40.04 -14.13
N ALA C 289 28.15 -39.52 -13.94
CA ALA C 289 26.93 -40.33 -14.00
C ALA C 289 26.84 -41.08 -15.34
N GLY C 290 27.06 -40.35 -16.44
CA GLY C 290 26.98 -40.94 -17.76
C GLY C 290 28.14 -41.88 -18.05
N LEU C 291 29.25 -41.64 -17.37
CA LEU C 291 30.45 -42.45 -17.51
C LEU C 291 30.25 -43.76 -16.76
N LEU C 292 29.45 -43.69 -15.71
CA LEU C 292 29.14 -44.86 -14.90
C LEU C 292 28.18 -45.82 -15.64
N ALA C 293 27.10 -45.25 -16.16
CA ALA C 293 26.10 -46.03 -16.89
C ALA C 293 26.80 -46.74 -18.03
N ALA C 294 27.71 -46.02 -18.69
CA ALA C 294 28.43 -46.59 -19.81
C ALA C 294 29.15 -47.85 -19.39
N GLN C 295 29.96 -47.74 -18.34
CA GLN C 295 30.73 -48.85 -17.81
C GLN C 295 29.88 -50.12 -17.71
N LYS C 296 28.60 -49.94 -17.41
CA LYS C 296 27.67 -51.06 -17.27
C LYS C 296 27.58 -51.87 -18.57
N VAL C 297 27.80 -51.22 -19.71
CA VAL C 297 27.74 -51.95 -20.98
C VAL C 297 29.14 -52.42 -21.36
N ILE C 298 30.15 -51.63 -21.07
CA ILE C 298 31.49 -52.00 -21.44
C ILE C 298 32.20 -52.84 -20.41
N SER C 299 32.09 -52.45 -19.15
CA SER C 299 32.73 -53.19 -18.07
C SER C 299 34.24 -53.29 -18.37
N LYS C 300 34.82 -52.18 -18.80
CA LYS C 300 36.24 -52.13 -19.12
C LYS C 300 37.03 -52.21 -17.83
N PRO C 301 38.11 -53.00 -17.84
CA PRO C 301 38.95 -53.14 -16.64
C PRO C 301 39.58 -51.81 -16.19
N ILE C 302 39.37 -51.50 -14.92
CA ILE C 302 39.88 -50.26 -14.32
C ILE C 302 41.29 -49.93 -14.78
N SER C 303 42.12 -50.96 -14.86
CA SER C 303 43.49 -50.82 -15.29
C SER C 303 43.61 -50.14 -16.65
N GLU C 304 42.74 -50.51 -17.59
CA GLU C 304 42.80 -49.94 -18.94
C GLU C 304 41.97 -48.69 -19.22
N HIS C 305 41.62 -47.95 -18.18
CA HIS C 305 40.83 -46.76 -18.41
C HIS C 305 41.68 -45.54 -18.70
N LYS C 306 41.63 -45.11 -19.96
CA LYS C 306 42.38 -43.95 -20.41
C LYS C 306 41.41 -42.91 -20.96
N ILE C 307 41.44 -41.70 -20.41
CA ILE C 307 40.55 -40.62 -20.82
C ILE C 307 41.31 -39.45 -21.42
N LEU C 308 40.67 -38.73 -22.32
CA LEU C 308 41.29 -37.57 -22.97
C LEU C 308 40.27 -36.44 -23.18
N PHE C 309 40.47 -35.32 -22.49
CA PHE C 309 39.56 -34.17 -22.61
C PHE C 309 39.99 -33.26 -23.73
N LEU C 310 39.01 -32.58 -24.32
CA LEU C 310 39.31 -31.60 -25.36
C LEU C 310 38.92 -30.33 -24.63
N GLY C 311 39.91 -29.71 -23.99
CA GLY C 311 39.68 -28.52 -23.19
C GLY C 311 40.16 -28.79 -21.78
N ALA C 312 40.81 -27.82 -21.15
CA ALA C 312 41.31 -28.01 -19.80
C ALA C 312 40.86 -26.90 -18.88
N GLY C 313 39.58 -26.55 -18.96
CA GLY C 313 39.11 -25.46 -18.13
C GLY C 313 38.16 -25.87 -17.03
N GLU C 314 37.33 -24.92 -16.65
CA GLU C 314 36.33 -25.09 -15.59
C GLU C 314 35.77 -26.52 -15.56
N ALA C 315 35.05 -26.85 -16.63
CA ALA C 315 34.40 -28.15 -16.78
C ALA C 315 35.32 -29.35 -16.88
N ALA C 316 36.36 -29.27 -17.70
CA ALA C 316 37.31 -30.37 -17.85
C ALA C 316 37.93 -30.78 -16.50
N LEU C 317 38.47 -29.81 -15.74
CA LEU C 317 39.10 -30.11 -14.45
C LEU C 317 38.10 -30.53 -13.38
N GLY C 318 36.84 -30.15 -13.53
CA GLY C 318 35.85 -30.53 -12.55
C GLY C 318 35.50 -32.01 -12.73
N ILE C 319 35.36 -32.42 -13.98
CA ILE C 319 35.04 -33.81 -14.28
C ILE C 319 36.23 -34.67 -13.87
N ALA C 320 37.40 -34.30 -14.39
CA ALA C 320 38.62 -35.03 -14.10
C ALA C 320 38.73 -35.33 -12.61
N ASN C 321 38.43 -34.35 -11.77
CA ASN C 321 38.53 -34.51 -10.33
C ASN C 321 37.58 -35.55 -9.78
N LEU C 322 36.33 -35.45 -10.17
CA LEU C 322 35.30 -36.36 -9.70
C LEU C 322 35.56 -37.78 -10.22
N ILE C 323 36.04 -37.88 -11.45
CA ILE C 323 36.34 -39.17 -12.05
C ILE C 323 37.36 -39.87 -11.17
N VAL C 324 38.37 -39.12 -10.75
CA VAL C 324 39.42 -39.63 -9.91
C VAL C 324 38.91 -40.06 -8.53
N SER C 326 36.15 -41.39 -7.83
CA SER C 326 35.46 -42.68 -7.97
C SER C 326 36.48 -43.79 -8.25
N VAL C 328 39.40 -43.93 -7.32
CA VAL C 328 39.98 -44.22 -6.03
C VAL C 328 39.04 -45.13 -5.23
N GLU C 329 37.81 -44.67 -4.98
CA GLU C 329 36.85 -45.48 -4.24
C GLU C 329 36.85 -46.91 -4.73
N ASN C 330 37.23 -47.10 -5.99
CA ASN C 330 37.25 -48.40 -6.65
C ASN C 330 38.63 -49.03 -6.72
N GLY C 331 39.51 -48.66 -5.80
CA GLY C 331 40.85 -49.20 -5.78
C GLY C 331 41.83 -48.08 -5.99
N LEU C 332 42.37 -48.02 -7.20
CA LEU C 332 43.32 -47.00 -7.63
C LEU C 332 43.77 -45.95 -6.62
N SER C 333 45.03 -45.56 -6.71
CA SER C 333 45.57 -44.54 -5.83
C SER C 333 45.26 -43.22 -6.54
N GLU C 334 45.22 -42.11 -5.80
CA GLU C 334 44.94 -40.83 -6.42
C GLU C 334 45.90 -40.61 -7.58
N GLN C 335 47.18 -40.81 -7.31
CA GLN C 335 48.22 -40.63 -8.31
C GLN C 335 47.97 -41.44 -9.58
N GLU C 336 47.77 -42.75 -9.43
CA GLU C 336 47.53 -43.60 -10.57
C GLU C 336 46.31 -43.16 -11.36
N ALA C 337 45.24 -42.81 -10.66
CA ALA C 337 44.02 -42.35 -11.30
C ALA C 337 44.37 -41.23 -12.27
N GLN C 338 44.86 -40.13 -11.73
CA GLN C 338 45.25 -38.97 -12.54
C GLN C 338 46.10 -39.32 -13.74
N LYS C 339 46.93 -40.35 -13.59
CA LYS C 339 47.80 -40.75 -14.69
C LYS C 339 46.98 -41.28 -15.85
N LYS C 340 45.76 -41.75 -15.55
CA LYS C 340 44.90 -42.28 -16.58
C LYS C 340 44.03 -41.19 -17.21
N ILE C 341 44.40 -39.93 -16.97
CA ILE C 341 43.65 -38.78 -17.49
C ILE C 341 44.53 -37.72 -18.13
N TRP C 342 44.33 -37.48 -19.43
CA TRP C 342 45.10 -36.48 -20.17
C TRP C 342 44.19 -35.33 -20.61
N PHE C 344 43.88 -31.82 -23.53
CA PHE C 344 44.38 -31.17 -24.73
C PHE C 344 43.64 -29.84 -24.93
N ASP C 345 44.35 -28.71 -24.82
CA ASP C 345 43.73 -27.41 -24.96
C ASP C 345 44.16 -26.67 -26.22
N LYS C 346 43.73 -25.41 -26.33
CA LYS C 346 44.02 -24.58 -27.48
C LYS C 346 45.50 -24.44 -27.81
N TYR C 347 46.35 -24.99 -26.95
CA TYR C 347 47.79 -24.91 -27.15
C TYR C 347 48.37 -26.29 -27.46
N GLY C 348 47.63 -27.33 -27.09
CA GLY C 348 48.10 -28.68 -27.34
C GLY C 348 48.02 -29.54 -26.12
N LEU C 349 48.58 -30.75 -26.21
CA LEU C 349 48.59 -31.71 -25.13
C LEU C 349 49.31 -31.17 -23.90
N LEU C 350 48.71 -31.35 -22.72
CA LEU C 350 49.32 -30.86 -21.49
C LEU C 350 50.42 -31.80 -21.02
N VAL C 351 51.65 -31.51 -21.44
CA VAL C 351 52.82 -32.30 -21.07
C VAL C 351 53.81 -31.47 -20.27
N LYS C 352 54.43 -32.12 -19.29
CA LYS C 352 55.41 -31.46 -18.41
C LYS C 352 56.46 -30.75 -19.26
N GLY C 353 56.72 -29.48 -18.94
CA GLY C 353 57.72 -28.72 -19.67
C GLY C 353 57.34 -27.99 -20.95
N ARG C 354 56.04 -27.84 -21.21
CA ARG C 354 55.60 -27.16 -22.43
C ARG C 354 55.65 -25.64 -22.29
N LYS C 355 55.81 -24.95 -23.42
CA LYS C 355 55.87 -23.49 -23.47
C LYS C 355 54.64 -22.84 -22.80
N ALA C 356 53.44 -23.22 -23.26
CA ALA C 356 52.21 -22.68 -22.68
C ALA C 356 52.19 -22.94 -21.18
N LYS C 357 51.51 -22.07 -20.46
CA LYS C 357 51.42 -22.21 -19.02
C LYS C 357 50.42 -23.26 -18.56
N ILE C 358 50.74 -23.89 -17.44
CA ILE C 358 49.91 -24.90 -16.83
C ILE C 358 49.61 -24.23 -15.49
N ASP C 359 48.58 -24.69 -14.78
CA ASP C 359 48.25 -24.06 -13.52
C ASP C 359 47.96 -25.03 -12.39
N SER C 360 47.92 -24.46 -11.19
CA SER C 360 47.65 -25.20 -9.97
C SER C 360 46.75 -26.44 -10.15
N TYR C 361 45.68 -26.30 -10.91
CA TYR C 361 44.74 -27.41 -11.09
C TYR C 361 45.09 -28.44 -12.17
N GLN C 362 45.79 -27.99 -13.20
CA GLN C 362 46.17 -28.85 -14.30
C GLN C 362 47.33 -29.78 -13.95
N GLU C 363 48.31 -29.26 -13.22
CA GLU C 363 49.50 -30.02 -12.83
C GLU C 363 49.27 -31.54 -12.70
N PRO C 364 48.30 -31.93 -11.87
CA PRO C 364 48.00 -33.36 -11.65
C PRO C 364 47.74 -34.18 -12.93
N PHE C 365 47.21 -33.53 -13.96
CA PHE C 365 46.89 -34.22 -15.20
C PHE C 365 47.83 -33.85 -16.31
N THR C 366 48.79 -32.97 -15.97
CA THR C 366 49.81 -32.53 -16.89
C THR C 366 50.90 -33.56 -16.68
N HIS C 367 51.05 -34.47 -17.65
CA HIS C 367 52.02 -35.55 -17.55
C HIS C 367 53.21 -35.50 -18.49
N SER C 368 54.15 -36.41 -18.27
CA SER C 368 55.37 -36.51 -19.06
C SER C 368 55.07 -36.76 -20.54
N ALA C 369 55.52 -35.85 -21.39
CA ALA C 369 55.31 -35.95 -22.83
C ALA C 369 55.47 -37.37 -23.36
N PRO C 370 54.57 -37.78 -24.30
CA PRO C 370 54.59 -39.12 -24.90
C PRO C 370 55.63 -39.19 -26.02
N GLU C 371 55.94 -40.41 -26.46
CA GLU C 371 56.93 -40.63 -27.51
C GLU C 371 56.85 -39.59 -28.62
N SER C 372 55.63 -39.17 -28.94
CA SER C 372 55.44 -38.15 -29.97
C SER C 372 54.53 -37.06 -29.47
N ILE C 373 54.74 -35.84 -29.94
CA ILE C 373 53.93 -34.72 -29.51
C ILE C 373 52.78 -34.45 -30.47
N PRO C 374 51.55 -34.75 -30.06
CA PRO C 374 50.38 -34.53 -30.90
C PRO C 374 50.26 -33.08 -31.36
N ASP C 375 50.14 -32.87 -32.66
CA ASP C 375 49.98 -31.52 -33.24
C ASP C 375 48.49 -31.15 -33.38
N THR C 376 47.65 -32.14 -33.66
CA THR C 376 46.20 -31.94 -33.78
C THR C 376 45.55 -32.84 -32.74
N PHE C 377 44.23 -32.82 -32.65
CA PHE C 377 43.56 -33.67 -31.67
C PHE C 377 43.42 -35.08 -32.19
N GLU C 378 43.64 -35.24 -33.50
CA GLU C 378 43.54 -36.57 -34.09
C GLU C 378 44.81 -37.29 -33.70
N ASP C 379 45.92 -36.60 -33.82
CA ASP C 379 47.20 -37.18 -33.47
C ASP C 379 47.12 -37.64 -32.03
N ALA C 380 46.68 -36.75 -31.15
CA ALA C 380 46.58 -37.10 -29.75
C ALA C 380 45.77 -38.38 -29.56
N VAL C 381 44.69 -38.52 -30.32
CA VAL C 381 43.86 -39.70 -30.20
C VAL C 381 44.64 -40.92 -30.69
N ASN C 382 45.33 -40.75 -31.81
CA ASN C 382 46.11 -41.83 -32.38
C ASN C 382 47.25 -42.25 -31.47
N ILE C 383 47.96 -41.26 -30.91
CA ILE C 383 49.09 -41.52 -30.02
C ILE C 383 48.64 -42.12 -28.70
N LEU C 384 47.86 -41.36 -27.95
CA LEU C 384 47.40 -41.82 -26.65
C LEU C 384 46.44 -43.04 -26.71
N LYS C 385 45.66 -43.15 -27.79
CA LYS C 385 44.73 -44.27 -27.90
C LYS C 385 43.84 -44.38 -26.68
N PRO C 386 43.05 -43.34 -26.40
CA PRO C 386 42.14 -43.29 -25.25
C PRO C 386 40.87 -44.10 -25.45
N SER C 387 40.27 -44.50 -24.33
CA SER C 387 39.04 -45.27 -24.32
C SER C 387 37.87 -44.29 -24.42
N THR C 388 38.00 -43.18 -23.70
CA THR C 388 36.99 -42.14 -23.65
C THR C 388 37.49 -40.86 -24.28
N ILE C 389 36.55 -40.02 -24.67
CA ILE C 389 36.85 -38.74 -25.29
C ILE C 389 35.80 -37.75 -24.76
N ILE C 390 36.25 -36.61 -24.24
CA ILE C 390 35.32 -35.61 -23.70
C ILE C 390 35.53 -34.22 -24.26
N GLY C 391 34.54 -33.76 -25.04
CA GLY C 391 34.59 -32.44 -25.63
C GLY C 391 33.96 -31.44 -24.68
N VAL C 392 34.75 -30.45 -24.31
CA VAL C 392 34.30 -29.42 -23.39
C VAL C 392 35.19 -28.19 -23.60
N ALA C 393 35.37 -27.89 -24.88
CA ALA C 393 36.19 -26.78 -25.35
C ALA C 393 35.37 -25.56 -25.72
N GLY C 394 34.07 -25.76 -25.93
CA GLY C 394 33.19 -24.66 -26.30
C GLY C 394 33.62 -23.98 -27.59
N ALA C 395 34.34 -24.72 -28.43
CA ALA C 395 34.89 -24.20 -29.69
C ALA C 395 34.33 -24.73 -31.02
N GLY C 396 33.20 -25.43 -30.99
CA GLY C 396 32.66 -25.95 -32.23
C GLY C 396 33.01 -27.43 -32.47
N ARG C 397 32.78 -27.89 -33.69
CA ARG C 397 33.00 -29.28 -34.08
C ARG C 397 34.45 -29.76 -34.16
N LEU C 398 35.13 -29.86 -33.03
CA LEU C 398 36.52 -30.31 -33.03
C LEU C 398 36.67 -31.84 -33.10
N PHE C 399 35.58 -32.57 -32.84
CA PHE C 399 35.57 -34.05 -32.90
C PHE C 399 35.27 -34.40 -34.36
N THR C 400 36.23 -34.14 -35.23
CA THR C 400 36.07 -34.40 -36.65
C THR C 400 35.81 -35.86 -36.94
N PRO C 401 35.26 -36.15 -38.13
CA PRO C 401 34.96 -37.52 -38.56
C PRO C 401 36.19 -38.41 -38.44
N ASP C 402 37.33 -37.89 -38.86
CA ASP C 402 38.59 -38.63 -38.79
C ASP C 402 38.85 -39.04 -37.32
N VAL C 403 38.50 -38.16 -36.38
CA VAL C 403 38.68 -38.46 -34.97
C VAL C 403 37.72 -39.58 -34.59
N ILE C 404 36.45 -39.36 -34.89
CA ILE C 404 35.38 -40.33 -34.62
C ILE C 404 35.76 -41.67 -35.26
N ARG C 405 36.21 -41.60 -36.51
CA ARG C 405 36.63 -42.77 -37.25
C ARG C 405 37.75 -43.50 -36.50
N ALA C 406 38.70 -42.72 -36.01
CA ALA C 406 39.85 -43.25 -35.29
C ALA C 406 39.44 -43.84 -33.94
N ALA C 408 36.72 -45.23 -33.24
CA ALA C 408 36.02 -46.48 -33.56
C ALA C 408 36.97 -47.64 -33.88
N SER C 409 38.08 -47.31 -34.53
CA SER C 409 39.05 -48.31 -34.89
C SER C 409 39.78 -48.79 -33.63
N ILE C 410 40.25 -47.83 -32.83
CA ILE C 410 40.97 -48.12 -31.58
C ILE C 410 40.14 -48.87 -30.55
N ASN C 411 38.86 -48.54 -30.44
CA ASN C 411 37.98 -49.19 -29.47
C ASN C 411 36.80 -49.89 -30.12
N GLU C 412 36.30 -50.95 -29.47
CA GLU C 412 35.15 -51.69 -30.00
C GLU C 412 33.90 -50.87 -29.65
N ARG C 413 33.86 -50.38 -28.42
CA ARG C 413 32.76 -49.56 -27.94
C ARG C 413 33.30 -48.23 -27.39
N PRO C 414 33.84 -47.37 -28.27
CA PRO C 414 34.37 -46.10 -27.76
C PRO C 414 33.30 -45.24 -27.09
N VAL C 415 33.74 -44.31 -26.25
CA VAL C 415 32.85 -43.40 -25.56
C VAL C 415 33.12 -41.98 -26.08
N ILE C 416 32.09 -41.34 -26.63
CA ILE C 416 32.20 -39.99 -27.19
C ILE C 416 31.23 -39.03 -26.52
N PHE C 417 31.77 -38.12 -25.70
CA PHE C 417 30.96 -37.12 -25.01
C PHE C 417 31.30 -35.70 -25.48
N ALA C 418 30.38 -35.08 -26.22
CA ALA C 418 30.58 -33.70 -26.68
C ALA C 418 29.59 -32.94 -25.81
N LEU C 419 30.10 -32.17 -24.85
CA LEU C 419 29.21 -31.47 -23.95
C LEU C 419 29.13 -29.96 -24.05
N SER C 420 29.89 -29.36 -24.95
CA SER C 420 29.88 -27.92 -25.12
C SER C 420 28.52 -27.42 -25.61
N ASN C 421 28.13 -26.25 -25.12
CA ASN C 421 26.86 -25.61 -25.50
C ASN C 421 27.18 -24.24 -26.08
N PRO C 422 26.29 -23.72 -26.94
CA PRO C 422 25.08 -24.43 -27.35
C PRO C 422 25.39 -25.30 -28.55
N THR C 423 24.35 -25.95 -29.10
CA THR C 423 24.53 -26.85 -30.23
C THR C 423 25.63 -26.49 -31.21
N ALA C 424 25.65 -25.23 -31.68
CA ALA C 424 26.66 -24.78 -32.64
C ALA C 424 28.11 -24.92 -32.22
N GLN C 425 28.38 -25.02 -30.92
CA GLN C 425 29.76 -25.18 -30.47
C GLN C 425 30.03 -26.59 -30.05
N ALA C 426 29.01 -27.43 -30.09
CA ALA C 426 29.17 -28.83 -29.73
C ALA C 426 30.33 -29.38 -30.55
N GLU C 427 31.02 -30.39 -30.05
CA GLU C 427 32.17 -30.98 -30.77
C GLU C 427 31.77 -31.86 -31.95
N CYS C 428 30.56 -32.39 -31.89
CA CYS C 428 30.03 -33.25 -32.95
C CYS C 428 28.58 -33.59 -32.63
N THR C 429 27.85 -34.04 -33.63
CA THR C 429 26.44 -34.41 -33.48
C THR C 429 26.24 -35.91 -33.27
N ALA C 430 25.07 -36.27 -32.75
CA ALA C 430 24.73 -37.66 -32.48
C ALA C 430 24.79 -38.45 -33.78
N GLU C 431 24.17 -37.90 -34.82
CA GLU C 431 24.16 -38.57 -36.11
C GLU C 431 25.60 -38.90 -36.52
N GLU C 432 26.52 -37.93 -36.38
CA GLU C 432 27.91 -38.16 -36.76
C GLU C 432 28.52 -39.27 -35.92
N ALA C 433 28.33 -39.20 -34.60
CA ALA C 433 28.87 -40.19 -33.68
C ALA C 433 28.38 -41.60 -33.99
N TYR C 434 27.06 -41.78 -34.03
CA TYR C 434 26.46 -43.09 -34.30
C TYR C 434 26.75 -43.60 -35.71
N THR C 435 26.48 -42.80 -36.72
CA THR C 435 26.76 -43.26 -38.05
C THR C 435 28.24 -43.56 -38.26
N LEU C 436 29.11 -42.61 -37.99
CA LEU C 436 30.55 -42.80 -38.22
C LEU C 436 31.26 -43.92 -37.43
N THR C 437 30.60 -44.51 -36.46
CA THR C 437 31.23 -45.59 -35.69
C THR C 437 30.44 -46.88 -35.83
N GLU C 438 29.49 -46.89 -36.76
CA GLU C 438 28.63 -48.05 -37.00
C GLU C 438 27.77 -48.39 -35.77
N GLY C 439 27.30 -47.36 -35.07
CA GLY C 439 26.44 -47.55 -33.92
C GLY C 439 27.09 -48.24 -32.73
N ARG C 440 28.41 -48.29 -32.71
CA ARG C 440 29.13 -48.94 -31.61
C ARG C 440 29.53 -47.97 -30.50
N CYS C 441 29.46 -46.68 -30.78
CA CYS C 441 29.83 -45.69 -29.78
C CYS C 441 28.77 -45.50 -28.71
N LEU C 442 29.20 -44.94 -27.59
CA LEU C 442 28.34 -44.62 -26.47
C LEU C 442 28.48 -43.11 -26.39
N PHE C 443 27.41 -42.41 -26.78
CA PHE C 443 27.43 -40.97 -26.87
C PHE C 443 26.49 -40.21 -25.95
N ALA C 444 26.90 -38.98 -25.64
CA ALA C 444 26.14 -38.04 -24.81
C ALA C 444 26.51 -36.63 -25.27
N SER C 445 25.51 -35.77 -25.38
CA SER C 445 25.74 -34.39 -25.80
C SER C 445 25.37 -33.39 -24.72
N GLY C 446 25.87 -32.16 -24.84
CA GLY C 446 25.52 -31.14 -23.87
C GLY C 446 24.17 -30.55 -24.19
N SER C 447 23.90 -30.33 -25.48
CA SER C 447 22.63 -29.80 -25.97
C SER C 447 21.79 -30.92 -26.61
N PRO C 448 20.47 -30.72 -26.76
CA PRO C 448 19.52 -31.70 -27.33
C PRO C 448 19.71 -32.18 -28.77
N PHE C 449 19.55 -33.50 -28.97
CA PHE C 449 19.66 -34.14 -30.29
C PHE C 449 18.64 -35.27 -30.32
N GLY C 450 17.92 -35.40 -31.44
CA GLY C 450 16.93 -36.47 -31.52
C GLY C 450 17.52 -37.83 -31.91
N PRO C 451 16.69 -38.89 -31.92
CA PRO C 451 17.11 -40.26 -32.27
C PRO C 451 17.65 -40.38 -33.68
N VAL C 452 18.63 -41.26 -33.83
CA VAL C 452 19.29 -41.50 -35.11
C VAL C 452 19.06 -42.92 -35.60
N LYS C 453 18.64 -43.04 -36.85
CA LYS C 453 18.42 -44.35 -37.46
C LYS C 453 19.45 -44.51 -38.54
N LEU C 454 20.33 -45.50 -38.40
CA LEU C 454 21.37 -45.74 -39.39
C LEU C 454 20.74 -46.30 -40.66
N THR C 455 21.46 -46.27 -41.77
CA THR C 455 20.93 -46.80 -43.02
C THR C 455 20.51 -48.24 -42.85
N ASP C 456 21.05 -48.91 -41.83
CA ASP C 456 20.70 -50.29 -41.60
C ASP C 456 19.49 -50.47 -40.69
N GLY C 457 18.78 -49.38 -40.44
CA GLY C 457 17.58 -49.45 -39.62
C GLY C 457 17.71 -49.29 -38.12
N ARG C 458 18.85 -49.69 -37.55
CA ARG C 458 19.08 -49.56 -36.11
C ARG C 458 18.84 -48.14 -35.66
N VAL C 459 18.02 -47.99 -34.62
CA VAL C 459 17.68 -46.68 -34.10
C VAL C 459 18.29 -46.44 -32.74
N PHE C 460 19.12 -45.41 -32.66
CA PHE C 460 19.76 -45.08 -31.40
C PHE C 460 19.25 -43.75 -30.85
N THR C 461 18.89 -43.79 -29.56
CA THR C 461 18.36 -42.65 -28.83
C THR C 461 19.35 -42.19 -27.75
N PRO C 462 20.16 -41.16 -28.06
CA PRO C 462 21.17 -40.61 -27.14
C PRO C 462 20.64 -39.80 -25.95
N GLY C 463 21.49 -39.64 -24.93
CA GLY C 463 21.15 -38.87 -23.75
C GLY C 463 21.81 -37.51 -23.71
N GLN C 464 21.39 -36.66 -22.78
CA GLN C 464 21.96 -35.31 -22.66
C GLN C 464 22.75 -35.08 -21.35
N GLY C 465 24.07 -35.03 -21.47
CA GLY C 465 24.90 -34.80 -20.30
C GLY C 465 24.86 -33.32 -19.95
N ASN C 466 23.90 -32.93 -19.12
CA ASN C 466 23.73 -31.55 -18.72
C ASN C 466 23.49 -31.46 -17.24
N ASN C 467 24.17 -30.53 -16.57
CA ASN C 467 24.03 -30.38 -15.12
C ASN C 467 22.63 -30.02 -14.63
N VAL C 468 21.70 -29.82 -15.57
CA VAL C 468 20.33 -29.49 -15.21
C VAL C 468 19.77 -30.76 -14.60
N TYR C 469 20.45 -31.87 -14.85
CA TYR C 469 20.05 -33.14 -14.28
C TYR C 469 20.49 -33.15 -12.82
N ILE C 470 21.43 -32.26 -12.49
CA ILE C 470 22.01 -32.21 -11.14
C ILE C 470 21.59 -31.04 -10.27
N PHE C 471 21.97 -29.83 -10.64
CA PHE C 471 21.68 -28.69 -9.78
C PHE C 471 20.28 -28.54 -9.17
N PRO C 472 19.23 -28.84 -9.95
CA PRO C 472 17.95 -28.64 -9.26
C PRO C 472 17.73 -29.57 -8.03
N GLY C 473 18.17 -30.82 -8.15
CA GLY C 473 17.98 -31.76 -7.05
C GLY C 473 18.95 -31.60 -5.89
N VAL C 474 20.17 -31.17 -6.18
CA VAL C 474 21.14 -30.99 -5.12
C VAL C 474 20.79 -29.73 -4.34
N ALA C 475 20.35 -28.71 -5.06
CA ALA C 475 19.98 -27.44 -4.43
C ALA C 475 18.80 -27.63 -3.48
N LEU C 476 17.83 -28.43 -3.89
CA LEU C 476 16.66 -28.70 -3.06
C LEU C 476 17.07 -29.37 -1.77
N ALA C 477 18.00 -30.32 -1.84
CA ALA C 477 18.47 -31.04 -0.66
C ALA C 477 19.21 -30.15 0.34
N VAL C 478 20.20 -29.41 -0.12
CA VAL C 478 20.98 -28.53 0.75
C VAL C 478 20.04 -27.60 1.50
N ILE C 479 19.15 -26.95 0.75
CA ILE C 479 18.18 -26.02 1.32
C ILE C 479 17.37 -26.60 2.48
N LEU C 480 16.65 -27.67 2.20
CA LEU C 480 15.80 -28.35 3.17
C LEU C 480 16.55 -28.83 4.42
N CYS C 481 17.79 -29.23 4.25
CA CYS C 481 18.59 -29.72 5.36
C CYS C 481 19.24 -28.60 6.15
N ASN C 482 19.25 -27.38 5.60
CA ASN C 482 19.87 -26.28 6.29
C ASN C 482 21.35 -26.52 6.31
N THR C 483 21.88 -26.95 5.17
CA THR C 483 23.28 -27.21 5.05
C THR C 483 24.03 -25.87 4.99
N ARG C 484 25.24 -25.84 5.54
CA ARG C 484 26.04 -24.63 5.57
C ARG C 484 27.18 -24.67 4.60
N HIS C 485 27.51 -25.85 4.11
CA HIS C 485 28.59 -25.97 3.14
C HIS C 485 28.41 -27.17 2.25
N ILE C 486 29.01 -27.10 1.07
CA ILE C 486 28.93 -28.19 0.12
C ILE C 486 30.31 -28.74 -0.23
N SER C 487 30.50 -30.02 0.05
CA SER C 487 31.74 -30.71 -0.23
C SER C 487 31.65 -31.34 -1.59
N ASP C 488 32.78 -31.79 -2.10
CA ASP C 488 32.84 -32.41 -3.40
C ASP C 488 32.11 -33.76 -3.41
N SER C 489 32.13 -34.44 -2.26
CA SER C 489 31.51 -35.74 -2.16
C SER C 489 29.99 -35.67 -2.29
N VAL C 490 29.45 -34.47 -2.17
CA VAL C 490 28.01 -34.31 -2.29
C VAL C 490 27.60 -34.55 -3.73
N PHE C 491 28.44 -34.12 -4.66
CA PHE C 491 28.17 -34.31 -6.08
C PHE C 491 28.47 -35.76 -6.41
N LEU C 492 29.52 -36.29 -5.82
CA LEU C 492 29.88 -37.68 -6.04
C LEU C 492 28.64 -38.51 -5.76
N GLU C 493 27.92 -38.13 -4.72
CA GLU C 493 26.72 -38.84 -4.32
C GLU C 493 25.56 -38.55 -5.24
N ALA C 494 25.54 -37.35 -5.80
CA ALA C 494 24.46 -36.96 -6.69
C ALA C 494 24.57 -37.71 -8.02
N ALA C 495 25.81 -37.88 -8.47
CA ALA C 495 26.09 -38.59 -9.71
C ALA C 495 25.68 -40.05 -9.58
N LYS C 496 25.87 -40.58 -8.39
CA LYS C 496 25.53 -41.96 -8.09
C LYS C 496 24.04 -42.10 -8.00
N ALA C 497 23.39 -41.03 -7.56
CA ALA C 497 21.95 -41.04 -7.39
C ALA C 497 21.25 -40.93 -8.70
N LEU C 498 21.88 -40.24 -9.65
CA LEU C 498 21.28 -40.06 -10.95
C LEU C 498 21.35 -41.36 -11.76
N THR C 499 22.57 -41.81 -12.04
CA THR C 499 22.77 -43.01 -12.83
C THR C 499 22.04 -44.22 -12.24
N SER C 500 21.95 -44.27 -10.92
CA SER C 500 21.28 -45.37 -10.25
C SER C 500 19.80 -45.42 -10.56
N GLN C 501 19.35 -44.51 -11.42
CA GLN C 501 17.95 -44.48 -11.77
C GLN C 501 17.73 -44.95 -13.20
N LEU C 502 18.81 -45.18 -13.91
CA LEU C 502 18.72 -45.64 -15.29
C LEU C 502 18.34 -47.12 -15.38
N THR C 503 17.37 -47.45 -16.23
CA THR C 503 16.97 -48.85 -16.41
C THR C 503 17.61 -49.38 -17.67
N ASP C 504 17.95 -50.65 -17.64
CA ASP C 504 18.57 -51.32 -18.77
C ASP C 504 17.83 -51.11 -20.09
N GLU C 505 16.51 -50.96 -20.03
CA GLU C 505 15.70 -50.76 -21.24
C GLU C 505 16.11 -49.47 -21.95
N GLU C 506 16.07 -48.37 -21.20
CA GLU C 506 16.44 -47.08 -21.75
C GLU C 506 17.93 -47.14 -22.04
N LEU C 507 18.62 -47.93 -21.24
CA LEU C 507 20.05 -48.12 -21.41
C LEU C 507 20.25 -48.67 -22.81
N ALA C 508 19.51 -49.74 -23.09
CA ALA C 508 19.56 -50.45 -24.36
C ALA C 508 19.32 -49.56 -25.58
N GLN C 509 18.54 -48.49 -25.42
CA GLN C 509 18.27 -47.59 -26.55
C GLN C 509 19.48 -46.71 -26.87
N GLY C 510 20.41 -46.62 -25.92
CA GLY C 510 21.59 -45.82 -26.12
C GLY C 510 21.66 -44.60 -25.20
N ARG C 511 20.69 -44.51 -24.30
CA ARG C 511 20.65 -43.40 -23.35
C ARG C 511 21.37 -43.78 -22.08
N LEU C 512 22.32 -42.94 -21.70
CA LEU C 512 23.10 -43.14 -20.49
C LEU C 512 22.48 -42.30 -19.39
N TYR C 513 21.26 -41.83 -19.62
CA TYR C 513 20.56 -40.99 -18.65
C TYR C 513 19.06 -41.27 -18.66
N PRO C 514 18.42 -41.14 -17.47
CA PRO C 514 16.98 -41.38 -17.45
C PRO C 514 16.36 -40.38 -18.43
N PRO C 515 15.24 -40.76 -19.07
CA PRO C 515 14.59 -39.85 -20.04
C PRO C 515 14.38 -38.47 -19.46
N LEU C 516 14.45 -37.46 -20.32
CA LEU C 516 14.28 -36.07 -19.90
C LEU C 516 12.86 -35.76 -19.45
N ALA C 517 11.91 -36.52 -19.99
CA ALA C 517 10.51 -36.36 -19.66
C ALA C 517 10.21 -36.60 -18.19
N ASN C 518 11.15 -37.25 -17.49
CA ASN C 518 11.00 -37.56 -16.06
C ASN C 518 11.97 -36.79 -15.17
N ILE C 519 12.56 -35.73 -15.70
CA ILE C 519 13.51 -34.93 -14.95
C ILE C 519 12.97 -34.43 -13.60
N GLN C 520 11.65 -34.24 -13.51
CA GLN C 520 11.04 -33.78 -12.27
C GLN C 520 11.12 -34.79 -11.13
N GLU C 521 10.87 -36.07 -11.43
CA GLU C 521 10.94 -37.09 -10.38
C GLU C 521 12.37 -37.56 -10.18
N VAL C 522 13.17 -37.54 -11.23
CA VAL C 522 14.56 -37.95 -11.10
C VAL C 522 15.16 -36.99 -10.10
N SER C 523 14.93 -35.70 -10.34
CA SER C 523 15.42 -34.63 -9.47
C SER C 523 15.04 -34.83 -8.01
N ILE C 524 13.75 -35.01 -7.74
CA ILE C 524 13.31 -35.24 -6.37
C ILE C 524 14.05 -36.45 -5.80
N ASN C 525 14.07 -37.53 -6.57
CA ASN C 525 14.72 -38.75 -6.14
C ASN C 525 16.16 -38.47 -5.78
N ILE C 526 16.78 -37.57 -6.53
CA ILE C 526 18.16 -37.21 -6.30
C ILE C 526 18.22 -36.40 -5.02
N ALA C 527 17.26 -35.51 -4.84
CA ALA C 527 17.18 -34.67 -3.66
C ALA C 527 17.03 -35.50 -2.41
N ILE C 528 16.30 -36.60 -2.50
CA ILE C 528 16.10 -37.47 -1.35
C ILE C 528 17.37 -38.26 -0.99
N LYS C 529 18.10 -38.72 -1.99
CA LYS C 529 19.30 -39.47 -1.70
C LYS C 529 20.27 -38.56 -0.97
N VAL C 530 20.52 -37.40 -1.56
CA VAL C 530 21.44 -36.41 -1.01
C VAL C 530 21.04 -35.94 0.39
N THR C 531 19.77 -35.70 0.64
CA THR C 531 19.37 -35.24 1.95
C THR C 531 19.61 -36.35 2.97
N GLU C 532 19.82 -37.57 2.49
CA GLU C 532 20.08 -38.68 3.38
C GLU C 532 21.56 -38.68 3.73
N TYR C 533 22.36 -38.41 2.71
CA TYR C 533 23.80 -38.33 2.82
C TYR C 533 24.18 -37.24 3.83
N LEU C 534 23.72 -36.02 3.57
CA LEU C 534 24.01 -34.86 4.42
C LEU C 534 23.73 -35.17 5.88
N TYR C 535 22.56 -35.73 6.13
CA TYR C 535 22.18 -36.06 7.49
C TYR C 535 23.11 -37.12 8.06
N ALA C 536 23.36 -38.16 7.28
CA ALA C 536 24.19 -39.26 7.71
C ALA C 536 25.63 -38.86 7.99
N ASN C 537 26.07 -37.75 7.42
CA ASN C 537 27.44 -37.25 7.60
C ASN C 537 27.52 -36.01 8.45
N LYS C 538 26.42 -35.73 9.15
CA LYS C 538 26.34 -34.58 10.02
C LYS C 538 26.62 -33.27 9.29
N ALA C 540 23.70 -31.73 7.87
CA ALA C 540 22.35 -31.18 7.85
C ALA C 540 22.13 -30.59 9.23
N PHE C 541 21.48 -29.43 9.29
CA PHE C 541 21.26 -28.80 10.58
C PHE C 541 19.80 -28.54 10.84
N ARG C 542 18.98 -28.92 9.87
CA ARG C 542 17.54 -28.77 10.01
C ARG C 542 17.17 -29.68 11.18
N TYR C 543 16.39 -29.17 12.13
CA TYR C 543 15.99 -29.99 13.28
C TYR C 543 14.49 -29.91 13.58
N PRO C 544 13.88 -31.03 13.97
CA PRO C 544 14.55 -32.33 14.14
C PRO C 544 14.83 -32.99 12.79
N GLU C 545 15.46 -34.15 12.85
CA GLU C 545 15.79 -34.90 11.65
C GLU C 545 14.57 -35.75 11.27
N PRO C 546 14.19 -35.74 9.98
CA PRO C 546 13.01 -36.54 9.60
C PRO C 546 13.28 -38.05 9.59
N GLU C 547 12.29 -38.80 10.09
CA GLU C 547 12.37 -40.25 10.14
C GLU C 547 12.43 -40.73 8.70
N ASP C 548 11.35 -40.43 7.97
CA ASP C 548 11.19 -40.80 6.57
C ASP C 548 11.69 -39.69 5.65
N LYS C 549 12.96 -39.78 5.26
CA LYS C 549 13.57 -38.79 4.40
C LYS C 549 12.83 -38.54 3.08
N ALA C 550 12.16 -39.55 2.55
CA ALA C 550 11.43 -39.39 1.31
C ALA C 550 10.12 -38.64 1.51
N LYS C 551 9.34 -39.07 2.49
CA LYS C 551 8.05 -38.44 2.77
C LYS C 551 8.27 -36.99 3.11
N TYR C 552 9.41 -36.70 3.71
CA TYR C 552 9.76 -35.35 4.15
C TYR C 552 10.01 -34.42 2.99
N VAL C 553 10.72 -34.91 1.97
CA VAL C 553 11.03 -34.10 0.81
C VAL C 553 9.83 -33.83 -0.07
N LYS C 554 9.14 -34.88 -0.48
CA LYS C 554 7.98 -34.74 -1.35
C LYS C 554 6.90 -33.95 -0.65
N GLU C 555 7.00 -33.87 0.66
CA GLU C 555 6.00 -33.14 1.42
C GLU C 555 6.15 -31.64 1.24
N ARG C 556 7.36 -31.19 0.91
CA ARG C 556 7.62 -29.76 0.77
C ARG C 556 7.94 -29.24 -0.60
N THR C 557 7.36 -29.82 -1.66
CA THR C 557 7.63 -29.30 -3.00
C THR C 557 6.58 -28.24 -3.33
N TRP C 558 6.93 -27.29 -4.19
CA TRP C 558 6.00 -26.24 -4.60
C TRP C 558 5.12 -26.76 -5.75
N ARG C 559 3.80 -26.58 -5.63
CA ARG C 559 2.88 -27.03 -6.67
C ARG C 559 2.45 -25.89 -7.61
N SER C 560 2.30 -26.22 -8.88
CA SER C 560 1.88 -25.23 -9.86
C SER C 560 0.37 -25.02 -9.84
N GLU C 561 -0.34 -25.68 -8.93
CA GLU C 561 -1.79 -25.52 -8.85
C GLU C 561 -2.16 -24.30 -8.04
N TYR C 562 -3.15 -23.55 -8.53
CA TYR C 562 -3.60 -22.34 -7.82
C TYR C 562 -4.02 -22.67 -6.39
N ASP C 563 -3.77 -21.73 -5.49
CA ASP C 563 -4.14 -21.90 -4.08
C ASP C 563 -5.30 -20.93 -3.82
N SER C 564 -6.15 -21.22 -2.84
CA SER C 564 -7.28 -20.34 -2.55
C SER C 564 -6.86 -19.07 -1.81
N LEU C 565 -7.27 -17.92 -2.35
CA LEU C 565 -6.94 -16.62 -1.77
C LEU C 565 -7.99 -16.13 -0.79
N LEU C 566 -8.95 -16.98 -0.45
CA LEU C 566 -10.00 -16.50 0.43
C LEU C 566 -9.67 -16.34 1.90
N PRO C 567 -10.23 -15.31 2.55
CA PRO C 567 -9.98 -15.09 3.97
C PRO C 567 -10.64 -16.22 4.74
N ASP C 568 -10.17 -16.46 5.96
CA ASP C 568 -10.68 -17.52 6.81
C ASP C 568 -11.95 -17.13 7.56
N VAL C 569 -13.09 -17.11 6.86
CA VAL C 569 -14.37 -16.77 7.49
C VAL C 569 -14.94 -18.01 8.19
N TYR C 570 -15.72 -17.80 9.26
CA TYR C 570 -16.33 -18.88 10.04
C TYR C 570 -17.10 -18.31 11.24
N GLU C 571 -18.19 -18.99 11.60
CA GLU C 571 -19.04 -18.56 12.71
C GLU C 571 -18.66 -19.07 14.09
N TRP C 572 -18.80 -18.20 15.08
CA TRP C 572 -18.51 -18.51 16.47
C TRP C 572 -19.74 -19.12 17.14
N PRO C 573 -19.55 -20.11 18.03
CA PRO C 573 -20.65 -20.79 18.75
C PRO C 573 -21.53 -19.89 19.62
N ILE D 21 2.72 10.88 -7.30
CA ILE D 21 2.86 9.40 -7.15
C ILE D 21 3.11 9.04 -5.68
N LYS D 22 2.18 8.25 -5.12
CA LYS D 22 2.29 7.86 -3.72
C LYS D 22 3.15 6.62 -3.42
N GLU D 23 3.42 5.79 -4.42
CA GLU D 23 4.21 4.59 -4.14
C GLU D 23 5.61 4.49 -4.71
N LYS D 24 6.43 3.65 -4.08
CA LYS D 24 7.80 3.43 -4.49
C LYS D 24 8.13 1.94 -4.69
N GLY D 25 9.35 1.68 -5.15
CA GLY D 25 9.79 0.32 -5.38
C GLY D 25 9.08 -0.38 -6.51
N LYS D 26 9.20 -1.71 -6.57
CA LYS D 26 8.57 -2.51 -7.62
C LYS D 26 7.26 -1.96 -8.14
N PRO D 27 6.28 -1.74 -7.25
CA PRO D 27 4.98 -1.20 -7.68
C PRO D 27 5.11 -0.13 -8.78
N LEU D 28 6.15 0.67 -8.70
CA LEU D 28 6.36 1.71 -9.71
C LEU D 28 6.58 1.13 -11.10
N LEU D 30 5.61 -2.11 -11.93
CA LEU D 30 4.52 -3.04 -12.22
C LEU D 30 3.29 -2.34 -12.81
N ASN D 31 3.13 -1.05 -12.51
CA ASN D 31 2.00 -0.30 -13.03
C ASN D 31 2.44 0.39 -14.35
N PRO D 32 1.76 0.08 -15.46
CA PRO D 32 2.10 0.67 -16.77
C PRO D 32 1.97 2.19 -16.82
N ARG D 33 1.12 2.74 -15.95
CA ARG D 33 0.94 4.19 -15.92
C ARG D 33 2.25 4.87 -15.54
N THR D 34 2.99 4.25 -14.62
CA THR D 34 4.26 4.79 -14.14
C THR D 34 5.53 4.13 -14.71
N ASN D 35 5.46 2.84 -15.03
CA ASN D 35 6.65 2.14 -15.54
C ASN D 35 7.37 2.87 -16.68
N LYS D 36 8.65 3.14 -16.48
CA LYS D 36 9.43 3.86 -17.47
C LYS D 36 10.46 2.97 -18.14
N GLY D 37 10.66 1.78 -17.60
CA GLY D 37 11.65 0.91 -18.21
C GLY D 37 13.03 1.39 -17.82
N ALA D 39 14.36 3.96 -18.72
CA ALA D 39 14.42 5.40 -18.83
C ALA D 39 14.36 6.03 -17.44
N PHE D 40 14.14 5.23 -16.41
CA PHE D 40 14.12 5.79 -15.07
C PHE D 40 15.52 6.38 -14.84
N THR D 41 15.60 7.64 -14.45
CA THR D 41 16.89 8.26 -14.20
C THR D 41 17.58 7.64 -12.97
N LEU D 42 18.89 7.79 -12.85
CA LEU D 42 19.57 7.22 -11.69
C LEU D 42 19.06 7.85 -10.42
N GLN D 43 18.83 9.15 -10.44
CA GLN D 43 18.35 9.80 -9.26
C GLN D 43 17.00 9.25 -8.92
N GLU D 44 16.17 9.03 -9.92
CA GLU D 44 14.84 8.47 -9.67
C GLU D 44 14.95 7.04 -9.10
N ARG D 45 15.85 6.24 -9.69
CA ARG D 45 16.05 4.87 -9.25
C ARG D 45 16.49 4.84 -7.80
N GLN D 46 17.49 5.66 -7.48
CA GLN D 46 18.02 5.74 -6.12
C GLN D 46 17.06 6.32 -5.09
N LEU D 48 13.59 6.42 -5.49
CA LEU D 48 12.30 5.74 -5.44
C LEU D 48 12.44 4.27 -5.08
N GLY D 49 13.66 3.84 -4.82
CA GLY D 49 13.91 2.46 -4.44
C GLY D 49 13.93 1.46 -5.58
N LEU D 50 14.50 1.82 -6.72
CA LEU D 50 14.52 0.90 -7.84
C LEU D 50 15.93 0.57 -8.23
N GLN D 51 16.89 1.01 -7.44
CA GLN D 51 18.28 0.73 -7.75
C GLN D 51 18.54 -0.76 -7.60
N GLY D 52 18.94 -1.43 -8.68
CA GLY D 52 19.20 -2.87 -8.64
C GLY D 52 18.13 -3.66 -9.35
N LEU D 53 16.91 -3.12 -9.35
CA LEU D 53 15.79 -3.77 -10.00
C LEU D 53 15.76 -3.54 -11.50
N LEU D 54 16.66 -2.68 -12.00
CA LEU D 54 16.76 -2.34 -13.43
C LEU D 54 18.22 -2.45 -13.87
N PRO D 55 18.48 -2.89 -15.11
CA PRO D 55 19.89 -3.00 -15.56
C PRO D 55 20.63 -1.66 -15.48
N PRO D 56 21.96 -1.70 -15.25
CA PRO D 56 22.87 -0.55 -15.14
C PRO D 56 22.91 0.45 -16.27
N LYS D 57 21.94 0.37 -17.20
CA LYS D 57 21.91 1.29 -18.33
C LYS D 57 20.73 2.27 -18.25
N ILE D 58 20.98 3.51 -18.67
CA ILE D 58 19.92 4.53 -18.71
C ILE D 58 19.61 4.74 -20.19
N GLU D 59 18.37 4.49 -20.58
CA GLU D 59 17.93 4.62 -21.97
C GLU D 59 17.04 5.84 -22.18
N THR D 60 16.95 6.31 -23.43
CA THR D 60 16.09 7.44 -23.78
C THR D 60 14.83 6.87 -24.43
N GLN D 61 13.72 7.59 -24.36
CA GLN D 61 12.49 7.11 -24.96
C GLN D 61 12.73 6.93 -26.46
N ASP D 62 13.68 7.67 -26.98
CA ASP D 62 13.99 7.58 -28.39
C ASP D 62 14.71 6.28 -28.70
N ILE D 63 15.34 5.70 -27.72
CA ILE D 63 16.05 4.45 -27.94
C ILE D 63 15.03 3.33 -27.85
N GLN D 64 14.10 3.47 -26.92
CA GLN D 64 13.08 2.47 -26.71
C GLN D 64 12.22 2.37 -27.96
N ALA D 65 11.85 3.52 -28.52
CA ALA D 65 11.02 3.55 -29.72
C ALA D 65 11.79 2.88 -30.85
N LEU D 66 13.11 3.06 -30.88
CA LEU D 66 13.94 2.46 -31.90
C LEU D 66 13.82 0.94 -31.84
N ARG D 67 13.77 0.41 -30.62
CA ARG D 67 13.68 -1.03 -30.41
C ARG D 67 12.34 -1.56 -30.91
N PHE D 68 11.29 -0.77 -30.71
CA PHE D 68 9.96 -1.17 -31.14
C PHE D 68 9.84 -1.28 -32.64
N HIS D 69 10.28 -0.26 -33.36
CA HIS D 69 10.15 -0.30 -34.81
C HIS D 69 10.97 -1.41 -35.42
N ARG D 70 12.14 -1.67 -34.84
CA ARG D 70 13.02 -2.73 -35.33
C ARG D 70 12.38 -4.09 -35.12
N ASN D 71 11.74 -4.27 -33.97
CA ASN D 71 11.06 -5.52 -33.63
C ASN D 71 9.82 -5.64 -34.50
N LEU D 72 9.05 -4.56 -34.57
CA LEU D 72 7.84 -4.56 -35.38
C LEU D 72 8.11 -4.90 -36.86
N LYS D 73 9.19 -4.35 -37.40
CA LYS D 73 9.54 -4.58 -38.81
C LYS D 73 9.75 -6.06 -39.14
N LYS D 74 10.12 -6.85 -38.14
CA LYS D 74 10.31 -8.27 -38.39
C LYS D 74 8.97 -8.99 -38.53
N THR D 76 5.21 -10.49 -39.20
CA THR D 76 4.58 -10.72 -40.48
C THR D 76 3.08 -10.44 -40.58
N SER D 77 2.32 -10.96 -39.62
CA SER D 77 0.87 -10.76 -39.65
C SER D 77 0.38 -9.58 -38.82
N PRO D 78 -0.73 -8.97 -39.25
CA PRO D 78 -1.28 -7.82 -38.52
C PRO D 78 -1.79 -8.12 -37.12
N LEU D 79 -2.48 -9.24 -36.93
CA LEU D 79 -2.98 -9.59 -35.59
C LEU D 79 -1.82 -9.85 -34.66
N GLU D 80 -0.68 -10.28 -35.22
CA GLU D 80 0.52 -10.53 -34.41
C GLU D 80 1.03 -9.18 -33.92
N LYS D 81 1.01 -8.20 -34.83
CA LYS D 81 1.46 -6.84 -34.54
C LYS D 81 0.52 -6.18 -33.56
N TYR D 82 -0.77 -6.48 -33.70
CA TYR D 82 -1.80 -5.93 -32.83
C TYR D 82 -1.52 -6.36 -31.40
N ILE D 83 -1.25 -7.66 -31.24
CA ILE D 83 -0.98 -8.22 -29.92
C ILE D 83 0.27 -7.60 -29.31
N TYR D 84 1.29 -7.40 -30.13
CA TYR D 84 2.51 -6.80 -29.65
C TYR D 84 2.27 -5.42 -29.06
N ILE D 85 1.85 -4.51 -29.93
CA ILE D 85 1.65 -3.13 -29.52
C ILE D 85 0.54 -2.91 -28.51
N GLY D 87 -0.02 -4.75 -26.27
CA GLY D 87 0.57 -5.28 -25.06
C GLY D 87 1.43 -4.25 -24.35
N ILE D 88 2.00 -3.34 -25.13
CA ILE D 88 2.84 -2.29 -24.61
C ILE D 88 2.04 -1.40 -23.70
N GLN D 89 0.78 -1.18 -24.03
CA GLN D 89 -0.06 -0.32 -23.22
C GLN D 89 -0.22 -0.89 -21.81
N GLU D 90 -0.02 -2.19 -21.68
CA GLU D 90 -0.11 -2.89 -20.40
C GLU D 90 1.28 -3.05 -19.77
N ARG D 91 2.27 -2.42 -20.40
CA ARG D 91 3.63 -2.46 -19.92
C ARG D 91 4.16 -1.07 -19.61
N ASN D 92 4.05 -0.17 -20.59
CA ASN D 92 4.55 1.19 -20.47
C ASN D 92 3.68 2.16 -21.26
N GLU D 93 2.62 2.67 -20.63
CA GLU D 93 1.69 3.60 -21.29
C GLU D 93 2.35 4.71 -22.11
N LYS D 94 3.26 5.44 -21.47
CA LYS D 94 3.97 6.55 -22.12
C LYS D 94 4.65 6.14 -23.43
N LEU D 95 5.29 4.99 -23.45
CA LEU D 95 5.94 4.53 -24.68
C LEU D 95 4.90 4.10 -25.71
N PHE D 96 3.80 3.54 -25.22
CA PHE D 96 2.73 3.06 -26.08
C PHE D 96 2.24 4.16 -27.02
N TYR D 97 1.93 5.31 -26.46
CA TYR D 97 1.42 6.42 -27.25
C TYR D 97 2.49 7.13 -28.06
N ARG D 98 3.74 6.98 -27.66
CA ARG D 98 4.84 7.59 -28.38
C ARG D 98 5.04 6.76 -29.65
N ILE D 99 4.88 5.46 -29.50
CA ILE D 99 5.01 4.54 -30.61
C ILE D 99 3.88 4.78 -31.62
N LEU D 100 2.72 5.20 -31.10
CA LEU D 100 1.59 5.52 -31.93
C LEU D 100 1.95 6.84 -32.62
N GLN D 101 2.11 7.89 -31.81
CA GLN D 101 2.48 9.22 -32.27
C GLN D 101 3.50 9.19 -33.39
N ASP D 102 4.48 8.29 -33.26
CA ASP D 102 5.51 8.17 -34.26
C ASP D 102 4.99 7.93 -35.69
N ASP D 103 3.80 7.35 -35.82
CA ASP D 103 3.17 7.10 -37.12
C ASP D 103 1.77 6.49 -36.97
N ILE D 104 0.80 7.31 -36.58
CA ILE D 104 -0.58 6.86 -36.38
C ILE D 104 -1.26 6.30 -37.63
N GLU D 105 -0.82 6.79 -38.78
CA GLU D 105 -1.38 6.39 -40.07
C GLU D 105 -1.07 4.96 -40.47
N SER D 106 0.15 4.51 -40.20
CA SER D 106 0.51 3.15 -40.54
C SER D 106 0.03 2.12 -39.50
N LEU D 107 -0.08 2.52 -38.23
CA LEU D 107 -0.48 1.62 -37.18
C LEU D 107 -1.97 1.64 -36.93
N PRO D 109 -4.45 0.83 -39.13
CA PRO D 109 -5.18 -0.34 -39.63
C PRO D 109 -4.96 -1.55 -38.74
N ILE D 110 -3.94 -1.45 -37.88
CA ILE D 110 -3.60 -2.52 -36.95
C ILE D 110 -4.34 -2.38 -35.63
N VAL D 111 -4.41 -1.14 -35.15
CA VAL D 111 -5.05 -0.82 -33.88
C VAL D 111 -6.53 -0.52 -34.03
N TYR D 112 -6.91 0.00 -35.18
CA TYR D 112 -8.30 0.34 -35.48
C TYR D 112 -8.84 -0.60 -36.59
N THR D 113 -9.61 -0.06 -37.52
CA THR D 113 -10.15 -0.87 -38.58
C THR D 113 -9.11 -1.08 -39.68
N PRO D 114 -9.07 -2.29 -40.25
CA PRO D 114 -9.89 -3.47 -39.99
C PRO D 114 -9.39 -4.50 -38.98
N THR D 115 -8.10 -4.45 -38.64
CA THR D 115 -7.52 -5.43 -37.75
C THR D 115 -8.07 -5.50 -36.32
N VAL D 116 -8.82 -4.49 -35.91
CA VAL D 116 -9.38 -4.51 -34.57
C VAL D 116 -10.60 -5.43 -34.58
N GLY D 117 -11.23 -5.55 -35.75
CA GLY D 117 -12.38 -6.43 -35.88
C GLY D 117 -11.91 -7.87 -35.78
N LEU D 118 -10.83 -8.18 -36.48
CA LEU D 118 -10.25 -9.50 -36.48
C LEU D 118 -9.92 -9.91 -35.04
N ALA D 119 -9.37 -8.97 -34.28
CA ALA D 119 -9.00 -9.21 -32.89
C ALA D 119 -10.20 -9.43 -31.98
N CYS D 120 -11.24 -8.64 -32.19
CA CYS D 120 -12.44 -8.76 -31.38
C CYS D 120 -13.06 -10.12 -31.57
N SER D 121 -13.05 -10.60 -32.80
CA SER D 121 -13.61 -11.90 -33.13
C SER D 121 -12.77 -13.04 -32.53
N GLN D 122 -11.59 -12.69 -32.03
CA GLN D 122 -10.71 -13.69 -31.43
C GLN D 122 -10.21 -13.27 -30.05
N TYR D 123 -10.97 -12.40 -29.41
CA TYR D 123 -10.59 -11.91 -28.11
C TYR D 123 -10.18 -13.02 -27.13
N GLY D 124 -10.96 -14.09 -27.10
CA GLY D 124 -10.72 -15.19 -26.19
C GLY D 124 -9.53 -16.05 -26.49
N HIS D 125 -9.04 -15.97 -27.71
CA HIS D 125 -7.87 -16.76 -28.10
C HIS D 125 -6.56 -16.06 -27.76
N ILE D 126 -6.52 -14.75 -27.95
CA ILE D 126 -5.33 -13.93 -27.72
C ILE D 126 -5.27 -13.24 -26.35
N PHE D 127 -6.26 -13.55 -25.51
CA PHE D 127 -6.33 -12.98 -24.18
C PHE D 127 -5.10 -13.21 -23.32
N ARG D 128 -4.64 -12.14 -22.69
CA ARG D 128 -3.48 -12.18 -21.80
C ARG D 128 -3.83 -11.43 -20.54
N ARG D 129 -4.21 -10.16 -20.68
CA ARG D 129 -4.60 -9.33 -19.55
C ARG D 129 -5.88 -8.61 -19.95
N PRO D 130 -6.77 -8.30 -18.99
CA PRO D 130 -8.02 -7.60 -19.28
C PRO D 130 -7.86 -6.07 -19.39
N LYS D 131 -8.90 -5.40 -19.86
CA LYS D 131 -8.91 -3.95 -19.99
C LYS D 131 -10.36 -3.46 -19.84
N GLY D 132 -10.53 -2.26 -19.29
CA GLY D 132 -11.86 -1.71 -19.10
C GLY D 132 -12.60 -2.39 -17.97
N LEU D 133 -13.85 -1.97 -17.76
CA LEU D 133 -14.74 -2.52 -16.73
C LEU D 133 -15.73 -3.50 -17.33
N PHE D 134 -16.20 -4.45 -16.54
CA PHE D 134 -17.14 -5.46 -17.03
C PHE D 134 -18.38 -5.56 -16.15
N ILE D 135 -19.52 -5.10 -16.67
CA ILE D 135 -20.75 -5.17 -15.91
C ILE D 135 -21.68 -6.18 -16.57
N SER D 136 -22.03 -7.23 -15.82
CA SER D 136 -22.92 -8.24 -16.37
C SER D 136 -24.29 -8.15 -15.73
N ILE D 137 -25.29 -8.66 -16.44
CA ILE D 137 -26.65 -8.63 -15.96
C ILE D 137 -26.75 -9.37 -14.62
N SER D 138 -25.80 -10.26 -14.37
CA SER D 138 -25.77 -11.03 -13.12
C SER D 138 -25.39 -10.14 -11.96
N ASP D 139 -24.82 -8.96 -12.27
CA ASP D 139 -24.37 -8.02 -11.27
C ASP D 139 -25.36 -6.88 -10.97
N ARG D 140 -26.57 -6.97 -11.51
CA ARG D 140 -27.56 -5.94 -11.27
C ARG D 140 -27.88 -5.84 -9.77
N GLY D 141 -27.87 -4.62 -9.25
CA GLY D 141 -28.14 -4.42 -7.85
C GLY D 141 -26.83 -4.09 -7.14
N HIS D 142 -25.72 -4.31 -7.84
CA HIS D 142 -24.40 -4.04 -7.27
C HIS D 142 -23.48 -3.39 -8.30
N VAL D 143 -24.03 -2.65 -9.24
CA VAL D 143 -23.19 -2.03 -10.25
C VAL D 143 -22.29 -0.95 -9.63
N ARG D 144 -22.74 -0.40 -8.51
CA ARG D 144 -21.98 0.63 -7.83
C ARG D 144 -20.69 0.05 -7.26
N SER D 145 -20.80 -1.12 -6.63
CA SER D 145 -19.64 -1.77 -6.04
C SER D 145 -18.67 -2.11 -7.16
N ILE D 146 -19.19 -2.43 -8.34
CA ILE D 146 -18.31 -2.76 -9.47
C ILE D 146 -17.60 -1.50 -9.93
N VAL D 147 -18.33 -0.39 -9.97
CA VAL D 147 -17.76 0.88 -10.41
C VAL D 147 -16.69 1.33 -9.40
N ASP D 148 -16.93 1.05 -8.13
CA ASP D 148 -16.00 1.43 -7.09
C ASP D 148 -14.76 0.56 -7.06
N ASN D 149 -14.66 -0.40 -7.98
CA ASN D 149 -13.49 -1.28 -8.02
C ASN D 149 -12.47 -0.75 -9.05
N TRP D 150 -12.86 0.30 -9.76
CA TRP D 150 -11.98 0.91 -10.76
C TRP D 150 -10.88 1.79 -10.11
N PRO D 151 -9.61 1.45 -10.39
CA PRO D 151 -8.42 2.13 -9.88
C PRO D 151 -8.45 3.66 -9.95
N GLU D 152 -8.53 4.20 -11.16
CA GLU D 152 -8.56 5.64 -11.36
C GLU D 152 -9.81 6.27 -10.76
N ASN D 153 -9.66 7.40 -10.06
CA ASN D 153 -10.80 8.04 -9.43
C ASN D 153 -11.17 9.42 -9.98
N HIS D 154 -10.75 9.72 -11.21
CA HIS D 154 -11.08 11.00 -11.81
C HIS D 154 -11.35 10.77 -13.28
N VAL D 155 -12.23 9.81 -13.58
CA VAL D 155 -12.56 9.51 -14.95
C VAL D 155 -13.38 10.67 -15.54
N LYS D 156 -13.19 10.96 -16.82
CA LYS D 156 -13.88 12.05 -17.50
C LYS D 156 -14.61 11.60 -18.77
N ALA D 157 -14.14 10.48 -19.34
CA ALA D 157 -14.72 9.94 -20.56
C ALA D 157 -14.83 8.42 -20.55
N VAL D 158 -16.05 7.94 -20.82
CA VAL D 158 -16.36 6.52 -20.89
C VAL D 158 -16.80 6.21 -22.32
N VAL D 159 -16.64 4.96 -22.73
CA VAL D 159 -17.10 4.49 -24.03
C VAL D 159 -17.66 3.12 -23.70
N VAL D 160 -18.94 2.94 -23.95
CA VAL D 160 -19.64 1.72 -23.60
C VAL D 160 -20.29 0.93 -24.72
N THR D 161 -20.23 -0.40 -24.61
CA THR D 161 -20.86 -1.28 -25.58
C THR D 161 -21.40 -2.54 -24.93
N ASP D 162 -22.33 -3.17 -25.64
CA ASP D 162 -22.96 -4.42 -25.20
C ASP D 162 -22.56 -5.52 -26.17
N GLY D 163 -21.86 -5.13 -27.24
CA GLY D 163 -21.38 -6.07 -28.23
C GLY D 163 -22.44 -6.74 -29.11
N GLU D 164 -23.52 -6.03 -29.46
CA GLU D 164 -24.54 -6.62 -30.30
C GLU D 164 -24.35 -6.25 -31.78
N ARG D 165 -23.63 -5.16 -32.03
CA ARG D 165 -23.40 -4.73 -33.40
C ARG D 165 -21.97 -4.23 -33.56
N ILE D 166 -21.02 -5.12 -33.29
CA ILE D 166 -19.63 -4.76 -33.42
C ILE D 166 -19.32 -4.59 -34.88
N LEU D 167 -19.19 -3.35 -35.32
CA LEU D 167 -18.91 -3.07 -36.71
C LEU D 167 -19.96 -3.76 -37.54
N GLY D 168 -19.55 -4.31 -38.67
CA GLY D 168 -20.48 -5.04 -39.50
C GLY D 168 -20.15 -6.50 -39.27
N LEU D 169 -19.77 -6.83 -38.05
CA LEU D 169 -19.40 -8.18 -37.66
C LEU D 169 -20.49 -8.86 -36.88
N GLY D 170 -21.38 -8.07 -36.30
CA GLY D 170 -22.50 -8.64 -35.57
C GLY D 170 -22.33 -8.82 -34.09
N ASP D 171 -23.19 -9.65 -33.50
CA ASP D 171 -23.15 -9.93 -32.07
C ASP D 171 -21.86 -10.68 -31.74
N LEU D 172 -20.98 -10.06 -30.98
CA LEU D 172 -19.73 -10.68 -30.61
C LEU D 172 -19.66 -10.76 -29.10
N GLY D 173 -20.73 -10.34 -28.44
CA GLY D 173 -20.75 -10.39 -26.98
C GLY D 173 -19.55 -9.73 -26.31
N VAL D 174 -19.05 -10.36 -25.26
CA VAL D 174 -17.94 -9.82 -24.50
C VAL D 174 -16.67 -9.71 -25.33
N TYR D 175 -16.62 -10.46 -26.43
CA TYR D 175 -15.45 -10.38 -27.30
C TYR D 175 -15.50 -9.01 -27.96
N GLY D 176 -16.53 -8.24 -27.61
CA GLY D 176 -16.70 -6.91 -28.18
C GLY D 176 -15.98 -5.80 -27.43
N GLY D 178 -13.06 -5.16 -27.29
CA GLY D 178 -11.92 -4.65 -28.03
C GLY D 178 -12.22 -3.34 -28.71
N ILE D 179 -13.50 -2.98 -28.79
CA ILE D 179 -13.91 -1.75 -29.44
C ILE D 179 -13.74 -0.53 -28.51
N PRO D 180 -14.36 -0.56 -27.32
CA PRO D 180 -14.18 0.60 -26.45
C PRO D 180 -12.69 0.77 -26.10
N VAL D 181 -11.96 -0.33 -25.95
CA VAL D 181 -10.55 -0.23 -25.65
C VAL D 181 -9.88 0.57 -26.75
N GLY D 182 -10.15 0.19 -28.00
CA GLY D 182 -9.57 0.86 -29.14
C GLY D 182 -10.04 2.30 -29.37
N LYS D 183 -11.32 2.54 -29.11
CA LYS D 183 -11.86 3.87 -29.29
C LYS D 183 -11.11 4.81 -28.33
N LEU D 184 -10.99 4.38 -27.08
CA LEU D 184 -10.34 5.20 -26.06
C LEU D 184 -8.86 5.46 -26.26
N CYS D 185 -8.23 4.72 -27.18
CA CYS D 185 -6.82 4.96 -27.47
C CYS D 185 -6.75 6.16 -28.36
N LEU D 186 -7.74 6.26 -29.24
CA LEU D 186 -7.79 7.35 -30.18
C LEU D 186 -8.00 8.66 -29.46
N TYR D 187 -8.81 8.62 -28.42
CA TYR D 187 -9.10 9.79 -27.61
C TYR D 187 -7.79 10.44 -27.21
N THR D 188 -6.84 9.60 -26.81
CA THR D 188 -5.57 10.09 -26.37
C THR D 188 -4.56 10.26 -27.48
N ALA D 189 -4.49 9.32 -28.41
CA ALA D 189 -3.51 9.42 -29.49
C ALA D 189 -3.88 10.46 -30.52
N CYS D 190 -5.14 10.87 -30.53
CA CYS D 190 -5.63 11.85 -31.50
C CYS D 190 -5.87 13.25 -30.90
N ALA D 191 -6.61 13.29 -29.79
CA ALA D 191 -6.95 14.55 -29.14
C ALA D 191 -6.17 14.87 -27.87
N GLY D 192 -5.31 13.95 -27.44
CA GLY D 192 -4.51 14.19 -26.26
C GLY D 192 -5.25 14.10 -24.95
N ILE D 193 -6.39 13.41 -24.92
CA ILE D 193 -7.10 13.28 -23.65
C ILE D 193 -6.25 12.38 -22.74
N ARG D 194 -6.40 12.58 -21.43
CA ARG D 194 -5.62 11.83 -20.46
C ARG D 194 -6.03 10.39 -20.33
N PRO D 195 -5.10 9.46 -20.57
CA PRO D 195 -5.35 8.03 -20.49
C PRO D 195 -6.10 7.61 -19.21
N ASP D 196 -5.59 8.03 -18.06
CA ASP D 196 -6.22 7.68 -16.78
C ASP D 196 -7.57 8.36 -16.53
N ARG D 197 -7.99 9.21 -17.46
CA ARG D 197 -9.26 9.91 -17.31
C ARG D 197 -10.30 9.24 -18.21
N CYS D 198 -9.88 8.16 -18.87
CA CYS D 198 -10.73 7.38 -19.76
C CYS D 198 -11.09 6.01 -19.16
N LEU D 199 -12.31 5.52 -19.43
CA LEU D 199 -12.75 4.21 -18.92
C LEU D 199 -13.63 3.46 -19.91
N PRO D 200 -13.12 2.34 -20.46
CA PRO D 200 -13.95 1.59 -21.40
C PRO D 200 -14.82 0.65 -20.60
N VAL D 201 -16.04 0.41 -21.07
CA VAL D 201 -16.93 -0.47 -20.34
C VAL D 201 -17.72 -1.38 -21.27
N CYS D 202 -18.02 -2.57 -20.77
CA CYS D 202 -18.78 -3.57 -21.50
C CYS D 202 -19.92 -4.10 -20.67
N ILE D 203 -21.13 -4.05 -21.23
CA ILE D 203 -22.29 -4.57 -20.56
C ILE D 203 -22.58 -5.96 -21.10
N ASP D 204 -22.49 -6.96 -20.22
CA ASP D 204 -22.74 -8.33 -20.63
C ASP D 204 -24.08 -8.84 -20.11
N VAL D 205 -25.05 -8.87 -21.00
CA VAL D 205 -26.39 -9.35 -20.66
C VAL D 205 -26.65 -10.63 -21.44
N GLY D 206 -25.59 -11.18 -22.02
CA GLY D 206 -25.71 -12.40 -22.81
C GLY D 206 -25.34 -12.15 -24.26
N THR D 207 -25.41 -13.21 -25.07
CA THR D 207 -25.11 -13.14 -26.50
C THR D 207 -26.01 -14.13 -27.22
N ASP D 208 -26.39 -13.82 -28.44
CA ASP D 208 -27.24 -14.70 -29.20
C ASP D 208 -26.44 -15.47 -30.23
N ASN D 209 -25.17 -15.11 -30.36
CA ASN D 209 -24.25 -15.76 -31.30
C ASN D 209 -24.06 -17.21 -30.87
N ILE D 210 -24.73 -18.12 -31.57
CA ILE D 210 -24.69 -19.54 -31.29
C ILE D 210 -23.29 -20.10 -31.12
N ALA D 211 -22.38 -19.69 -31.99
CA ALA D 211 -21.00 -20.17 -31.97
C ALA D 211 -20.23 -19.81 -30.71
N LEU D 212 -20.33 -18.56 -30.29
CA LEU D 212 -19.63 -18.12 -29.08
C LEU D 212 -20.17 -18.85 -27.87
N LEU D 213 -21.45 -19.24 -27.94
CA LEU D 213 -22.10 -19.92 -26.83
C LEU D 213 -21.58 -21.34 -26.63
N LYS D 214 -20.96 -21.87 -27.67
CA LYS D 214 -20.40 -23.22 -27.57
C LYS D 214 -18.89 -23.11 -27.66
N ASP D 215 -18.37 -21.90 -27.46
CA ASP D 215 -16.94 -21.65 -27.47
C ASP D 215 -16.47 -21.61 -26.02
N PRO D 216 -15.56 -22.52 -25.63
CA PRO D 216 -15.04 -22.60 -24.27
C PRO D 216 -14.19 -21.41 -23.86
N PHE D 217 -13.67 -20.69 -24.86
CA PHE D 217 -12.83 -19.52 -24.63
C PHE D 217 -13.62 -18.24 -24.40
N TYR D 218 -14.89 -18.20 -24.80
CA TYR D 218 -15.71 -17.01 -24.59
C TYR D 218 -15.41 -16.38 -23.21
N GLY D 220 -17.71 -13.97 -21.72
CA GLY D 220 -18.92 -13.46 -21.10
C GLY D 220 -19.84 -14.54 -20.59
N LEU D 221 -21.01 -14.12 -20.11
CA LEU D 221 -22.04 -15.03 -19.60
C LEU D 221 -22.57 -15.94 -20.71
N TYR D 222 -22.63 -17.24 -20.42
CA TYR D 222 -23.11 -18.23 -21.38
C TYR D 222 -24.63 -18.27 -21.38
N GLN D 223 -25.24 -17.33 -22.09
CA GLN D 223 -26.69 -17.23 -22.16
C GLN D 223 -27.07 -16.30 -23.29
N LYS D 224 -28.28 -16.48 -23.79
CA LYS D 224 -28.77 -15.63 -24.87
C LYS D 224 -29.00 -14.24 -24.29
N ARG D 225 -29.03 -13.23 -25.15
CA ARG D 225 -29.25 -11.87 -24.68
C ARG D 225 -30.59 -11.70 -23.97
N ASP D 226 -30.56 -11.14 -22.76
CA ASP D 226 -31.77 -10.90 -21.99
C ASP D 226 -32.32 -9.56 -22.48
N ARG D 227 -33.57 -9.54 -22.96
CA ARG D 227 -34.18 -8.31 -23.46
C ARG D 227 -35.38 -7.84 -22.65
N THR D 228 -35.52 -8.34 -21.44
CA THR D 228 -36.64 -7.94 -20.60
C THR D 228 -36.34 -6.52 -20.11
N GLN D 229 -37.22 -5.98 -19.27
CA GLN D 229 -37.02 -4.66 -18.73
C GLN D 229 -35.83 -4.70 -17.79
N GLN D 230 -35.37 -5.91 -17.48
CA GLN D 230 -34.23 -6.10 -16.60
C GLN D 230 -33.00 -5.53 -17.27
N TYR D 231 -32.99 -5.60 -18.60
CA TYR D 231 -31.89 -5.07 -19.37
C TYR D 231 -31.78 -3.55 -19.16
N ASP D 232 -32.89 -2.85 -19.36
CA ASP D 232 -32.95 -1.41 -19.22
C ASP D 232 -32.56 -0.94 -17.82
N ASP D 233 -33.14 -1.58 -16.82
CA ASP D 233 -32.86 -1.23 -15.43
C ASP D 233 -31.35 -1.26 -15.18
N LEU D 234 -30.65 -2.19 -15.81
CA LEU D 234 -29.21 -2.29 -15.66
C LEU D 234 -28.56 -1.03 -16.23
N ILE D 235 -28.86 -0.70 -17.48
CA ILE D 235 -28.29 0.50 -18.09
C ILE D 235 -28.66 1.71 -17.23
N ASP D 236 -29.87 1.69 -16.67
CA ASP D 236 -30.29 2.78 -15.81
C ASP D 236 -29.36 2.84 -14.60
N GLU D 237 -29.14 1.68 -13.98
CA GLU D 237 -28.28 1.57 -12.80
C GLU D 237 -26.79 1.78 -13.13
N PHE D 238 -26.42 1.53 -14.37
CA PHE D 238 -25.04 1.74 -14.80
C PHE D 238 -24.81 3.25 -14.86
N LYS D 240 -26.52 5.79 -13.66
CA LYS D 240 -26.56 6.44 -12.35
C LYS D 240 -25.27 6.20 -11.54
N ALA D 241 -24.86 4.94 -11.44
CA ALA D 241 -23.65 4.58 -10.70
C ALA D 241 -22.45 5.37 -11.20
N ILE D 242 -22.26 5.42 -12.52
CA ILE D 242 -21.13 6.13 -13.08
C ILE D 242 -21.09 7.59 -12.69
N THR D 243 -22.18 8.31 -12.98
CA THR D 243 -22.28 9.75 -12.70
C THR D 243 -22.11 10.08 -11.23
N ASP D 244 -22.52 9.16 -10.35
CA ASP D 244 -22.39 9.39 -8.91
C ASP D 244 -20.92 9.38 -8.48
N ARG D 245 -20.18 8.39 -8.94
CA ARG D 245 -18.78 8.28 -8.58
C ARG D 245 -17.93 9.35 -9.26
N TYR D 246 -18.09 9.52 -10.56
CA TYR D 246 -17.28 10.50 -11.29
C TYR D 246 -17.89 11.87 -11.65
N GLY D 247 -19.19 12.09 -11.40
CA GLY D 247 -19.77 13.39 -11.72
C GLY D 247 -20.80 13.31 -12.83
N ARG D 248 -21.74 14.24 -12.82
CA ARG D 248 -22.82 14.25 -13.82
C ARG D 248 -22.48 14.67 -15.25
N ASN D 249 -21.43 15.46 -15.44
CA ASN D 249 -21.09 15.86 -16.80
C ASN D 249 -20.07 14.91 -17.43
N THR D 250 -19.91 13.75 -16.82
CA THR D 250 -18.98 12.76 -17.35
C THR D 250 -19.46 12.34 -18.73
N LEU D 251 -18.55 12.39 -19.69
CA LEU D 251 -18.84 12.01 -21.07
C LEU D 251 -19.12 10.52 -21.19
N ILE D 252 -20.22 10.16 -21.82
CA ILE D 252 -20.57 8.76 -22.01
C ILE D 252 -20.87 8.48 -23.46
N GLN D 253 -19.86 8.05 -24.19
CA GLN D 253 -20.01 7.73 -25.61
C GLN D 253 -20.50 6.30 -25.75
N PHE D 254 -21.71 6.14 -26.30
CA PHE D 254 -22.31 4.84 -26.53
C PHE D 254 -21.78 4.32 -27.86
N GLU D 255 -21.42 3.04 -27.91
CA GLU D 255 -20.88 2.46 -29.13
C GLU D 255 -21.38 1.04 -29.39
N ASP D 256 -21.57 0.74 -30.68
CA ASP D 256 -22.00 -0.56 -31.18
C ASP D 256 -23.08 -1.36 -30.43
N PHE D 257 -24.27 -0.77 -30.35
CA PHE D 257 -25.40 -1.43 -29.71
C PHE D 257 -26.33 -1.88 -30.84
N GLY D 258 -27.51 -2.40 -30.48
CA GLY D 258 -28.45 -2.82 -31.50
C GLY D 258 -29.29 -1.63 -31.93
N ASN D 259 -29.72 -1.62 -33.19
CA ASN D 259 -30.54 -0.53 -33.74
C ASN D 259 -31.62 0.07 -32.79
N HIS D 260 -32.45 -0.79 -32.22
CA HIS D 260 -33.53 -0.37 -31.31
C HIS D 260 -33.03 0.33 -30.03
N ASN D 261 -32.01 -0.25 -29.38
CA ASN D 261 -31.46 0.30 -28.14
C ASN D 261 -30.62 1.54 -28.39
N ALA D 262 -29.99 1.61 -29.55
CA ALA D 262 -29.17 2.76 -29.91
C ALA D 262 -29.98 4.05 -29.77
N PHE D 263 -31.00 4.17 -30.62
CA PHE D 263 -31.87 5.33 -30.63
C PHE D 263 -32.60 5.42 -29.31
N ARG D 264 -33.19 4.32 -28.87
CA ARG D 264 -33.92 4.31 -27.61
C ARG D 264 -33.19 4.95 -26.43
N PHE D 265 -31.92 4.57 -26.26
CA PHE D 265 -31.13 5.08 -25.16
C PHE D 265 -30.64 6.48 -25.42
N LEU D 266 -30.41 6.78 -26.68
CA LEU D 266 -29.93 8.11 -27.06
C LEU D 266 -30.97 9.12 -26.58
N ARG D 267 -32.15 9.04 -27.15
CA ARG D 267 -33.22 9.94 -26.83
C ARG D 267 -33.63 9.89 -25.37
N LYS D 268 -33.37 8.76 -24.72
CA LYS D 268 -33.74 8.60 -23.32
C LYS D 268 -32.73 9.26 -22.36
N TYR D 269 -31.51 9.45 -22.83
CA TYR D 269 -30.44 10.03 -22.00
C TYR D 269 -29.84 11.39 -22.41
N ARG D 270 -29.65 11.60 -23.71
CA ARG D 270 -29.06 12.83 -24.22
C ARG D 270 -29.41 14.13 -23.46
N GLU D 271 -30.47 14.10 -22.65
CA GLU D 271 -30.86 15.29 -21.94
C GLU D 271 -30.90 15.13 -20.44
N LYS D 272 -30.31 14.05 -19.96
CA LYS D 272 -30.27 13.83 -18.54
C LYS D 272 -28.82 13.70 -18.20
N TYR D 273 -28.05 13.24 -19.17
CA TYR D 273 -26.64 13.05 -18.98
C TYR D 273 -25.87 13.69 -20.11
N CYS D 274 -24.55 13.70 -20.00
CA CYS D 274 -23.72 14.25 -21.05
C CYS D 274 -23.38 13.03 -21.86
N THR D 275 -24.26 12.67 -22.78
CA THR D 275 -24.08 11.47 -23.57
C THR D 275 -24.43 11.60 -25.05
N PHE D 276 -23.78 10.77 -25.87
CA PHE D 276 -24.02 10.74 -27.30
C PHE D 276 -23.77 9.34 -27.86
N ASN D 277 -24.25 9.06 -29.08
CA ASN D 277 -24.03 7.77 -29.71
C ASN D 277 -23.13 7.98 -30.94
N ASP D 278 -21.94 7.41 -30.90
CA ASP D 278 -20.97 7.57 -31.98
C ASP D 278 -21.36 7.01 -33.32
N ASP D 279 -22.17 5.96 -33.31
CA ASP D 279 -22.55 5.37 -34.58
C ASP D 279 -23.55 6.20 -35.33
N ILE D 280 -24.42 6.89 -34.61
CA ILE D 280 -25.42 7.74 -35.23
C ILE D 280 -24.87 9.14 -35.55
N GLN D 281 -24.58 9.90 -34.50
CA GLN D 281 -24.08 11.28 -34.57
C GLN D 281 -22.65 11.38 -35.09
N GLY D 282 -21.75 10.57 -34.52
CA GLY D 282 -20.37 10.62 -34.96
C GLY D 282 -20.19 10.46 -36.46
N THR D 283 -20.79 9.42 -37.00
CA THR D 283 -20.70 9.15 -38.43
C THR D 283 -21.41 10.23 -39.25
N ALA D 284 -22.46 10.81 -38.69
CA ALA D 284 -23.16 11.86 -39.41
C ALA D 284 -22.20 13.00 -39.71
N ALA D 285 -21.50 13.45 -38.67
CA ALA D 285 -20.55 14.55 -38.80
C ALA D 285 -19.45 14.30 -39.81
N VAL D 286 -19.04 13.04 -39.98
CA VAL D 286 -17.95 12.71 -40.92
C VAL D 286 -18.43 12.61 -42.35
N ALA D 287 -19.60 12.04 -42.54
CA ALA D 287 -20.16 11.88 -43.87
C ALA D 287 -20.51 13.23 -44.49
N LEU D 288 -21.02 14.14 -43.67
CA LEU D 288 -21.37 15.47 -44.15
C LEU D 288 -20.14 16.23 -44.61
N ALA D 289 -19.04 16.08 -43.87
CA ALA D 289 -17.78 16.76 -44.19
C ALA D 289 -17.12 16.27 -45.47
N GLY D 290 -17.35 15.00 -45.80
CA GLY D 290 -16.76 14.46 -47.01
C GLY D 290 -17.63 14.88 -48.16
N LEU D 291 -18.93 14.97 -47.89
CA LEU D 291 -19.94 15.37 -48.86
C LEU D 291 -19.82 16.88 -49.15
N LEU D 292 -19.39 17.63 -48.14
CA LEU D 292 -19.20 19.08 -48.27
C LEU D 292 -17.96 19.38 -49.10
N ALA D 293 -16.91 18.58 -48.93
CA ALA D 293 -15.68 18.77 -49.67
C ALA D 293 -15.96 18.50 -51.12
N ALA D 294 -16.77 17.47 -51.36
CA ALA D 294 -17.15 17.06 -52.72
C ALA D 294 -17.86 18.18 -53.45
N GLN D 295 -18.91 18.73 -52.83
CA GLN D 295 -19.67 19.84 -53.40
C GLN D 295 -18.77 20.95 -53.94
N LYS D 296 -17.57 21.06 -53.40
CA LYS D 296 -16.61 22.07 -53.81
C LYS D 296 -15.94 21.76 -55.14
N VAL D 297 -16.27 20.59 -55.69
CA VAL D 297 -15.69 20.17 -56.96
C VAL D 297 -16.83 20.03 -57.94
N ILE D 298 -18.00 19.71 -57.41
CA ILE D 298 -19.19 19.50 -58.20
C ILE D 298 -20.05 20.76 -58.33
N SER D 299 -20.12 21.53 -57.23
CA SER D 299 -20.94 22.73 -57.20
C SER D 299 -22.25 22.40 -57.92
N LYS D 300 -22.96 21.44 -57.35
CA LYS D 300 -24.21 21.00 -57.93
C LYS D 300 -25.37 21.83 -57.36
N PRO D 301 -26.32 22.21 -58.22
CA PRO D 301 -27.48 22.99 -57.80
C PRO D 301 -28.24 22.28 -56.69
N ILE D 302 -28.18 22.86 -55.50
CA ILE D 302 -28.86 22.32 -54.35
C ILE D 302 -30.19 21.66 -54.75
N SER D 303 -30.91 22.31 -55.67
CA SER D 303 -32.21 21.81 -56.13
C SER D 303 -32.10 20.38 -56.66
N GLU D 304 -31.04 20.12 -57.41
CA GLU D 304 -30.81 18.83 -58.03
C GLU D 304 -30.04 17.80 -57.19
N HIS D 305 -30.25 17.80 -55.89
CA HIS D 305 -29.55 16.85 -55.05
C HIS D 305 -30.44 15.67 -54.74
N LYS D 306 -29.96 14.47 -55.07
CA LYS D 306 -30.70 13.23 -54.83
C LYS D 306 -29.75 12.23 -54.17
N ILE D 307 -30.08 11.87 -52.93
CA ILE D 307 -29.26 10.96 -52.15
C ILE D 307 -29.92 9.62 -51.87
N LEU D 308 -29.21 8.51 -52.14
CA LEU D 308 -29.76 7.18 -51.87
C LEU D 308 -28.82 6.40 -50.98
N PHE D 309 -29.37 5.85 -49.90
CA PHE D 309 -28.61 5.07 -48.94
C PHE D 309 -28.84 3.58 -49.14
N LEU D 310 -27.79 2.81 -48.87
CA LEU D 310 -27.84 1.35 -48.89
C LEU D 310 -27.95 1.03 -47.41
N GLY D 311 -29.14 0.68 -46.95
CA GLY D 311 -29.35 0.39 -45.55
C GLY D 311 -30.02 1.59 -44.92
N ALA D 312 -30.86 1.37 -43.90
CA ALA D 312 -31.57 2.45 -43.23
C ALA D 312 -31.46 2.41 -41.71
N GLY D 313 -30.32 1.96 -41.21
CA GLY D 313 -30.10 1.84 -39.77
C GLY D 313 -29.45 3.01 -39.02
N GLU D 314 -28.86 2.67 -37.88
CA GLU D 314 -28.21 3.63 -36.98
C GLU D 314 -27.46 4.72 -37.74
N ALA D 315 -26.46 4.32 -38.52
CA ALA D 315 -25.66 5.29 -39.28
C ALA D 315 -26.41 6.02 -40.41
N ALA D 316 -27.09 5.26 -41.28
CA ALA D 316 -27.85 5.80 -42.41
C ALA D 316 -28.77 6.93 -41.99
N LEU D 317 -29.61 6.65 -41.01
CA LEU D 317 -30.55 7.64 -40.50
C LEU D 317 -29.81 8.82 -39.85
N GLY D 318 -28.60 8.55 -39.35
CA GLY D 318 -27.83 9.60 -38.69
C GLY D 318 -27.31 10.67 -39.62
N ILE D 319 -26.64 10.23 -40.68
CA ILE D 319 -26.13 11.14 -41.68
C ILE D 319 -27.30 11.93 -42.29
N ALA D 320 -28.36 11.22 -42.64
CA ALA D 320 -29.53 11.85 -43.22
C ALA D 320 -29.93 13.11 -42.46
N ASN D 321 -30.35 12.94 -41.21
CA ASN D 321 -30.79 14.08 -40.40
C ASN D 321 -29.81 15.25 -40.40
N LEU D 322 -28.53 14.95 -40.54
CA LEU D 322 -27.53 16.00 -40.55
C LEU D 322 -27.47 16.61 -41.95
N ILE D 323 -27.58 15.76 -42.97
CA ILE D 323 -27.57 16.24 -44.34
C ILE D 323 -28.69 17.28 -44.43
N VAL D 324 -29.87 16.87 -44.01
CA VAL D 324 -31.01 17.76 -44.01
C VAL D 324 -30.68 19.06 -43.26
N SER D 326 -27.89 20.58 -42.89
CA SER D 326 -27.04 21.40 -43.75
C SER D 326 -27.87 22.06 -44.85
N VAL D 328 -31.15 22.56 -45.00
CA VAL D 328 -32.04 23.55 -44.43
C VAL D 328 -31.29 24.87 -44.25
N GLU D 329 -30.18 24.82 -43.53
CA GLU D 329 -29.38 26.01 -43.28
C GLU D 329 -28.90 26.70 -44.57
N ASN D 330 -29.14 26.09 -45.72
CA ASN D 330 -28.73 26.71 -46.97
C ASN D 330 -29.94 26.97 -47.85
N GLY D 331 -31.09 27.12 -47.19
CA GLY D 331 -32.35 27.36 -47.88
C GLY D 331 -33.35 26.27 -47.53
N LEU D 332 -33.68 25.45 -48.52
CA LEU D 332 -34.61 24.32 -48.41
C LEU D 332 -35.29 24.10 -47.08
N SER D 333 -36.57 23.79 -47.13
CA SER D 333 -37.35 23.52 -45.94
C SER D 333 -37.01 22.11 -45.43
N GLU D 334 -37.38 21.82 -44.19
CA GLU D 334 -37.16 20.51 -43.60
C GLU D 334 -37.73 19.52 -44.61
N GLN D 335 -39.00 19.72 -44.93
CA GLN D 335 -39.70 18.90 -45.89
C GLN D 335 -38.91 18.69 -47.17
N GLU D 336 -38.79 19.72 -48.00
CA GLU D 336 -38.07 19.59 -49.27
C GLU D 336 -36.67 18.97 -49.18
N ALA D 337 -36.04 19.05 -48.03
CA ALA D 337 -34.73 18.50 -47.86
C ALA D 337 -34.79 16.97 -47.78
N GLN D 338 -35.67 16.46 -46.92
CA GLN D 338 -35.84 15.02 -46.76
C GLN D 338 -36.42 14.35 -47.99
N LYS D 339 -37.10 15.13 -48.82
CA LYS D 339 -37.69 14.60 -50.05
C LYS D 339 -36.59 14.19 -50.99
N LYS D 340 -35.43 14.85 -50.86
CA LYS D 340 -34.26 14.55 -51.68
C LYS D 340 -33.51 13.33 -51.15
N ILE D 341 -34.01 12.74 -50.05
CA ILE D 341 -33.38 11.57 -49.42
C ILE D 341 -34.20 10.27 -49.52
N TRP D 342 -33.59 9.25 -50.12
CA TRP D 342 -34.19 7.92 -50.29
C TRP D 342 -33.32 6.85 -49.62
N PHE D 344 -32.75 2.48 -49.03
CA PHE D 344 -33.05 1.11 -49.47
C PHE D 344 -32.39 0.04 -48.56
N ASP D 345 -33.18 -0.66 -47.76
CA ASP D 345 -32.63 -1.66 -46.83
C ASP D 345 -32.67 -3.11 -47.33
N LYS D 346 -32.72 -4.06 -46.38
CA LYS D 346 -32.76 -5.47 -46.74
C LYS D 346 -34.11 -5.95 -47.29
N TYR D 347 -35.15 -5.15 -47.08
CA TYR D 347 -36.48 -5.48 -47.55
C TYR D 347 -36.80 -4.69 -48.80
N GLY D 348 -35.92 -3.76 -49.15
CA GLY D 348 -36.15 -2.96 -50.34
C GLY D 348 -36.33 -1.49 -50.06
N LEU D 349 -36.61 -0.73 -51.12
CA LEU D 349 -36.80 0.71 -51.03
C LEU D 349 -37.86 1.00 -50.00
N LEU D 350 -37.63 2.05 -49.21
CA LEU D 350 -38.59 2.47 -48.19
C LEU D 350 -39.62 3.37 -48.89
N VAL D 351 -40.77 2.82 -49.27
CA VAL D 351 -41.82 3.58 -49.91
C VAL D 351 -43.04 3.47 -49.01
N LYS D 352 -43.93 4.45 -49.08
CA LYS D 352 -45.12 4.44 -48.25
C LYS D 352 -46.08 3.30 -48.60
N GLY D 353 -46.57 2.60 -47.58
CA GLY D 353 -47.51 1.51 -47.77
C GLY D 353 -46.93 0.09 -47.94
N ARG D 354 -45.61 -0.04 -47.88
CA ARG D 354 -44.96 -1.34 -48.04
C ARG D 354 -45.14 -2.27 -46.84
N LYS D 355 -44.86 -3.55 -47.05
CA LYS D 355 -44.99 -4.57 -46.01
C LYS D 355 -44.00 -4.36 -44.86
N ALA D 356 -42.71 -4.49 -45.18
CA ALA D 356 -41.66 -4.30 -44.17
C ALA D 356 -41.94 -3.02 -43.37
N LYS D 357 -41.99 -3.16 -42.04
CA LYS D 357 -42.28 -2.04 -41.15
C LYS D 357 -41.36 -0.85 -41.32
N ILE D 358 -41.91 0.34 -41.02
CA ILE D 358 -41.17 1.59 -41.07
C ILE D 358 -41.25 2.15 -39.66
N ASP D 359 -40.15 2.71 -39.16
CA ASP D 359 -40.15 3.25 -37.81
C ASP D 359 -40.13 4.76 -37.68
N SER D 360 -40.56 5.22 -36.51
CA SER D 360 -40.60 6.64 -36.21
C SER D 360 -39.56 7.45 -36.98
N TYR D 361 -38.30 7.01 -36.91
CA TYR D 361 -37.19 7.73 -37.55
C TYR D 361 -37.10 7.64 -39.07
N GLN D 362 -37.48 6.50 -39.63
CA GLN D 362 -37.40 6.33 -41.07
C GLN D 362 -38.46 7.12 -41.83
N GLU D 363 -39.62 7.29 -41.20
CA GLU D 363 -40.74 8.00 -41.81
C GLU D 363 -40.38 9.18 -42.71
N PRO D 364 -39.72 10.22 -42.15
CA PRO D 364 -39.35 11.39 -42.98
C PRO D 364 -38.64 11.08 -44.29
N PHE D 365 -38.15 9.85 -44.43
CA PHE D 365 -37.46 9.49 -45.66
C PHE D 365 -38.15 8.36 -46.40
N THR D 366 -39.32 7.99 -45.86
CA THR D 366 -40.19 6.97 -46.43
C THR D 366 -41.10 7.74 -47.36
N HIS D 367 -40.81 7.70 -48.65
CA HIS D 367 -41.59 8.43 -49.64
C HIS D 367 -42.65 7.63 -50.40
N SER D 368 -43.49 8.34 -51.12
CA SER D 368 -44.51 7.70 -51.91
C SER D 368 -43.74 6.99 -53.02
N ALA D 369 -43.98 5.70 -53.16
CA ALA D 369 -43.33 4.86 -54.15
C ALA D 369 -43.31 5.43 -55.58
N PRO D 370 -42.27 5.10 -56.36
CA PRO D 370 -42.17 5.58 -57.74
C PRO D 370 -42.92 4.66 -58.70
N GLU D 371 -42.95 5.05 -59.97
CA GLU D 371 -43.64 4.29 -61.02
C GLU D 371 -43.29 2.81 -60.98
N SER D 372 -42.00 2.50 -61.02
CA SER D 372 -41.56 1.12 -60.97
C SER D 372 -40.75 0.93 -59.67
N ILE D 373 -41.17 -0.01 -58.85
CA ILE D 373 -40.48 -0.26 -57.59
C ILE D 373 -39.29 -1.17 -57.78
N PRO D 374 -38.08 -0.65 -57.50
CA PRO D 374 -36.83 -1.41 -57.64
C PRO D 374 -36.80 -2.71 -56.85
N ASP D 375 -36.32 -3.75 -57.51
CA ASP D 375 -36.21 -5.07 -56.91
C ASP D 375 -34.77 -5.24 -56.41
N THR D 376 -33.82 -4.85 -57.25
CA THR D 376 -32.41 -4.93 -56.93
C THR D 376 -31.98 -3.53 -56.53
N PHE D 377 -30.77 -3.39 -55.99
CA PHE D 377 -30.31 -2.06 -55.63
C PHE D 377 -29.98 -1.37 -56.95
N GLU D 378 -29.50 -2.14 -57.94
CA GLU D 378 -29.17 -1.58 -59.23
C GLU D 378 -30.42 -0.93 -59.82
N ASP D 379 -31.59 -1.46 -59.49
CA ASP D 379 -32.82 -0.88 -60.01
C ASP D 379 -32.99 0.51 -59.42
N ALA D 380 -33.02 0.56 -58.08
CA ALA D 380 -33.19 1.81 -57.35
C ALA D 380 -32.23 2.89 -57.86
N VAL D 381 -31.08 2.46 -58.34
CA VAL D 381 -30.08 3.38 -58.85
C VAL D 381 -30.56 3.89 -60.21
N ASN D 382 -30.97 2.95 -61.05
CA ASN D 382 -31.42 3.26 -62.39
C ASN D 382 -32.80 3.92 -62.46
N ILE D 383 -33.60 3.71 -61.42
CA ILE D 383 -34.93 4.32 -61.37
C ILE D 383 -34.79 5.75 -60.83
N LEU D 384 -34.40 5.86 -59.57
CA LEU D 384 -34.23 7.15 -58.94
C LEU D 384 -33.10 8.00 -59.56
N LYS D 385 -32.06 7.35 -60.07
CA LYS D 385 -30.91 8.08 -60.64
C LYS D 385 -30.37 9.06 -59.59
N PRO D 386 -29.73 8.55 -58.52
CA PRO D 386 -29.19 9.42 -57.48
C PRO D 386 -27.89 10.11 -57.84
N SER D 387 -27.60 11.22 -57.15
CA SER D 387 -26.37 11.98 -57.39
C SER D 387 -25.33 11.41 -56.44
N THR D 388 -25.81 10.97 -55.29
CA THR D 388 -24.95 10.39 -54.27
C THR D 388 -25.43 9.00 -53.92
N ILE D 389 -24.47 8.15 -53.58
CA ILE D 389 -24.75 6.78 -53.16
C ILE D 389 -23.91 6.54 -51.89
N ILE D 390 -24.60 6.26 -50.77
CA ILE D 390 -23.96 6.01 -49.46
C ILE D 390 -24.14 4.57 -48.91
N GLY D 391 -23.06 3.79 -48.93
CA GLY D 391 -23.13 2.43 -48.42
C GLY D 391 -22.99 2.33 -46.92
N VAL D 392 -24.02 1.83 -46.24
CA VAL D 392 -24.03 1.69 -44.79
C VAL D 392 -24.85 0.50 -44.29
N ALA D 393 -24.72 -0.62 -44.99
CA ALA D 393 -25.44 -1.84 -44.64
C ALA D 393 -24.60 -2.79 -43.81
N GLY D 394 -23.30 -2.81 -44.10
CA GLY D 394 -22.38 -3.69 -43.38
C GLY D 394 -22.60 -5.11 -43.85
N ALA D 395 -22.96 -5.26 -45.13
CA ALA D 395 -23.26 -6.55 -45.73
C ALA D 395 -22.37 -7.01 -46.90
N GLY D 396 -21.23 -6.36 -47.12
CA GLY D 396 -20.37 -6.77 -48.19
C GLY D 396 -20.52 -5.94 -49.46
N ARG D 397 -19.86 -6.37 -50.53
CA ARG D 397 -19.88 -5.66 -51.81
C ARG D 397 -21.23 -5.51 -52.52
N LEU D 398 -22.13 -4.70 -51.97
CA LEU D 398 -23.41 -4.51 -52.62
C LEU D 398 -23.33 -3.42 -53.69
N PHE D 399 -22.19 -2.73 -53.77
CA PHE D 399 -22.01 -1.70 -54.79
C PHE D 399 -21.28 -2.41 -55.92
N THR D 400 -22.05 -3.27 -56.59
CA THR D 400 -21.55 -4.06 -57.69
C THR D 400 -21.03 -3.18 -58.80
N PRO D 401 -20.29 -3.75 -59.76
CA PRO D 401 -19.73 -2.99 -60.89
C PRO D 401 -20.84 -2.37 -61.72
N ASP D 402 -21.96 -3.09 -61.80
CA ASP D 402 -23.11 -2.62 -62.57
C ASP D 402 -23.71 -1.39 -61.92
N VAL D 403 -23.61 -1.31 -60.61
CA VAL D 403 -24.12 -0.16 -59.90
C VAL D 403 -23.09 0.96 -60.13
N ILE D 404 -21.83 0.64 -59.94
CA ILE D 404 -20.80 1.64 -60.13
C ILE D 404 -20.88 2.16 -61.55
N ARG D 405 -21.04 1.23 -62.51
CA ARG D 405 -21.12 1.61 -63.91
C ARG D 405 -22.42 2.34 -64.21
N ALA D 406 -23.46 2.06 -63.44
CA ALA D 406 -24.74 2.75 -63.64
C ALA D 406 -24.60 4.19 -63.14
N ALA D 408 -21.82 5.83 -62.94
CA ALA D 408 -20.88 6.48 -63.85
C ALA D 408 -21.61 7.13 -65.03
N SER D 409 -22.67 6.49 -65.50
CA SER D 409 -23.44 7.00 -66.62
C SER D 409 -24.37 8.10 -66.16
N ILE D 410 -25.33 7.76 -65.30
CA ILE D 410 -26.28 8.74 -64.79
C ILE D 410 -25.63 10.09 -64.41
N ASN D 411 -24.45 10.04 -63.83
CA ASN D 411 -23.76 11.24 -63.39
C ASN D 411 -22.39 11.45 -64.01
N GLU D 412 -22.03 12.71 -64.26
CA GLU D 412 -20.74 13.00 -64.84
C GLU D 412 -19.68 12.67 -63.78
N ARG D 413 -19.96 13.12 -62.55
CA ARG D 413 -19.08 12.87 -61.41
C ARG D 413 -19.93 12.31 -60.27
N PRO D 414 -20.08 10.98 -60.24
CA PRO D 414 -20.89 10.41 -59.17
C PRO D 414 -20.15 10.36 -57.82
N VAL D 415 -20.92 10.37 -56.74
CA VAL D 415 -20.36 10.30 -55.40
C VAL D 415 -20.68 8.91 -54.87
N ILE D 416 -19.63 8.11 -54.68
CA ILE D 416 -19.77 6.76 -54.19
C ILE D 416 -19.10 6.62 -52.82
N PHE D 417 -19.92 6.40 -51.81
CA PHE D 417 -19.43 6.25 -50.45
C PHE D 417 -19.71 4.87 -49.87
N ALA D 418 -18.66 4.08 -49.69
CA ALA D 418 -18.79 2.75 -49.11
C ALA D 418 -18.19 2.85 -47.71
N LEU D 419 -19.03 2.94 -46.69
CA LEU D 419 -18.57 3.12 -45.32
C LEU D 419 -18.70 1.97 -44.31
N SER D 420 -19.11 0.79 -44.76
CA SER D 420 -19.26 -0.34 -43.85
C SER D 420 -17.90 -0.87 -43.39
N ASN D 421 -17.84 -1.31 -42.13
CA ASN D 421 -16.60 -1.83 -41.55
C ASN D 421 -16.79 -3.26 -41.04
N PRO D 422 -15.73 -4.09 -41.12
CA PRO D 422 -14.41 -3.76 -41.67
C PRO D 422 -14.37 -3.81 -43.18
N THR D 423 -13.18 -4.00 -43.74
CA THR D 423 -13.00 -4.02 -45.18
C THR D 423 -13.75 -5.12 -45.95
N ALA D 424 -13.97 -6.26 -45.32
CA ALA D 424 -14.66 -7.35 -45.97
C ALA D 424 -16.13 -7.02 -46.15
N GLN D 425 -16.66 -6.19 -45.26
CA GLN D 425 -18.06 -5.79 -45.32
C GLN D 425 -18.25 -4.54 -46.16
N ALA D 426 -17.15 -3.95 -46.63
CA ALA D 426 -17.21 -2.75 -47.44
C ALA D 426 -17.98 -3.03 -48.73
N GLU D 427 -18.89 -2.11 -49.08
CA GLU D 427 -19.74 -2.20 -50.27
C GLU D 427 -18.94 -2.33 -51.57
N CYS D 428 -17.75 -1.78 -51.58
CA CYS D 428 -16.91 -1.86 -52.75
C CYS D 428 -15.54 -1.31 -52.43
N THR D 429 -14.61 -1.45 -53.37
CA THR D 429 -13.25 -1.00 -53.16
C THR D 429 -12.91 0.26 -53.93
N ALA D 430 -11.79 0.86 -53.56
CA ALA D 430 -11.30 2.08 -54.20
C ALA D 430 -10.91 1.74 -55.64
N GLU D 431 -10.17 0.64 -55.78
CA GLU D 431 -9.74 0.19 -57.10
C GLU D 431 -10.93 0.03 -58.05
N GLU D 432 -12.04 -0.50 -57.52
CA GLU D 432 -13.25 -0.69 -58.29
C GLU D 432 -13.91 0.64 -58.65
N ALA D 433 -14.11 1.46 -57.62
CA ALA D 433 -14.74 2.76 -57.77
C ALA D 433 -14.09 3.63 -58.84
N TYR D 434 -12.79 3.86 -58.71
CA TYR D 434 -12.11 4.70 -59.68
C TYR D 434 -12.01 4.04 -61.02
N THR D 435 -11.59 2.77 -61.05
CA THR D 435 -11.42 2.03 -62.30
C THR D 435 -12.71 1.86 -63.08
N LEU D 436 -13.79 1.52 -62.38
CA LEU D 436 -15.08 1.33 -63.01
C LEU D 436 -15.78 2.62 -63.43
N THR D 437 -15.29 3.77 -62.98
CA THR D 437 -15.93 5.04 -63.37
C THR D 437 -15.02 5.92 -64.23
N GLU D 438 -13.86 5.39 -64.64
CA GLU D 438 -12.92 6.14 -65.44
C GLU D 438 -12.27 7.25 -64.58
N GLY D 439 -12.37 7.14 -63.26
CA GLY D 439 -11.80 8.14 -62.37
C GLY D 439 -12.59 9.42 -62.25
N ARG D 440 -13.87 9.35 -62.62
CA ARG D 440 -14.78 10.49 -62.57
C ARG D 440 -15.58 10.53 -61.28
N CYS D 441 -15.31 9.60 -60.37
CA CYS D 441 -16.04 9.56 -59.12
C CYS D 441 -15.34 10.21 -57.93
N LEU D 442 -16.14 10.54 -56.93
CA LEU D 442 -15.64 11.13 -55.70
C LEU D 442 -15.90 10.02 -54.68
N PHE D 443 -14.85 9.27 -54.36
CA PHE D 443 -14.93 8.14 -53.44
C PHE D 443 -14.38 8.33 -52.01
N ALA D 444 -14.96 7.59 -51.07
CA ALA D 444 -14.58 7.61 -49.67
C ALA D 444 -14.94 6.26 -49.05
N SER D 445 -14.04 5.70 -48.25
CA SER D 445 -14.25 4.39 -47.63
C SER D 445 -14.28 4.42 -46.10
N GLY D 446 -14.99 3.48 -45.50
CA GLY D 446 -15.04 3.40 -44.05
C GLY D 446 -13.70 2.90 -43.56
N SER D 447 -13.14 1.94 -44.29
CA SER D 447 -11.83 1.34 -43.98
C SER D 447 -10.74 1.79 -44.96
N PRO D 448 -9.47 1.60 -44.59
CA PRO D 448 -8.36 2.02 -45.46
C PRO D 448 -8.15 1.31 -46.77
N PHE D 449 -7.73 2.09 -47.75
CA PHE D 449 -7.44 1.60 -49.09
C PHE D 449 -6.27 2.48 -49.59
N GLY D 450 -5.34 1.90 -50.32
CA GLY D 450 -4.23 2.69 -50.83
C GLY D 450 -4.55 3.48 -52.09
N PRO D 451 -3.57 4.19 -52.68
CA PRO D 451 -3.84 4.97 -53.90
C PRO D 451 -4.08 4.06 -55.09
N VAL D 452 -4.87 4.54 -56.04
CA VAL D 452 -5.19 3.75 -57.23
C VAL D 452 -4.64 4.40 -58.51
N LYS D 453 -3.79 3.66 -59.22
CA LYS D 453 -3.20 4.15 -60.47
C LYS D 453 -3.81 3.50 -61.72
N LEU D 454 -4.71 4.23 -62.38
CA LEU D 454 -5.38 3.76 -63.59
C LEU D 454 -4.38 3.39 -64.70
N THR D 455 -4.88 2.58 -65.63
CA THR D 455 -4.09 2.11 -66.76
C THR D 455 -3.52 3.33 -67.47
N ASP D 456 -4.27 4.43 -67.44
CA ASP D 456 -3.85 5.69 -68.08
C ASP D 456 -2.86 6.50 -67.24
N GLY D 457 -2.34 5.86 -66.18
CA GLY D 457 -1.36 6.53 -65.34
C GLY D 457 -1.86 7.42 -64.24
N ARG D 458 -3.11 7.87 -64.34
CA ARG D 458 -3.71 8.75 -63.33
C ARG D 458 -3.72 8.08 -61.96
N VAL D 459 -3.36 8.83 -60.93
CA VAL D 459 -3.33 8.27 -59.57
C VAL D 459 -4.29 8.95 -58.63
N PHE D 460 -5.21 8.16 -58.07
CA PHE D 460 -6.22 8.67 -57.17
C PHE D 460 -5.97 8.24 -55.72
N THR D 461 -5.96 9.23 -54.83
CA THR D 461 -5.70 9.05 -53.40
C THR D 461 -6.97 9.22 -52.57
N PRO D 462 -7.73 8.14 -52.37
CA PRO D 462 -8.99 8.16 -51.60
C PRO D 462 -8.89 8.62 -50.13
N GLY D 463 -10.01 9.06 -49.57
CA GLY D 463 -10.02 9.51 -48.19
C GLY D 463 -10.79 8.54 -47.31
N GLN D 464 -10.64 8.67 -45.99
CA GLN D 464 -11.32 7.75 -45.08
C GLN D 464 -12.41 8.34 -44.24
N GLY D 465 -13.64 8.16 -44.69
CA GLY D 465 -14.78 8.66 -43.94
C GLY D 465 -15.04 7.74 -42.76
N ASN D 466 -14.43 8.07 -41.63
CA ASN D 466 -14.56 7.31 -40.40
C ASN D 466 -14.77 8.32 -39.28
N ASN D 467 -15.62 8.01 -38.31
CA ASN D 467 -15.85 8.97 -37.23
C ASN D 467 -14.64 9.19 -36.32
N VAL D 468 -13.53 8.50 -36.58
CA VAL D 468 -12.33 8.68 -35.77
C VAL D 468 -11.84 10.11 -35.97
N TYR D 469 -12.19 10.67 -37.12
CA TYR D 469 -11.83 12.05 -37.45
C TYR D 469 -12.73 12.98 -36.65
N ILE D 470 -13.69 12.42 -35.91
CA ILE D 470 -14.62 13.26 -35.16
C ILE D 470 -14.73 13.09 -33.66
N PHE D 471 -14.95 11.86 -33.18
CA PHE D 471 -15.12 11.69 -31.73
C PHE D 471 -14.00 12.19 -30.83
N PRO D 472 -12.72 12.05 -31.26
CA PRO D 472 -11.57 12.52 -30.45
C PRO D 472 -11.53 14.05 -30.16
N GLY D 473 -11.84 14.88 -31.17
CA GLY D 473 -11.84 16.32 -30.99
C GLY D 473 -13.11 16.84 -30.34
N VAL D 474 -14.24 16.27 -30.73
CA VAL D 474 -15.52 16.66 -30.18
C VAL D 474 -15.59 16.35 -28.68
N ALA D 475 -15.03 15.20 -28.27
CA ALA D 475 -15.03 14.80 -26.87
C ALA D 475 -14.12 15.75 -26.05
N LEU D 476 -12.93 16.03 -26.59
CA LEU D 476 -11.96 16.91 -25.95
C LEU D 476 -12.66 18.21 -25.56
N ALA D 477 -13.28 18.87 -26.55
CA ALA D 477 -14.00 20.11 -26.32
C ALA D 477 -15.06 19.95 -25.23
N VAL D 478 -15.95 18.98 -25.40
CA VAL D 478 -17.03 18.73 -24.43
C VAL D 478 -16.53 18.57 -23.01
N ILE D 479 -15.34 18.00 -22.90
CA ILE D 479 -14.73 17.77 -21.60
C ILE D 479 -14.16 19.06 -21.05
N LEU D 480 -13.32 19.73 -21.86
CA LEU D 480 -12.69 20.98 -21.44
C LEU D 480 -13.68 22.11 -21.10
N CYS D 481 -14.85 22.13 -21.72
CA CYS D 481 -15.81 23.19 -21.44
C CYS D 481 -16.79 22.85 -20.34
N ASN D 482 -16.63 21.68 -19.73
CA ASN D 482 -17.56 21.26 -18.69
C ASN D 482 -19.01 21.31 -19.16
N THR D 483 -19.21 20.93 -20.42
CA THR D 483 -20.53 20.87 -21.08
C THR D 483 -21.42 19.86 -20.36
N ARG D 484 -22.73 20.12 -20.33
CA ARG D 484 -23.64 19.20 -19.64
C ARG D 484 -24.41 18.27 -20.58
N HIS D 485 -24.70 18.74 -21.78
CA HIS D 485 -25.45 17.93 -22.72
C HIS D 485 -25.01 18.24 -24.12
N ILE D 486 -25.16 17.25 -25.00
CA ILE D 486 -24.77 17.37 -26.40
C ILE D 486 -25.91 17.44 -27.42
N SER D 487 -25.97 18.57 -28.12
CA SER D 487 -26.98 18.79 -29.16
C SER D 487 -26.38 18.27 -30.47
N ASP D 488 -27.19 18.24 -31.52
CA ASP D 488 -26.77 17.76 -32.83
C ASP D 488 -25.97 18.77 -33.63
N SER D 489 -26.18 20.04 -33.34
CA SER D 489 -25.48 21.12 -34.05
C SER D 489 -24.00 21.07 -33.72
N VAL D 490 -23.70 20.46 -32.59
CA VAL D 490 -22.32 20.32 -32.15
C VAL D 490 -21.61 19.54 -33.27
N PHE D 491 -22.29 18.53 -33.77
CA PHE D 491 -21.74 17.69 -34.82
C PHE D 491 -21.76 18.42 -36.15
N LEU D 492 -22.80 19.22 -36.36
CA LEU D 492 -22.89 19.98 -37.59
C LEU D 492 -21.63 20.85 -37.63
N GLU D 493 -21.33 21.48 -36.51
CA GLU D 493 -20.17 22.34 -36.40
C GLU D 493 -18.89 21.54 -36.58
N ALA D 494 -18.74 20.49 -35.79
CA ALA D 494 -17.57 19.63 -35.87
C ALA D 494 -17.37 19.14 -37.30
N ALA D 495 -18.48 18.92 -38.01
CA ALA D 495 -18.42 18.48 -39.40
C ALA D 495 -17.90 19.62 -40.25
N LYS D 496 -18.32 20.83 -39.90
CA LYS D 496 -17.89 22.04 -40.61
C LYS D 496 -16.43 22.33 -40.31
N ALA D 497 -16.01 22.03 -39.07
CA ALA D 497 -14.64 22.26 -38.62
C ALA D 497 -13.61 21.35 -39.26
N LEU D 498 -14.04 20.16 -39.70
CA LEU D 498 -13.17 19.17 -40.31
C LEU D 498 -12.89 19.42 -41.79
N THR D 499 -13.97 19.66 -42.53
CA THR D 499 -13.83 19.89 -43.96
C THR D 499 -13.10 21.20 -44.23
N SER D 500 -13.31 22.16 -43.32
CA SER D 500 -12.67 23.47 -43.41
C SER D 500 -11.15 23.40 -43.36
N GLN D 501 -10.60 22.23 -43.05
CA GLN D 501 -9.16 22.08 -42.97
C GLN D 501 -8.62 21.38 -44.20
N LEU D 502 -9.49 21.10 -45.14
CA LEU D 502 -9.08 20.41 -46.36
C LEU D 502 -8.48 21.40 -47.34
N THR D 503 -7.30 21.09 -47.85
CA THR D 503 -6.64 21.97 -48.79
C THR D 503 -6.90 21.48 -50.21
N ASP D 504 -7.19 22.43 -51.09
CA ASP D 504 -7.47 22.14 -52.48
C ASP D 504 -6.48 21.15 -53.06
N GLU D 505 -5.18 21.39 -52.85
CA GLU D 505 -4.18 20.48 -53.38
C GLU D 505 -4.44 19.05 -52.94
N GLU D 506 -4.93 18.90 -51.72
CA GLU D 506 -5.26 17.59 -51.17
C GLU D 506 -6.51 17.10 -51.92
N LEU D 507 -7.49 18.00 -52.02
CA LEU D 507 -8.71 17.70 -52.74
C LEU D 507 -8.32 17.22 -54.14
N ALA D 508 -7.28 17.86 -54.69
CA ALA D 508 -6.78 17.56 -56.03
C ALA D 508 -6.13 16.19 -56.17
N GLN D 509 -6.19 15.38 -55.12
CA GLN D 509 -5.62 14.02 -55.16
C GLN D 509 -6.81 13.06 -55.18
N GLY D 510 -7.95 13.55 -54.70
CA GLY D 510 -9.17 12.76 -54.64
C GLY D 510 -9.55 12.49 -53.18
N ARG D 511 -9.00 13.30 -52.29
CA ARG D 511 -9.27 13.14 -50.86
C ARG D 511 -10.18 14.24 -50.36
N LEU D 512 -11.37 13.83 -49.91
CA LEU D 512 -12.38 14.72 -49.37
C LEU D 512 -12.13 14.91 -47.89
N TYR D 513 -10.92 14.53 -47.46
CA TYR D 513 -10.53 14.62 -46.07
C TYR D 513 -9.04 14.94 -45.92
N PRO D 514 -8.66 15.65 -44.85
CA PRO D 514 -7.25 16.00 -44.61
C PRO D 514 -6.44 14.72 -44.37
N PRO D 515 -5.17 14.72 -44.80
CA PRO D 515 -4.33 13.53 -44.61
C PRO D 515 -4.48 12.88 -43.24
N LEU D 516 -4.27 11.58 -43.19
CA LEU D 516 -4.41 10.83 -41.94
C LEU D 516 -3.23 11.15 -41.03
N ALA D 517 -2.07 11.34 -41.65
CA ALA D 517 -0.85 11.65 -40.95
C ALA D 517 -0.98 12.84 -39.97
N ASN D 518 -1.95 13.73 -40.21
CA ASN D 518 -2.14 14.91 -39.36
C ASN D 518 -3.41 14.87 -38.52
N ILE D 519 -3.89 13.66 -38.24
CA ILE D 519 -5.11 13.48 -37.44
C ILE D 519 -5.00 14.15 -36.07
N GLN D 520 -3.77 14.39 -35.62
CA GLN D 520 -3.55 15.03 -34.34
C GLN D 520 -3.96 16.52 -34.34
N GLU D 521 -3.39 17.31 -35.24
CA GLU D 521 -3.76 18.73 -35.29
C GLU D 521 -5.21 18.92 -35.68
N VAL D 522 -5.61 18.19 -36.70
CA VAL D 522 -6.98 18.25 -37.19
C VAL D 522 -7.88 18.15 -35.98
N SER D 523 -7.69 17.11 -35.19
CA SER D 523 -8.51 16.88 -34.01
C SER D 523 -8.43 18.05 -33.07
N ILE D 524 -7.21 18.55 -32.85
CA ILE D 524 -7.07 19.68 -31.95
C ILE D 524 -7.83 20.86 -32.54
N ASN D 525 -7.64 21.08 -33.83
CA ASN D 525 -8.30 22.18 -34.50
C ASN D 525 -9.83 22.05 -34.38
N ILE D 526 -10.37 20.87 -34.65
CA ILE D 526 -11.82 20.66 -34.54
C ILE D 526 -12.22 21.00 -33.12
N ALA D 527 -11.46 20.49 -32.16
CA ALA D 527 -11.75 20.72 -30.75
C ALA D 527 -11.87 22.22 -30.45
N ILE D 528 -10.93 23.00 -30.95
CA ILE D 528 -10.95 24.44 -30.71
C ILE D 528 -12.25 25.04 -31.25
N LYS D 529 -12.57 24.69 -32.48
CA LYS D 529 -13.78 25.20 -33.12
C LYS D 529 -14.99 24.88 -32.26
N VAL D 530 -15.16 23.61 -31.91
CA VAL D 530 -16.30 23.19 -31.12
C VAL D 530 -16.42 23.90 -29.76
N THR D 531 -15.30 24.10 -29.07
CA THR D 531 -15.38 24.79 -27.78
C THR D 531 -15.81 26.25 -27.95
N GLU D 532 -15.35 26.89 -29.03
CA GLU D 532 -15.70 28.27 -29.30
C GLU D 532 -17.20 28.30 -29.47
N TYR D 533 -17.70 27.27 -30.15
CA TYR D 533 -19.12 27.11 -30.41
C TYR D 533 -19.91 26.98 -29.10
N LEU D 534 -19.49 26.02 -28.26
CA LEU D 534 -20.18 25.77 -26.98
C LEU D 534 -20.26 27.01 -26.11
N TYR D 535 -19.15 27.72 -26.03
CA TYR D 535 -19.08 28.94 -25.24
C TYR D 535 -20.01 29.99 -25.85
N ALA D 536 -19.92 30.14 -27.17
CA ALA D 536 -20.73 31.10 -27.90
C ALA D 536 -22.22 30.81 -27.80
N ASN D 537 -22.57 29.58 -27.43
CA ASN D 537 -23.97 29.19 -27.34
C ASN D 537 -24.50 28.91 -25.94
N LYS D 538 -23.71 29.26 -24.94
CA LYS D 538 -24.13 29.07 -23.55
C LYS D 538 -24.23 27.61 -23.15
N ALA D 540 -21.22 25.82 -22.52
CA ALA D 540 -19.98 25.60 -21.77
C ALA D 540 -20.11 26.13 -20.35
N PHE D 541 -19.69 25.34 -19.36
CA PHE D 541 -19.79 25.78 -17.98
C PHE D 541 -18.44 25.94 -17.30
N ARG D 542 -17.37 25.73 -18.04
CA ARG D 542 -16.04 25.90 -17.48
C ARG D 542 -15.96 27.39 -17.18
N TYR D 543 -15.41 27.75 -16.03
CA TYR D 543 -15.30 29.15 -15.63
C TYR D 543 -13.94 29.42 -14.99
N PRO D 544 -13.33 30.57 -15.31
CA PRO D 544 -13.85 31.58 -16.22
C PRO D 544 -13.63 31.16 -17.68
N GLU D 545 -14.20 31.94 -18.60
CA GLU D 545 -14.07 31.66 -20.03
C GLU D 545 -12.71 32.09 -20.55
N PRO D 546 -12.06 31.21 -21.32
CA PRO D 546 -10.76 31.64 -21.81
C PRO D 546 -10.91 32.76 -22.82
N GLU D 547 -9.87 33.59 -22.94
CA GLU D 547 -9.86 34.69 -23.89
C GLU D 547 -9.50 34.11 -25.25
N ASP D 548 -8.38 33.41 -25.29
CA ASP D 548 -7.89 32.77 -26.49
C ASP D 548 -8.20 31.27 -26.42
N LYS D 549 -9.31 30.86 -27.05
CA LYS D 549 -9.73 29.47 -27.03
C LYS D 549 -8.69 28.48 -27.56
N ALA D 550 -7.89 28.91 -28.53
CA ALA D 550 -6.87 28.06 -29.09
C ALA D 550 -5.76 27.73 -28.08
N LYS D 551 -5.19 28.78 -27.48
CA LYS D 551 -4.12 28.61 -26.49
C LYS D 551 -4.62 27.78 -25.32
N TYR D 552 -5.88 27.98 -24.99
CA TYR D 552 -6.54 27.28 -23.89
C TYR D 552 -6.54 25.77 -24.09
N VAL D 553 -6.80 25.36 -25.32
CA VAL D 553 -6.86 23.95 -25.69
C VAL D 553 -5.48 23.29 -25.84
N LYS D 554 -4.60 23.92 -26.61
CA LYS D 554 -3.27 23.38 -26.82
C LYS D 554 -2.58 23.26 -25.47
N GLU D 555 -2.96 24.15 -24.57
CA GLU D 555 -2.43 24.19 -23.23
C GLU D 555 -2.59 22.88 -22.49
N ARG D 556 -3.80 22.33 -22.53
CA ARG D 556 -4.14 21.13 -21.79
C ARG D 556 -4.06 19.75 -22.43
N THR D 557 -3.26 19.58 -23.46
CA THR D 557 -3.16 18.26 -24.06
C THR D 557 -2.11 17.39 -23.38
N TRP D 558 -2.44 16.11 -23.28
CA TRP D 558 -1.57 15.13 -22.66
C TRP D 558 -0.43 14.80 -23.61
N ARG D 559 0.81 14.78 -23.10
CA ARG D 559 1.99 14.48 -23.91
C ARG D 559 2.49 13.08 -23.61
N SER D 560 3.27 12.53 -24.53
CA SER D 560 3.81 11.21 -24.35
C SER D 560 5.22 11.24 -23.76
N GLU D 561 5.81 12.42 -23.65
CA GLU D 561 7.17 12.51 -23.08
C GLU D 561 7.12 12.20 -21.60
N TYR D 562 8.09 11.42 -21.14
CA TYR D 562 8.13 11.05 -19.74
C TYR D 562 8.14 12.28 -18.84
N ASP D 563 7.66 12.07 -17.62
CA ASP D 563 7.63 13.12 -16.60
C ASP D 563 8.57 12.71 -15.47
N SER D 564 9.19 13.71 -14.82
CA SER D 564 10.11 13.44 -13.72
C SER D 564 9.31 13.02 -12.52
N LEU D 565 9.71 11.92 -11.90
CA LEU D 565 9.01 11.41 -10.73
C LEU D 565 9.77 11.81 -9.47
N LEU D 566 10.82 12.60 -9.64
CA LEU D 566 11.64 13.07 -8.53
C LEU D 566 10.91 13.90 -7.50
N PRO D 567 11.15 13.60 -6.20
CA PRO D 567 10.53 14.33 -5.10
C PRO D 567 11.05 15.77 -5.08
N ASP D 568 10.20 16.68 -4.64
CA ASP D 568 10.55 18.09 -4.56
C ASP D 568 11.48 18.40 -3.39
N VAL D 569 12.79 18.35 -3.65
CA VAL D 569 13.76 18.60 -2.60
C VAL D 569 14.46 19.95 -2.76
N TYR D 570 14.40 20.76 -1.71
CA TYR D 570 14.99 22.10 -1.73
C TYR D 570 15.50 22.59 -0.37
N GLU D 571 16.57 23.38 -0.42
CA GLU D 571 17.21 23.97 0.76
C GLU D 571 16.48 25.21 1.29
N TRP D 572 16.39 25.30 2.62
CA TRP D 572 15.74 26.44 3.28
C TRP D 572 16.78 27.50 3.67
N PRO D 573 16.43 28.80 3.55
CA PRO D 573 17.38 29.86 3.91
C PRO D 573 17.86 29.74 5.37
#